data_7YO6
#
_entry.id   7YO6
#
_cell.length_a   79.594
_cell.length_b   181.920
_cell.length_c   241.960
_cell.angle_alpha   90.000
_cell.angle_beta   90.000
_cell.angle_gamma   90.000
#
_symmetry.space_group_name_H-M   'C 2 2 21'
#
loop_
_entity.id
_entity.type
_entity.pdbx_description
1 polymer Beta-D-xylosidase/beta-D-glucosidase
2 branched 2-acetamido-2-deoxy-beta-D-glucopyranose-(1-1)-alpha-D-mannopyranose-(3-4)-2-acetamido-2-deoxy-beta-D-glucopyranose-(1-4)-2-acetamido-2-deoxy-beta-D-glucopyranose
3 branched 2-acetamido-2-deoxy-beta-D-glucopyranose-(1-4)-2-acetamido-2-deoxy-beta-D-glucopyranose
4 branched 2-acetamido-2-deoxy-beta-D-glucopyranose-(1-3)-alpha-D-mannopyranose
5 non-polymer 2-acetamido-2-deoxy-beta-D-glucopyranose
6 non-polymer Deacetyltaxol
7 non-polymer beta-D-xylofuranose
8 non-polymer Xylitol
9 water water
#
_entity_poly.entity_id   1
_entity_poly.type   'polypeptide(L)'
_entity_poly.pdbx_seq_one_letter_code
;MFPARLSLAVLFSVSPALAYFSGLGLGSERSIFRRDLNSTGDESNSTQWPAPLANGGKSWASAFKKAKATVTEMTVEELA
NITSGVIGLCSGVTGAVTRLGIPEFCLQDGPIGPRGVHGSSQFPAGLTVAATWDRTLMYARARGMGQEFHDQGVHLALAP
VTGGPLGRTPLNGRGWEGTFADPYACGEASYLSVKGLTDAGVATVSKHWIAYEQETSRNLYIDIDGVSQADIQLPISSNV
DDLTMHELYMWSFAEAVRAGTNHIMCSYNRINNTHSCSNAKGLNQLLKTELNFQGGVVSDWGGQWDSVPAAENGLDVAMP
GKGFLGALGDFWGATLVELINNGTVSEDLVRDKAVRILTGYYYLGQDTNPPPPFVYNTIGAPTLNATSGYRNVRKPGTAE
LIKEIGSASVTLLKNTGSLPLKHPQRIAVLGNDATYNVLGPNACGLANSACDIDNLNGTLTTGGGSGSALSPYTITPLEA
LQKRAIEDNAEIAAVVANSNTTTGAEDAIAALLPDADVTFVFLNRYSEEGADAPDFSLGGDGDNLMDLAVTYSSNVVVVI
HTTGVVDIEKWADNPNVTAILVAYLPGQEAGNSLVPVLYGDVAPSGKLPWTWGKSIDDYVPNGVVYTDAYSPQSNFTEGV
FIDYRWFDKMGITPRYEFGFGLSYTTFTYSNLIVDHGRWAKDYSSVMETAEPFAEWDGTNSLYDVIFTVFATITNTGNLT
GSEVAQLYISIPGDNQPVRQLRGFDKIKDLPVGDSAVVTFPIRRKDVSSWSVVDQLWYVPNGDFLISVGGSSRDLPLNTT
WTP
;
_entity_poly.pdbx_strand_id   A,B
#
# COMPACT_ATOMS: atom_id res chain seq x y z
N GLN A 48 11.81 14.89 -15.77
CA GLN A 48 10.54 14.29 -15.25
C GLN A 48 9.62 15.34 -14.57
N TRP A 49 10.18 16.46 -14.06
CA TRP A 49 9.40 17.47 -13.28
C TRP A 49 9.57 18.91 -13.74
N PRO A 50 8.55 19.42 -14.44
CA PRO A 50 8.62 20.77 -14.99
C PRO A 50 8.40 21.82 -13.91
N ALA A 51 8.92 23.04 -14.15
CA ALA A 51 8.88 24.13 -13.17
C ALA A 51 7.50 24.86 -13.11
N PRO A 52 6.70 24.64 -12.02
CA PRO A 52 5.36 25.25 -11.96
C PRO A 52 5.39 26.74 -11.74
N LEU A 53 4.46 27.45 -12.35
CA LEU A 53 4.44 28.90 -12.29
C LEU A 53 3.83 29.40 -11.00
N ALA A 54 4.39 30.50 -10.49
CA ALA A 54 3.81 31.19 -9.35
C ALA A 54 2.43 31.70 -9.72
N ASN A 55 1.54 31.63 -8.74
CA ASN A 55 0.19 32.23 -8.81
C ASN A 55 -0.16 33.15 -7.63
N GLY A 56 0.70 33.21 -6.61
CA GLY A 56 0.51 34.03 -5.41
C GLY A 56 -0.17 33.35 -4.24
N GLY A 57 -0.63 32.11 -4.44
CA GLY A 57 -1.38 31.36 -3.42
C GLY A 57 -2.41 32.14 -2.60
N LYS A 58 -2.45 31.92 -1.29
CA LYS A 58 -3.51 32.45 -0.44
C LYS A 58 -3.39 33.94 -0.15
N SER A 59 -2.41 34.31 0.66
CA SER A 59 -2.30 35.68 1.17
C SER A 59 -1.55 36.61 0.23
N TRP A 60 -0.82 36.07 -0.73
CA TRP A 60 0.07 36.91 -1.54
C TRP A 60 -0.52 37.27 -2.90
N ALA A 61 -1.81 36.95 -3.08
CA ALA A 61 -2.47 37.08 -4.39
C ALA A 61 -2.32 38.47 -4.96
N SER A 62 -2.51 39.52 -4.15
CA SER A 62 -2.39 40.87 -4.68
C SER A 62 -0.94 41.27 -4.90
N ALA A 63 -0.02 40.67 -4.13
CA ALA A 63 1.39 41.03 -4.25
C ALA A 63 1.92 40.45 -5.56
N PHE A 64 1.59 39.16 -5.77
CA PHE A 64 1.77 38.47 -7.06
C PHE A 64 1.36 39.26 -8.30
N LYS A 65 0.23 39.94 -8.22
CA LYS A 65 -0.29 40.68 -9.36
C LYS A 65 0.62 41.89 -9.65
N LYS A 66 0.96 42.66 -8.61
CA LYS A 66 1.93 43.76 -8.73
C LYS A 66 3.30 43.27 -9.19
N ALA A 67 3.76 42.17 -8.59
CA ALA A 67 4.94 41.46 -9.03
C ALA A 67 4.90 41.10 -10.52
N LYS A 68 3.82 40.48 -10.98
CA LYS A 68 3.70 40.14 -12.40
C LYS A 68 3.69 41.38 -13.32
N ALA A 69 2.96 42.41 -12.93
CA ALA A 69 2.97 43.69 -13.65
C ALA A 69 4.38 44.17 -13.93
N THR A 70 5.15 44.26 -12.86
CA THR A 70 6.51 44.79 -12.89
C THR A 70 7.46 43.92 -13.73
N VAL A 71 7.38 42.61 -13.56
CA VAL A 71 8.21 41.69 -14.28
C VAL A 71 7.87 41.71 -15.78
N THR A 72 6.60 41.83 -16.15
CA THR A 72 6.22 41.87 -17.57
C THR A 72 6.88 43.08 -18.29
N GLU A 73 7.13 44.19 -17.58
CA GLU A 73 7.88 45.35 -18.12
C GLU A 73 9.40 45.16 -18.25
N MET A 74 9.96 44.12 -17.62
CA MET A 74 11.42 44.02 -17.48
C MET A 74 12.10 43.52 -18.75
N THR A 75 13.25 44.08 -19.08
CA THR A 75 14.07 43.55 -20.16
C THR A 75 14.85 42.33 -19.66
N VAL A 76 15.54 41.63 -20.55
CA VAL A 76 16.35 40.47 -20.17
C VAL A 76 17.57 40.84 -19.31
N GLU A 77 18.17 41.98 -19.63
CA GLU A 77 19.32 42.52 -18.90
C GLU A 77 18.88 42.83 -17.45
N GLU A 78 17.64 43.31 -17.28
CA GLU A 78 17.06 43.55 -15.95
C GLU A 78 16.64 42.27 -15.21
N LEU A 79 16.15 41.25 -15.90
CA LEU A 79 15.79 39.98 -15.23
C LEU A 79 17.03 39.32 -14.63
N ALA A 80 18.10 39.20 -15.41
CA ALA A 80 19.38 38.68 -14.90
C ALA A 80 20.02 39.50 -13.72
N ASN A 81 19.64 40.78 -13.61
CA ASN A 81 20.07 41.69 -12.53
C ASN A 81 19.44 41.37 -11.19
N ILE A 82 18.12 41.26 -11.19
CA ILE A 82 17.35 41.10 -9.94
C ILE A 82 17.60 39.73 -9.36
N THR A 83 18.10 38.84 -10.20
CA THR A 83 18.07 37.43 -9.94
C THR A 83 19.50 36.84 -9.65
N SER A 84 20.53 37.71 -9.60
CA SER A 84 21.88 37.35 -9.15
C SER A 84 22.45 38.46 -8.24
N GLY A 85 23.29 38.05 -7.27
CA GLY A 85 23.82 38.97 -6.26
C GLY A 85 24.87 39.95 -6.76
N VAL A 86 24.85 41.16 -6.21
CA VAL A 86 25.83 42.18 -6.53
C VAL A 86 26.58 42.62 -5.25
N ILE A 87 27.53 43.56 -5.38
CA ILE A 87 28.38 43.97 -4.27
C ILE A 87 27.64 44.98 -3.44
N GLY A 88 27.63 44.74 -2.13
CA GLY A 88 27.09 45.68 -1.17
C GLY A 88 27.47 45.33 0.25
N LEU A 89 26.93 46.08 1.19
CA LEU A 89 27.24 45.94 2.60
C LEU A 89 26.60 44.76 3.33
N CYS A 90 25.61 44.13 2.70
CA CYS A 90 24.87 43.05 3.29
C CYS A 90 25.34 41.69 2.78
N SER A 91 24.98 40.63 3.48
CA SER A 91 25.49 39.33 3.14
C SER A 91 25.27 38.99 1.64
N GLY A 92 24.06 39.32 1.17
CA GLY A 92 23.69 39.19 -0.23
C GLY A 92 23.01 40.47 -0.63
N VAL A 93 23.06 40.78 -1.91
CA VAL A 93 22.37 41.94 -2.44
C VAL A 93 21.92 41.60 -3.84
N THR A 94 20.62 41.62 -4.10
CA THR A 94 20.10 41.52 -5.50
C THR A 94 20.36 42.89 -6.19
N GLY A 95 20.66 42.85 -7.49
CA GLY A 95 20.81 44.06 -8.29
C GLY A 95 19.47 44.77 -8.38
N ALA A 96 19.52 46.07 -8.63
CA ALA A 96 18.31 46.90 -8.77
C ALA A 96 17.72 46.73 -10.17
N VAL A 97 16.50 47.24 -10.32
CA VAL A 97 15.89 47.45 -11.62
C VAL A 97 15.54 48.93 -11.59
N THR A 98 16.54 49.74 -11.90
CA THR A 98 16.50 51.16 -11.53
C THR A 98 15.49 51.93 -12.39
N ARG A 99 15.24 51.50 -13.62
CA ARG A 99 14.25 52.13 -14.52
C ARG A 99 12.81 51.96 -14.01
N LEU A 100 12.49 50.75 -13.53
CA LEU A 100 11.22 50.49 -12.84
C LEU A 100 11.16 50.90 -11.35
N GLY A 101 12.16 51.60 -10.84
CA GLY A 101 12.18 52.09 -9.45
C GLY A 101 12.38 51.04 -8.34
N ILE A 102 12.83 49.82 -8.68
CA ILE A 102 13.03 48.75 -7.71
C ILE A 102 14.47 48.84 -7.21
N PRO A 103 14.67 48.97 -5.89
CA PRO A 103 16.03 49.11 -5.38
C PRO A 103 16.73 47.77 -5.19
N GLU A 104 18.00 47.85 -4.80
CA GLU A 104 18.71 46.68 -4.31
C GLU A 104 18.01 46.13 -3.02
N PHE A 105 17.85 44.81 -2.95
CA PHE A 105 17.51 44.11 -1.67
C PHE A 105 18.73 43.66 -0.85
N CYS A 106 18.90 44.25 0.32
CA CYS A 106 19.72 43.68 1.39
C CYS A 106 19.25 42.29 1.92
N LEU A 107 20.02 41.25 1.62
CA LEU A 107 19.80 39.91 2.16
C LEU A 107 20.82 39.76 3.28
N GLN A 108 20.36 39.61 4.53
CA GLN A 108 21.25 39.64 5.72
C GLN A 108 21.16 38.45 6.70
N ASP A 109 22.32 37.93 7.11
CA ASP A 109 22.39 36.94 8.18
C ASP A 109 21.92 37.62 9.48
N GLY A 110 21.35 36.89 10.45
CA GLY A 110 21.16 35.43 10.42
C GLY A 110 20.11 35.02 11.44
N PRO A 111 20.06 33.72 11.83
CA PRO A 111 18.95 33.24 12.69
C PRO A 111 18.92 33.64 14.17
N ILE A 112 19.90 34.38 14.66
CA ILE A 112 19.72 35.10 15.94
C ILE A 112 19.54 36.61 15.82
N GLY A 113 19.46 37.10 14.60
CA GLY A 113 19.25 38.51 14.36
C GLY A 113 20.33 39.00 13.41
N PRO A 114 20.16 40.22 12.88
CA PRO A 114 21.11 40.79 11.92
C PRO A 114 22.55 40.65 12.40
N ARG A 115 23.37 39.97 11.61
CA ARG A 115 24.75 39.69 11.95
C ARG A 115 25.60 40.82 11.44
N GLY A 116 26.68 41.10 12.15
CA GLY A 116 27.71 42.03 11.72
C GLY A 116 27.42 43.49 11.95
N VAL A 117 26.41 43.78 12.77
CA VAL A 117 26.01 45.18 13.02
C VAL A 117 26.20 45.63 14.46
N HIS A 118 26.52 46.90 14.63
CA HIS A 118 26.41 47.54 15.94
C HIS A 118 25.01 48.09 16.11
N GLY A 119 24.68 48.45 17.33
CA GLY A 119 23.39 48.98 17.68
C GLY A 119 22.29 47.98 17.83
N SER A 120 22.61 46.70 17.93
CA SER A 120 21.58 45.64 18.05
C SER A 120 21.82 44.78 19.25
N SER A 121 20.89 43.87 19.51
CA SER A 121 20.93 43.01 20.67
C SER A 121 21.35 41.59 20.24
N GLN A 122 22.02 40.85 21.12
CA GLN A 122 22.34 39.45 20.85
C GLN A 122 21.28 38.59 21.49
N PHE A 123 20.39 38.08 20.64
CA PHE A 123 19.31 37.21 21.05
C PHE A 123 19.82 35.82 21.27
N PRO A 124 19.15 35.05 22.13
CA PRO A 124 19.59 33.68 22.37
C PRO A 124 19.29 32.88 21.12
N ALA A 125 19.96 31.73 21.01
CA ALA A 125 19.89 30.94 19.80
C ALA A 125 18.59 30.11 19.70
N GLY A 126 18.31 29.65 18.49
CA GLY A 126 17.18 28.75 18.25
C GLY A 126 17.09 27.58 19.22
N LEU A 127 18.23 26.94 19.43
CA LEU A 127 18.36 25.85 20.43
C LEU A 127 17.82 26.25 21.82
N THR A 128 18.07 27.51 22.19
CA THR A 128 17.80 28.01 23.52
C THR A 128 16.33 28.24 23.63
N VAL A 129 15.73 28.84 22.60
CA VAL A 129 14.28 29.10 22.63
C VAL A 129 13.46 27.83 22.53
N ALA A 130 13.97 26.85 21.80
CA ALA A 130 13.32 25.55 21.70
C ALA A 130 13.27 24.99 23.12
N ALA A 131 14.36 25.12 23.88
CA ALA A 131 14.40 24.54 25.23
C ALA A 131 13.41 25.14 26.18
N THR A 132 12.83 26.30 25.84
CA THR A 132 11.74 26.89 26.65
C THR A 132 10.42 26.17 26.46
N TRP A 133 10.21 25.59 25.28
CA TRP A 133 8.98 24.84 24.94
C TRP A 133 7.75 25.76 25.10
N ASP A 134 7.95 27.05 24.87
CA ASP A 134 6.95 28.09 25.12
C ASP A 134 6.72 28.83 23.81
N ARG A 135 5.58 28.55 23.17
CA ARG A 135 5.20 29.15 21.89
C ARG A 135 5.18 30.69 21.88
N THR A 136 4.82 31.29 22.99
CA THR A 136 4.79 32.74 23.13
C THR A 136 6.18 33.35 23.01
N LEU A 137 7.18 32.70 23.60
CA LEU A 137 8.57 33.19 23.53
C LEU A 137 9.20 32.90 22.17
N MET A 138 8.84 31.75 21.56
CA MET A 138 9.25 31.44 20.20
C MET A 138 8.80 32.55 19.26
N TYR A 139 7.55 33.00 19.40
CA TYR A 139 7.02 34.10 18.55
C TYR A 139 7.77 35.42 18.81
N ALA A 140 7.77 35.85 20.08
CA ALA A 140 8.28 37.16 20.51
C ALA A 140 9.74 37.32 20.21
N ARG A 141 10.50 36.24 20.44
CA ARG A 141 11.91 36.19 20.05
C ARG A 141 12.04 36.67 18.61
N ALA A 142 11.37 35.94 17.72
CA ALA A 142 11.38 36.23 16.27
C ALA A 142 10.85 37.60 15.88
N ARG A 143 9.81 38.06 16.55
CA ARG A 143 9.31 39.39 16.25
C ARG A 143 10.33 40.49 16.66
N GLY A 144 11.03 40.27 17.78
CA GLY A 144 12.02 41.22 18.29
C GLY A 144 13.23 41.24 17.37
N MET A 145 13.66 40.06 16.93
CA MET A 145 14.65 39.95 15.83
C MET A 145 14.21 40.71 14.57
N GLY A 146 12.95 40.51 14.16
CA GLY A 146 12.41 41.15 12.99
C GLY A 146 12.43 42.65 13.07
N GLN A 147 12.16 43.18 14.26
CA GLN A 147 12.12 44.62 14.45
C GLN A 147 13.49 45.19 14.16
N GLU A 148 14.51 44.52 14.71
CA GLU A 148 15.89 44.98 14.58
C GLU A 148 16.43 44.82 13.13
N PHE A 149 16.17 43.64 12.55
CA PHE A 149 16.37 43.41 11.10
C PHE A 149 15.82 44.58 10.27
N HIS A 150 14.51 44.83 10.41
CA HIS A 150 13.84 45.92 9.73
C HIS A 150 14.53 47.22 9.96
N ASP A 151 14.78 47.56 11.22
CA ASP A 151 15.30 48.89 11.60
C ASP A 151 16.74 49.09 11.15
N GLN A 152 17.47 48.00 10.96
CA GLN A 152 18.79 48.07 10.35
C GLN A 152 18.76 48.14 8.80
N GLY A 153 17.58 47.99 8.18
CA GLY A 153 17.44 48.16 6.73
C GLY A 153 17.50 46.87 5.91
N VAL A 154 17.29 45.73 6.55
CA VAL A 154 17.29 44.44 5.88
C VAL A 154 15.90 44.19 5.27
N HIS A 155 15.90 43.87 3.96
CA HIS A 155 14.72 43.45 3.21
C HIS A 155 14.39 41.97 3.46
N LEU A 156 15.42 41.10 3.46
CA LEU A 156 15.29 39.64 3.55
C LEU A 156 16.23 39.14 4.61
N ALA A 157 15.67 38.45 5.59
CA ALA A 157 16.42 37.89 6.67
C ALA A 157 16.84 36.43 6.29
N LEU A 158 18.11 36.10 6.41
CA LEU A 158 18.55 34.74 6.16
C LEU A 158 18.26 33.89 7.38
N ALA A 159 16.96 33.63 7.57
CA ALA A 159 16.44 33.00 8.77
C ALA A 159 14.95 32.72 8.61
N PRO A 160 14.41 31.82 9.42
CA PRO A 160 15.13 31.03 10.43
C PRO A 160 15.74 29.77 9.83
N VAL A 161 16.31 28.94 10.70
CA VAL A 161 16.73 27.65 10.30
C VAL A 161 15.54 26.83 10.66
N THR A 162 14.92 26.19 9.68
CA THR A 162 13.68 25.51 9.87
C THR A 162 13.74 24.07 9.39
N GLY A 163 14.61 23.27 9.96
CA GLY A 163 14.66 21.84 9.67
C GLY A 163 15.90 21.34 8.92
N GLY A 164 16.87 22.22 8.63
CA GLY A 164 18.15 21.78 8.00
C GLY A 164 19.37 22.57 8.44
N PRO A 165 20.24 22.03 9.33
CA PRO A 165 20.11 20.69 9.97
C PRO A 165 18.92 20.53 10.93
N LEU A 166 18.32 19.34 10.96
CA LEU A 166 17.22 19.06 11.85
C LEU A 166 17.76 18.43 13.12
N GLY A 167 18.68 17.47 12.97
CA GLY A 167 19.21 16.72 14.16
C GLY A 167 19.75 15.28 14.01
N ARG A 168 20.11 14.86 12.80
CA ARG A 168 20.61 13.49 12.54
C ARG A 168 21.91 13.12 13.32
N THR A 169 22.82 14.08 13.49
CA THR A 169 23.98 13.98 14.41
C THR A 169 23.86 14.96 15.59
N PRO A 170 24.20 14.51 16.79
CA PRO A 170 24.43 15.45 17.88
C PRO A 170 25.76 16.23 17.76
N LEU A 171 26.71 15.79 16.93
CA LEU A 171 27.96 16.49 16.68
C LEU A 171 27.85 17.59 15.61
N ASN A 172 26.65 17.84 15.07
CA ASN A 172 26.56 18.80 13.99
C ASN A 172 27.06 20.16 14.46
N GLY A 173 28.10 20.69 13.82
CA GLY A 173 28.67 21.98 14.25
C GLY A 173 27.76 23.20 14.30
N ARG A 174 26.78 23.27 13.42
CA ARG A 174 25.80 24.33 13.50
C ARG A 174 24.40 23.88 13.97
N GLY A 175 24.28 22.69 14.56
CA GLY A 175 22.96 22.20 15.00
C GLY A 175 22.19 23.19 15.88
N TRP A 176 22.91 23.83 16.76
CA TRP A 176 22.37 24.89 17.63
C TRP A 176 21.54 26.02 16.96
N GLU A 177 21.67 26.21 15.64
CA GLU A 177 20.96 27.29 14.92
C GLU A 177 19.49 26.98 14.75
N GLY A 178 19.14 25.69 14.64
CA GLY A 178 17.73 25.26 14.65
C GLY A 178 17.12 25.20 16.06
N THR A 179 16.17 24.29 16.25
CA THR A 179 15.39 24.26 17.44
C THR A 179 15.41 22.85 17.96
N PHE A 180 14.40 22.04 17.74
CA PHE A 180 14.37 20.67 18.33
C PHE A 180 14.84 19.64 17.32
N ALA A 181 15.41 18.54 17.82
CA ALA A 181 15.73 17.35 17.01
C ALA A 181 14.50 16.49 16.79
N ASP A 182 13.43 17.10 16.28
CA ASP A 182 12.14 16.45 16.19
C ASP A 182 11.27 17.15 15.21
N PRO A 183 10.65 16.41 14.26
CA PRO A 183 9.94 17.09 13.15
C PRO A 183 8.80 17.99 13.63
N TYR A 184 8.00 17.48 14.57
CA TYR A 184 6.79 18.20 15.01
C TYR A 184 7.14 19.49 15.73
N ALA A 185 8.02 19.38 16.73
CA ALA A 185 8.44 20.51 17.58
C ALA A 185 9.19 21.57 16.79
N CYS A 186 10.17 21.13 15.98
CA CYS A 186 10.84 21.99 15.00
C CYS A 186 9.80 22.65 14.13
N GLY A 187 8.84 21.86 13.63
CA GLY A 187 7.77 22.37 12.76
C GLY A 187 7.10 23.59 13.38
N GLU A 188 6.68 23.44 14.63
CA GLU A 188 5.98 24.50 15.35
C GLU A 188 6.86 25.71 15.61
N ALA A 189 8.09 25.47 16.04
CA ALA A 189 9.01 26.57 16.29
C ALA A 189 9.32 27.30 15.00
N SER A 190 9.39 26.55 13.90
CA SER A 190 9.62 27.12 12.59
C SER A 190 8.48 28.05 12.14
N TYR A 191 7.25 27.61 12.39
CA TYR A 191 6.03 28.35 12.04
C TYR A 191 6.04 29.70 12.77
N LEU A 192 6.30 29.64 14.07
CA LEU A 192 6.29 30.84 14.92
C LEU A 192 7.45 31.80 14.60
N SER A 193 8.65 31.24 14.32
CA SER A 193 9.82 32.04 13.96
C SER A 193 9.60 32.81 12.64
N VAL A 194 9.01 32.13 11.65
CA VAL A 194 8.72 32.77 10.37
C VAL A 194 7.74 33.89 10.54
N LYS A 195 6.68 33.56 11.28
CA LYS A 195 5.55 34.45 11.48
C LYS A 195 6.02 35.65 12.20
N GLY A 196 6.82 35.43 13.24
CA GLY A 196 7.46 36.54 13.99
C GLY A 196 8.22 37.52 13.11
N LEU A 197 9.09 37.01 12.24
CA LEU A 197 9.86 37.87 11.33
C LEU A 197 9.00 38.52 10.27
N THR A 198 8.07 37.80 9.66
CA THR A 198 7.24 38.45 8.65
C THR A 198 6.31 39.49 9.24
N ASP A 199 5.83 39.32 10.47
CA ASP A 199 4.95 40.33 11.08
C ASP A 199 5.65 41.66 11.37
N ALA A 200 6.97 41.65 11.54
CA ALA A 200 7.78 42.87 11.33
C ALA A 200 7.91 43.05 9.82
N GLY A 201 8.58 44.07 9.36
CA GLY A 201 8.68 44.21 7.89
C GLY A 201 9.57 43.24 7.06
N VAL A 202 10.11 42.15 7.63
CA VAL A 202 11.15 41.39 6.92
C VAL A 202 10.73 40.08 6.27
N ALA A 203 11.15 39.92 5.02
CA ALA A 203 11.00 38.69 4.31
C ALA A 203 11.95 37.63 4.89
N THR A 204 11.52 36.38 4.92
CA THR A 204 12.26 35.33 5.54
C THR A 204 12.82 34.44 4.44
N VAL A 205 14.03 33.91 4.66
CA VAL A 205 14.65 32.97 3.75
C VAL A 205 14.93 31.77 4.62
N SER A 206 13.95 30.89 4.71
CA SER A 206 14.00 29.78 5.67
C SER A 206 15.04 28.78 5.20
N LYS A 207 15.86 28.25 6.09
CA LYS A 207 16.97 27.43 5.65
C LYS A 207 17.21 26.18 6.49
N HIS A 208 17.91 25.17 5.96
CA HIS A 208 18.44 25.04 4.60
C HIS A 208 17.75 23.79 3.96
N TRP A 209 17.10 23.96 2.81
CA TRP A 209 16.38 22.86 2.11
C TRP A 209 17.40 21.99 1.31
N ILE A 210 17.62 20.70 1.61
CA ILE A 210 16.93 19.91 2.64
C ILE A 210 17.87 18.74 2.91
N ALA A 211 17.69 18.00 4.01
CA ALA A 211 18.67 16.93 4.41
C ALA A 211 20.14 17.40 4.54
N TYR A 212 20.29 18.65 4.96
CA TYR A 212 21.57 19.25 5.22
C TYR A 212 21.94 18.87 6.67
N GLU A 213 22.50 17.66 6.87
CA GLU A 213 22.73 17.07 8.20
C GLU A 213 24.20 16.83 8.57
N GLN A 214 25.13 17.39 7.80
CA GLN A 214 26.52 17.47 8.28
C GLN A 214 27.31 18.56 7.61
N GLU A 215 28.20 19.15 8.41
CA GLU A 215 29.03 20.24 7.94
C GLU A 215 30.26 19.70 7.26
N THR A 216 30.74 18.55 7.74
CA THR A 216 31.87 17.85 7.15
C THR A 216 31.54 17.47 5.67
N SER A 217 32.43 17.86 4.75
CA SER A 217 32.22 17.73 3.28
C SER A 217 31.01 18.45 2.72
N ARG A 218 30.52 19.46 3.42
CA ARG A 218 29.41 20.22 2.87
C ARG A 218 29.90 20.83 1.53
N ASN A 219 31.18 21.17 1.48
CA ASN A 219 31.87 21.51 0.24
C ASN A 219 31.15 22.59 -0.63
N LEU A 220 30.96 23.77 -0.09
CA LEU A 220 30.42 24.85 -0.89
C LEU A 220 31.28 25.06 -2.13
N TYR A 221 30.64 25.37 -3.26
CA TYR A 221 31.40 25.78 -4.43
C TYR A 221 32.26 27.00 -4.07
N ILE A 222 33.57 26.85 -4.25
CA ILE A 222 34.52 27.96 -4.15
C ILE A 222 35.70 27.72 -5.14
N ASP A 223 36.17 28.80 -5.75
CA ASP A 223 37.31 28.79 -6.66
C ASP A 223 38.08 30.04 -6.36
N ILE A 224 39.15 29.87 -5.57
CA ILE A 224 39.90 30.96 -4.99
C ILE A 224 41.39 30.59 -5.01
N ASP A 225 42.18 31.46 -5.66
CA ASP A 225 43.62 31.26 -5.85
C ASP A 225 43.97 29.95 -6.61
N GLY A 226 43.10 29.58 -7.56
CA GLY A 226 43.35 28.47 -8.48
C GLY A 226 43.02 27.05 -8.03
N VAL A 227 42.68 26.86 -6.76
CA VAL A 227 42.10 25.59 -6.31
C VAL A 227 40.59 25.75 -6.17
N SER A 228 39.89 24.85 -6.86
CA SER A 228 38.46 24.83 -6.94
C SER A 228 37.97 23.60 -6.16
N GLN A 229 36.92 23.78 -5.36
CA GLN A 229 36.32 22.68 -4.62
C GLN A 229 35.79 21.60 -5.56
N ALA A 230 35.36 21.97 -6.79
CA ALA A 230 34.97 20.95 -7.82
C ALA A 230 36.10 19.95 -8.17
N ASP A 231 37.35 20.44 -8.03
CA ASP A 231 38.53 19.65 -8.27
C ASP A 231 38.93 18.75 -7.10
N ILE A 232 38.53 19.10 -5.86
CA ILE A 232 38.90 18.28 -4.68
C ILE A 232 37.86 17.24 -4.27
N GLN A 233 36.61 17.67 -4.10
CA GLN A 233 35.54 16.79 -3.57
C GLN A 233 34.14 17.31 -3.79
N LEU A 234 33.23 16.44 -4.19
CA LEU A 234 31.82 16.82 -4.37
C LEU A 234 31.13 16.90 -3.02
N PRO A 235 30.08 17.73 -2.90
CA PRO A 235 29.42 17.77 -1.61
C PRO A 235 28.86 16.44 -1.22
N ILE A 236 28.86 16.19 0.07
CA ILE A 236 28.19 15.02 0.66
C ILE A 236 26.77 14.81 0.05
N SER A 237 26.52 13.59 -0.39
CA SER A 237 25.25 13.25 -1.00
C SER A 237 24.39 12.67 0.13
N SER A 238 23.31 13.37 0.46
CA SER A 238 22.31 12.84 1.39
C SER A 238 21.38 11.94 0.58
N ASN A 239 21.36 10.64 0.88
CA ASN A 239 20.56 9.68 0.12
C ASN A 239 19.37 9.21 0.94
N VAL A 240 18.21 9.74 0.55
CA VAL A 240 17.09 9.82 1.44
C VAL A 240 15.91 9.21 0.74
N ASP A 241 15.35 8.16 1.33
CA ASP A 241 14.18 7.54 0.74
C ASP A 241 12.96 8.48 0.84
N ASP A 242 11.91 8.16 0.12
CA ASP A 242 10.72 9.02 -0.05
C ASP A 242 9.90 9.17 1.22
N LEU A 243 9.82 8.11 2.05
CA LEU A 243 9.09 8.17 3.32
C LEU A 243 9.80 9.08 4.30
N THR A 244 11.07 8.81 4.47
CA THR A 244 11.92 9.60 5.36
C THR A 244 11.92 11.08 4.99
N MET A 245 11.95 11.38 3.69
CA MET A 245 11.96 12.76 3.23
C MET A 245 10.67 13.46 3.62
N HIS A 246 9.56 12.76 3.53
CA HIS A 246 8.23 13.35 3.76
C HIS A 246 7.92 13.39 5.24
N GLU A 247 8.13 12.28 5.94
CA GLU A 247 7.80 12.21 7.35
C GLU A 247 8.81 12.93 8.30
N LEU A 248 10.09 12.98 7.92
CA LEU A 248 11.13 13.58 8.75
C LEU A 248 11.57 14.96 8.28
N TYR A 249 12.24 15.04 7.14
CA TYR A 249 12.88 16.32 6.69
C TYR A 249 11.92 17.41 6.14
N MET A 250 10.88 17.03 5.38
CA MET A 250 9.91 18.01 4.80
C MET A 250 8.93 18.62 5.82
N TRP A 251 8.72 17.97 6.96
CA TRP A 251 7.69 18.39 7.90
C TRP A 251 7.84 19.84 8.33
N SER A 252 9.04 20.26 8.76
CA SER A 252 9.21 21.60 9.33
C SER A 252 9.23 22.63 8.22
N PHE A 253 9.61 22.23 7.03
CA PHE A 253 9.52 23.15 5.87
C PHE A 253 8.08 23.41 5.42
N ALA A 254 7.21 22.40 5.53
CA ALA A 254 5.78 22.59 5.27
C ALA A 254 5.19 23.67 6.19
N GLU A 255 5.51 23.53 7.48
CA GLU A 255 5.17 24.56 8.47
C GLU A 255 5.72 25.94 8.11
N ALA A 256 7.00 26.02 7.77
CA ALA A 256 7.55 27.30 7.32
C ALA A 256 6.79 27.87 6.10
N VAL A 257 6.47 26.98 5.16
CA VAL A 257 5.70 27.35 3.97
C VAL A 257 4.29 27.82 4.36
N ARG A 258 3.58 27.05 5.21
CA ARG A 258 2.24 27.45 5.75
C ARG A 258 2.24 28.83 6.44
N ALA A 259 3.31 29.14 7.17
CA ALA A 259 3.44 30.40 7.88
C ALA A 259 3.80 31.58 6.98
N GLY A 260 4.17 31.29 5.74
CA GLY A 260 4.35 32.29 4.73
C GLY A 260 5.79 32.72 4.56
N THR A 261 6.74 31.79 4.68
CA THR A 261 8.11 32.14 4.22
C THR A 261 8.03 32.71 2.85
N ASN A 262 8.72 33.82 2.67
CA ASN A 262 8.78 34.50 1.40
C ASN A 262 9.75 33.78 0.49
N HIS A 263 10.79 33.17 1.05
CA HIS A 263 11.80 32.48 0.26
C HIS A 263 12.34 31.27 1.01
N ILE A 264 13.19 30.49 0.34
CA ILE A 264 13.84 29.33 0.92
C ILE A 264 15.25 29.17 0.37
N MET A 265 16.20 28.92 1.26
CA MET A 265 17.57 28.75 0.84
C MET A 265 17.72 27.28 0.51
N CYS A 266 18.37 26.98 -0.61
CA CYS A 266 18.68 25.58 -0.97
C CYS A 266 20.04 25.30 -0.47
N SER A 267 20.24 24.07 -0.01
CA SER A 267 21.42 23.73 0.79
C SER A 267 22.71 23.43 -0.01
N TYR A 268 23.82 23.34 0.72
CA TYR A 268 25.10 22.90 0.19
C TYR A 268 25.16 21.43 -0.22
N ASN A 269 24.49 20.55 0.53
CA ASN A 269 24.62 19.12 0.25
C ASN A 269 24.03 18.75 -1.12
N ARG A 270 24.49 17.63 -1.66
CA ARG A 270 23.70 17.02 -2.76
C ARG A 270 22.69 16.01 -2.16
N ILE A 271 21.61 15.79 -2.90
CA ILE A 271 20.59 14.82 -2.53
C ILE A 271 20.55 13.85 -3.69
N ASN A 272 20.68 12.54 -3.40
CA ASN A 272 20.79 11.48 -4.43
C ASN A 272 21.80 11.88 -5.56
N ASN A 273 23.04 12.17 -5.15
CA ASN A 273 24.11 12.72 -6.00
C ASN A 273 23.74 13.85 -7.02
N THR A 274 22.75 14.67 -6.64
CA THR A 274 22.38 15.90 -7.35
C THR A 274 22.37 17.08 -6.37
N HIS A 275 23.06 18.16 -6.75
CA HIS A 275 23.12 19.38 -5.95
C HIS A 275 21.71 19.83 -5.56
N SER A 276 21.47 20.08 -4.27
CA SER A 276 20.16 20.56 -3.79
C SER A 276 19.61 21.75 -4.56
N CYS A 277 20.50 22.68 -4.90
CA CYS A 277 20.14 23.89 -5.65
C CYS A 277 19.95 23.71 -7.15
N SER A 278 20.13 22.48 -7.64
CA SER A 278 19.72 22.15 -9.00
C SER A 278 19.05 20.78 -9.04
N ASN A 279 18.25 20.48 -8.02
CA ASN A 279 17.56 19.20 -7.87
C ASN A 279 16.10 19.45 -8.23
N ALA A 280 15.69 18.92 -9.38
CA ALA A 280 14.34 19.09 -9.86
C ALA A 280 13.31 18.42 -8.93
N LYS A 281 13.59 17.21 -8.49
CA LYS A 281 12.70 16.50 -7.58
C LYS A 281 12.55 17.28 -6.26
N GLY A 282 13.67 17.83 -5.78
CA GLY A 282 13.68 18.66 -4.61
C GLY A 282 12.89 19.93 -4.74
N LEU A 283 13.32 20.81 -5.64
CA LEU A 283 12.77 22.17 -5.70
C LEU A 283 11.50 22.29 -6.58
N ASN A 284 11.48 21.68 -7.77
CA ASN A 284 10.30 21.81 -8.67
C ASN A 284 9.11 20.93 -8.29
N GLN A 285 9.39 19.69 -7.91
CA GLN A 285 8.34 18.80 -7.44
C GLN A 285 8.09 19.04 -5.94
N LEU A 286 8.89 18.47 -5.04
CA LEU A 286 8.58 18.48 -3.58
C LEU A 286 8.27 19.88 -2.98
N LEU A 287 9.11 20.88 -3.28
CA LEU A 287 8.90 22.20 -2.73
C LEU A 287 7.81 22.91 -3.50
N LYS A 288 8.04 23.17 -4.79
CA LYS A 288 7.15 24.03 -5.61
C LYS A 288 5.81 23.41 -6.06
N THR A 289 5.72 22.09 -6.16
CA THR A 289 4.44 21.46 -6.53
C THR A 289 3.70 20.93 -5.30
N GLU A 290 4.26 19.93 -4.61
CA GLU A 290 3.62 19.33 -3.42
C GLU A 290 3.45 20.27 -2.22
N LEU A 291 4.50 21.02 -1.83
CA LEU A 291 4.32 22.03 -0.80
C LEU A 291 3.75 23.36 -1.33
N ASN A 292 3.51 23.42 -2.64
CA ASN A 292 2.92 24.56 -3.33
C ASN A 292 3.63 25.89 -3.05
N PHE A 293 4.95 25.82 -2.88
CA PHE A 293 5.70 27.02 -2.49
C PHE A 293 5.61 28.12 -3.56
N GLN A 294 5.24 29.32 -3.14
CA GLN A 294 4.99 30.44 -4.07
C GLN A 294 6.09 31.52 -4.15
N GLY A 295 7.12 31.37 -3.30
CA GLY A 295 8.18 32.36 -3.20
C GLY A 295 9.44 31.87 -3.89
N GLY A 296 10.58 32.43 -3.52
CA GLY A 296 11.84 32.20 -4.23
C GLY A 296 12.73 31.15 -3.56
N VAL A 297 13.43 30.34 -4.34
CA VAL A 297 14.57 29.60 -3.83
C VAL A 297 15.84 30.44 -3.99
N VAL A 298 16.60 30.58 -2.90
CA VAL A 298 17.80 31.36 -2.91
C VAL A 298 18.90 30.33 -2.72
N SER A 299 19.98 30.49 -3.43
CA SER A 299 21.10 29.57 -3.25
C SER A 299 21.77 29.91 -1.91
N ASP A 300 22.23 28.89 -1.19
CA ASP A 300 23.22 29.15 -0.16
C ASP A 300 24.47 29.71 -0.89
N TRP A 301 25.38 30.34 -0.13
CA TRP A 301 26.51 31.10 -0.72
C TRP A 301 27.57 30.08 -1.18
N GLY A 302 27.62 29.83 -2.49
CA GLY A 302 28.31 28.68 -3.05
C GLY A 302 27.43 27.43 -3.14
N GLY A 303 26.12 27.62 -3.09
CA GLY A 303 25.17 26.51 -3.19
C GLY A 303 24.93 26.10 -4.63
N GLN A 304 25.07 27.07 -5.53
CA GLN A 304 24.97 26.84 -6.97
C GLN A 304 26.28 26.31 -7.66
N TRP A 305 26.15 25.22 -8.42
CA TRP A 305 27.28 24.61 -9.11
C TRP A 305 27.27 24.71 -10.62
N ASP A 306 26.18 25.18 -11.21
CA ASP A 306 26.02 25.22 -12.66
C ASP A 306 25.05 26.33 -13.07
N SER A 307 24.97 26.61 -14.36
CA SER A 307 24.12 27.69 -14.90
C SER A 307 22.72 27.21 -15.38
N VAL A 308 22.69 26.22 -16.26
CA VAL A 308 21.47 25.77 -16.92
C VAL A 308 20.63 24.85 -16.04
N PRO A 309 21.26 23.84 -15.42
CA PRO A 309 20.42 22.95 -14.59
C PRO A 309 19.70 23.66 -13.45
N ALA A 310 20.42 24.50 -12.70
CA ALA A 310 19.86 25.46 -11.71
C ALA A 310 18.78 26.39 -12.28
N ALA A 311 18.95 26.89 -13.50
CA ALA A 311 17.87 27.69 -14.13
C ALA A 311 16.61 26.88 -14.47
N GLU A 312 16.72 25.58 -14.58
CA GLU A 312 15.64 24.74 -15.01
C GLU A 312 15.09 23.84 -13.93
N ASN A 313 15.88 23.59 -12.88
CA ASN A 313 15.45 22.67 -11.82
C ASN A 313 15.01 23.34 -10.51
N GLY A 314 14.89 24.67 -10.49
CA GLY A 314 14.16 25.36 -9.43
C GLY A 314 14.77 26.51 -8.66
N LEU A 315 16.01 26.86 -8.95
CA LEU A 315 16.66 28.01 -8.31
C LEU A 315 16.16 29.32 -8.89
N ASP A 316 15.96 30.32 -8.02
CA ASP A 316 15.49 31.68 -8.40
C ASP A 316 16.47 32.79 -8.23
N VAL A 317 17.40 32.64 -7.28
CA VAL A 317 18.33 33.70 -6.95
C VAL A 317 19.73 33.08 -6.73
N ALA A 318 20.64 33.50 -7.61
CA ALA A 318 22.07 33.28 -7.45
C ALA A 318 22.73 34.26 -6.42
N MET A 319 23.23 33.68 -5.34
CA MET A 319 23.87 34.44 -4.26
C MET A 319 25.22 33.78 -3.93
N PRO A 320 26.26 34.55 -3.69
CA PRO A 320 26.23 35.99 -3.61
C PRO A 320 26.61 36.67 -4.90
N GLY A 321 26.78 35.94 -5.99
CA GLY A 321 26.98 36.56 -7.30
C GLY A 321 28.32 37.26 -7.36
N LYS A 322 28.31 38.56 -7.56
CA LYS A 322 29.56 39.36 -7.62
C LYS A 322 30.21 39.68 -6.24
N GLY A 323 29.46 39.47 -5.16
CA GLY A 323 30.00 39.63 -3.82
C GLY A 323 30.95 38.52 -3.41
N PHE A 324 31.73 38.80 -2.37
CA PHE A 324 32.84 37.96 -1.95
C PHE A 324 33.76 37.62 -3.14
N LEU A 325 34.07 38.65 -3.93
CA LEU A 325 35.02 38.55 -5.04
C LEU A 325 34.63 37.58 -6.18
N GLY A 326 33.37 37.13 -6.22
CA GLY A 326 32.96 36.08 -7.15
C GLY A 326 33.57 34.72 -6.89
N ALA A 327 34.25 34.58 -5.75
CA ALA A 327 34.97 33.36 -5.40
C ALA A 327 34.06 32.15 -5.27
N LEU A 328 32.78 32.34 -4.93
CA LEU A 328 31.86 31.23 -4.68
C LEU A 328 30.97 30.91 -5.91
N GLY A 329 31.51 31.15 -7.10
CA GLY A 329 30.74 30.87 -8.31
C GLY A 329 29.90 32.07 -8.63
N ASP A 330 29.86 32.36 -9.93
CA ASP A 330 29.12 33.48 -10.45
C ASP A 330 28.48 33.01 -11.77
N PHE A 331 27.53 32.10 -11.62
CA PHE A 331 26.95 31.38 -12.75
C PHE A 331 25.89 32.12 -13.61
N TRP A 332 25.22 33.12 -13.04
CA TRP A 332 24.18 33.82 -13.76
C TRP A 332 24.68 35.18 -14.16
N GLY A 333 23.99 36.28 -13.80
CA GLY A 333 24.30 37.59 -14.36
C GLY A 333 24.40 37.56 -15.89
N ALA A 334 25.41 38.24 -16.42
CA ALA A 334 25.61 38.35 -17.88
C ALA A 334 25.66 36.98 -18.58
N THR A 335 26.10 35.95 -17.88
CA THR A 335 26.04 34.63 -18.42
C THR A 335 24.61 34.18 -18.62
N LEU A 336 23.71 34.58 -17.72
CA LEU A 336 22.28 34.25 -17.85
C LEU A 336 21.64 35.02 -18.99
N VAL A 337 21.93 36.32 -19.10
CA VAL A 337 21.48 37.14 -20.24
C VAL A 337 21.85 36.46 -21.58
N GLU A 338 23.07 35.92 -21.63
CA GLU A 338 23.59 35.31 -22.83
C GLU A 338 22.87 33.98 -23.09
N LEU A 339 22.54 33.25 -22.03
CA LEU A 339 21.78 31.98 -22.13
C LEU A 339 20.33 32.13 -22.58
N ILE A 340 19.72 33.27 -22.28
CA ILE A 340 18.34 33.54 -22.67
C ILE A 340 18.29 34.01 -24.11
N ASN A 341 19.14 34.97 -24.43
CA ASN A 341 19.25 35.50 -25.79
C ASN A 341 19.73 34.49 -26.82
N ASN A 342 20.45 33.45 -26.44
CA ASN A 342 20.80 32.40 -27.42
C ASN A 342 19.83 31.21 -27.36
N GLY A 343 18.83 31.31 -26.48
CA GLY A 343 17.69 30.41 -26.49
C GLY A 343 17.87 29.03 -25.86
N THR A 344 18.84 28.89 -24.95
CA THR A 344 18.98 27.62 -24.21
C THR A 344 18.27 27.66 -22.86
N VAL A 345 17.94 28.87 -22.38
CA VAL A 345 17.14 29.05 -21.16
C VAL A 345 15.90 29.87 -21.56
N SER A 346 14.71 29.32 -21.27
CA SER A 346 13.45 30.03 -21.49
C SER A 346 13.41 31.38 -20.74
N GLU A 347 13.19 32.47 -21.48
CA GLU A 347 12.91 33.79 -20.92
C GLU A 347 11.74 33.78 -19.92
N ASP A 348 10.69 33.00 -20.21
CA ASP A 348 9.50 32.93 -19.35
C ASP A 348 9.82 32.30 -18.01
N LEU A 349 10.58 31.21 -18.04
CA LEU A 349 11.10 30.55 -16.85
C LEU A 349 11.72 31.60 -15.90
N VAL A 350 12.58 32.45 -16.47
CA VAL A 350 13.33 33.44 -15.71
C VAL A 350 12.40 34.55 -15.19
N ARG A 351 11.35 34.87 -15.95
CA ARG A 351 10.35 35.82 -15.45
C ARG A 351 9.65 35.31 -14.19
N ASP A 352 9.41 34.01 -14.15
CA ASP A 352 8.83 33.41 -12.96
C ASP A 352 9.74 33.59 -11.73
N LYS A 353 11.07 33.49 -11.94
CA LYS A 353 12.09 33.76 -10.91
C LYS A 353 11.95 35.17 -10.37
N ALA A 354 11.92 36.14 -11.27
CA ALA A 354 11.70 37.53 -10.88
C ALA A 354 10.35 37.76 -10.15
N VAL A 355 9.33 37.04 -10.58
CA VAL A 355 8.00 37.16 -10.01
C VAL A 355 8.05 36.73 -8.54
N ARG A 356 8.67 35.60 -8.28
CA ARG A 356 8.77 35.05 -6.95
C ARG A 356 9.63 35.94 -5.99
N ILE A 357 10.60 36.67 -6.54
CA ILE A 357 11.45 37.58 -5.76
C ILE A 357 10.66 38.83 -5.38
N LEU A 358 9.84 39.33 -6.30
CA LEU A 358 9.07 40.56 -6.04
C LEU A 358 7.81 40.35 -5.20
N THR A 359 7.22 39.16 -5.23
CA THR A 359 6.00 38.89 -4.46
C THR A 359 6.20 39.29 -2.99
N GLY A 360 7.31 38.85 -2.42
CA GLY A 360 7.69 39.23 -1.06
C GLY A 360 7.86 40.70 -0.88
N TYR A 361 8.53 41.32 -1.84
CA TYR A 361 8.74 42.78 -1.81
C TYR A 361 7.43 43.56 -1.69
N TYR A 362 6.46 43.13 -2.49
CA TYR A 362 5.15 43.76 -2.50
C TYR A 362 4.24 43.33 -1.31
N TYR A 363 4.34 42.07 -0.88
CA TYR A 363 3.44 41.57 0.17
C TYR A 363 3.70 42.24 1.52
N LEU A 364 4.97 42.47 1.83
CA LEU A 364 5.39 43.10 3.09
C LEU A 364 5.38 44.63 3.02
N GLY A 365 5.10 45.20 1.86
CA GLY A 365 4.91 46.63 1.74
C GLY A 365 6.22 47.35 1.80
N GLN A 366 7.23 46.78 1.15
CA GLN A 366 8.54 47.40 1.12
C GLN A 366 8.64 48.51 0.08
N ASP A 367 7.62 48.64 -0.77
CA ASP A 367 7.56 49.78 -1.69
C ASP A 367 6.95 51.00 -1.01
N THR A 368 5.84 50.78 -0.34
CA THR A 368 5.11 51.85 0.33
C THR A 368 5.80 52.32 1.61
N ASN A 369 6.42 51.37 2.31
CA ASN A 369 7.15 51.60 3.54
C ASN A 369 8.54 50.99 3.49
N PRO A 370 9.47 51.64 2.76
CA PRO A 370 10.80 51.07 2.56
C PRO A 370 11.60 50.93 3.85
N PRO A 371 12.51 49.96 3.92
CA PRO A 371 13.38 49.97 5.07
C PRO A 371 14.35 51.12 4.93
N PRO A 372 14.87 51.64 6.06
CA PRO A 372 15.93 52.65 5.94
C PRO A 372 17.20 52.06 5.34
N PRO A 373 18.15 52.91 4.94
CA PRO A 373 19.41 52.39 4.42
C PRO A 373 20.20 51.43 5.38
N PHE A 374 20.70 50.31 4.84
CA PHE A 374 21.69 49.52 5.55
C PHE A 374 23.02 50.30 5.56
N VAL A 375 23.60 50.36 6.75
CA VAL A 375 24.64 51.28 7.09
C VAL A 375 25.98 50.58 7.49
N TYR A 376 26.01 49.25 7.67
CA TYR A 376 27.16 48.53 8.22
C TYR A 376 27.88 47.68 7.17
N ASN A 377 29.21 47.76 7.11
CA ASN A 377 30.03 46.84 6.31
C ASN A 377 30.12 45.49 7.06
N THR A 378 29.28 44.54 6.65
CA THR A 378 29.16 43.25 7.32
C THR A 378 29.93 42.14 6.60
N ILE A 379 30.61 42.51 5.50
CA ILE A 379 31.49 41.60 4.69
C ILE A 379 32.92 41.59 5.21
N GLY A 380 33.53 42.78 5.26
CA GLY A 380 34.76 43.03 5.98
C GLY A 380 35.90 43.22 4.99
N ALA A 381 36.79 44.17 5.31
CA ALA A 381 37.99 44.44 4.53
C ALA A 381 39.00 43.28 4.71
N PRO A 382 39.86 42.96 3.75
CA PRO A 382 39.96 43.57 2.43
C PRO A 382 38.93 43.11 1.39
N THR A 383 38.09 42.12 1.71
CA THR A 383 37.06 41.65 0.75
C THR A 383 36.09 42.77 0.30
N LEU A 384 35.74 43.67 1.21
CA LEU A 384 35.02 44.90 0.87
C LEU A 384 35.53 46.05 1.75
N ASN A 385 36.18 47.03 1.12
CA ASN A 385 36.67 48.21 1.80
C ASN A 385 35.57 49.21 1.68
N ALA A 386 35.05 49.63 2.81
CA ALA A 386 33.88 50.48 2.85
C ALA A 386 33.61 50.79 4.31
N THR A 387 33.23 52.02 4.56
CA THR A 387 33.08 52.53 5.91
C THR A 387 31.68 52.27 6.43
N SER A 388 31.55 52.14 7.75
CA SER A 388 30.27 51.89 8.39
C SER A 388 29.80 53.16 9.02
N GLY A 389 28.49 53.34 9.01
CA GLY A 389 27.86 54.39 9.83
C GLY A 389 27.48 53.76 11.15
N TYR A 390 26.50 54.35 11.81
CA TYR A 390 26.04 53.82 13.09
C TYR A 390 24.54 54.02 13.32
N ARG A 391 23.88 52.98 13.82
CA ARG A 391 22.48 53.10 14.22
C ARG A 391 22.23 52.22 15.40
N ASN A 392 21.54 52.76 16.39
CA ASN A 392 21.08 51.98 17.51
C ASN A 392 19.62 51.59 17.29
N VAL A 393 19.33 50.29 17.26
CA VAL A 393 17.94 49.81 17.11
C VAL A 393 17.42 49.05 18.34
N ARG A 394 18.20 49.07 19.42
CA ARG A 394 17.83 48.39 20.66
C ARG A 394 16.59 49.04 21.28
N LYS A 395 15.43 48.38 21.19
CA LYS A 395 14.19 48.94 21.74
C LYS A 395 13.99 48.54 23.21
N PRO A 396 13.32 49.39 24.01
CA PRO A 396 13.05 49.00 25.38
C PRO A 396 12.08 47.80 25.42
N GLY A 397 12.45 46.79 26.20
CA GLY A 397 11.70 45.53 26.26
C GLY A 397 12.53 44.34 25.81
N THR A 398 13.39 44.57 24.81
CA THR A 398 14.16 43.53 24.14
C THR A 398 15.08 42.82 25.12
N ALA A 399 15.89 43.59 25.85
CA ALA A 399 16.77 43.02 26.88
C ALA A 399 16.02 42.14 27.88
N GLU A 400 14.83 42.56 28.29
CA GLU A 400 13.99 41.80 29.22
C GLU A 400 13.48 40.52 28.60
N LEU A 401 13.14 40.55 27.31
CA LEU A 401 12.70 39.35 26.56
C LEU A 401 13.83 38.33 26.46
N ILE A 402 15.02 38.82 26.15
CA ILE A 402 16.19 37.98 26.00
C ILE A 402 16.47 37.30 27.33
N LYS A 403 16.39 38.06 28.42
CA LYS A 403 16.51 37.49 29.77
C LYS A 403 15.46 36.40 30.06
N GLU A 404 14.20 36.71 29.77
CA GLU A 404 13.08 35.82 30.05
C GLU A 404 13.23 34.50 29.32
N ILE A 405 13.74 34.55 28.08
CA ILE A 405 14.01 33.34 27.31
C ILE A 405 15.06 32.49 28.02
N GLY A 406 16.10 33.14 28.50
CA GLY A 406 17.15 32.48 29.24
C GLY A 406 16.55 31.82 30.45
N SER A 407 15.79 32.59 31.23
CA SER A 407 15.20 32.07 32.48
C SER A 407 14.22 30.97 32.24
N ALA A 408 13.56 31.01 31.09
CA ALA A 408 12.61 29.97 30.67
C ALA A 408 13.22 28.68 30.05
N SER A 409 14.47 28.77 29.55
CA SER A 409 15.15 27.67 28.87
C SER A 409 16.08 26.88 29.77
N VAL A 410 16.80 27.55 30.68
CA VAL A 410 17.86 26.85 31.41
C VAL A 410 17.29 25.56 32.02
N THR A 411 17.95 24.45 31.76
CA THR A 411 17.37 23.13 32.04
C THR A 411 18.09 22.46 33.18
N LEU A 412 17.37 22.06 34.19
CA LEU A 412 17.94 21.37 35.33
C LEU A 412 18.00 19.85 35.08
N LEU A 413 19.21 19.35 34.92
CA LEU A 413 19.45 17.94 34.66
C LEU A 413 19.64 17.13 35.92
N LYS A 414 20.18 17.73 36.98
CA LYS A 414 20.37 17.03 38.27
C LYS A 414 20.28 18.04 39.41
N ASN A 415 19.63 17.59 40.49
CA ASN A 415 19.52 18.36 41.72
C ASN A 415 19.28 17.41 42.88
N THR A 416 20.29 17.34 43.73
CA THR A 416 20.37 16.41 44.81
C THR A 416 20.00 17.09 46.15
N GLY A 417 19.52 18.33 46.08
CA GLY A 417 19.18 19.12 47.25
C GLY A 417 19.90 20.44 47.36
N SER A 418 20.92 20.69 46.53
CA SER A 418 21.69 21.93 46.66
C SER A 418 20.95 23.18 46.14
N LEU A 419 19.93 22.97 45.30
CA LEU A 419 19.17 24.06 44.68
C LEU A 419 17.70 23.98 45.04
N PRO A 420 17.04 25.10 45.22
CA PRO A 420 17.58 26.44 45.04
C PRO A 420 18.45 26.87 46.21
N LEU A 421 19.45 27.69 45.94
CA LEU A 421 20.29 28.27 46.99
C LEU A 421 19.46 29.13 47.94
N LYS A 422 19.74 28.99 49.23
CA LYS A 422 19.19 29.89 50.24
C LYS A 422 20.03 31.20 50.28
N HIS A 423 21.00 31.30 51.18
CA HIS A 423 21.89 32.48 51.27
C HIS A 423 23.31 32.02 51.61
N PRO A 424 23.98 31.28 50.70
CA PRO A 424 25.35 30.92 51.00
C PRO A 424 26.23 32.16 51.25
N GLN A 425 27.20 31.99 52.15
CA GLN A 425 28.08 33.07 52.57
C GLN A 425 29.46 33.06 51.90
N ARG A 426 29.91 31.89 51.47
CA ARG A 426 31.22 31.75 50.82
C ARG A 426 30.98 30.97 49.51
N ILE A 427 31.23 31.65 48.38
CA ILE A 427 30.86 31.18 47.07
C ILE A 427 32.11 31.13 46.23
N ALA A 428 32.36 29.96 45.62
CA ALA A 428 33.45 29.82 44.66
C ALA A 428 32.91 29.69 43.25
N VAL A 429 33.60 30.31 42.30
CA VAL A 429 33.30 30.20 40.89
C VAL A 429 34.54 29.78 40.08
N LEU A 430 34.37 28.78 39.23
CA LEU A 430 35.42 28.27 38.35
C LEU A 430 34.99 28.33 36.88
N GLY A 431 35.95 28.65 36.01
CA GLY A 431 35.78 28.61 34.56
C GLY A 431 35.84 29.99 33.94
N ASN A 432 36.50 30.08 32.80
CA ASN A 432 36.50 31.36 32.06
C ASN A 432 35.09 31.70 31.53
N ASP A 433 34.30 30.67 31.27
CA ASP A 433 32.91 30.79 30.87
C ASP A 433 32.08 31.68 31.80
N ALA A 434 32.57 31.82 33.03
CA ALA A 434 31.95 32.69 34.03
C ALA A 434 32.12 34.15 33.76
N THR A 435 33.10 34.55 32.94
CA THR A 435 33.37 35.98 32.77
C THR A 435 33.57 36.39 31.33
N TYR A 436 34.08 37.60 31.12
CA TYR A 436 34.21 38.12 29.74
C TYR A 436 35.25 37.35 28.94
N ASN A 437 35.01 37.24 27.64
CA ASN A 437 36.08 37.07 26.68
C ASN A 437 37.24 38.02 27.02
N VAL A 438 38.45 37.49 27.21
CA VAL A 438 39.57 38.34 27.61
C VAL A 438 39.92 39.37 26.52
N LEU A 439 39.51 39.14 25.27
CA LEU A 439 39.75 40.11 24.16
C LEU A 439 38.59 41.07 23.87
N GLY A 440 37.47 40.91 24.56
CA GLY A 440 36.23 41.64 24.25
C GLY A 440 35.09 40.71 23.79
N PRO A 441 33.85 41.05 24.12
CA PRO A 441 32.73 40.21 23.68
C PRO A 441 32.72 39.91 22.18
N ASN A 442 33.10 40.87 21.33
CA ASN A 442 33.05 40.71 19.86
C ASN A 442 34.40 40.49 19.13
N ALA A 443 35.42 40.11 19.88
CA ALA A 443 36.79 40.01 19.37
C ALA A 443 36.95 38.97 18.31
N CYS A 444 36.12 37.93 18.39
CA CYS A 444 36.17 36.83 17.47
C CYS A 444 35.53 37.20 16.11
N GLY A 445 35.13 38.46 15.95
CA GLY A 445 34.82 39.00 14.66
C GLY A 445 33.38 38.81 14.17
N LEU A 446 33.24 39.03 12.88
CA LEU A 446 31.95 39.12 12.19
C LEU A 446 31.11 37.88 12.27
N ALA A 447 31.77 36.75 12.48
CA ALA A 447 31.11 35.48 12.64
C ALA A 447 31.56 34.70 13.85
N ASN A 448 32.06 35.38 14.87
CA ASN A 448 32.40 34.78 16.16
C ASN A 448 33.33 33.58 16.05
N SER A 449 34.26 33.61 15.08
CA SER A 449 35.07 32.40 14.78
C SER A 449 36.54 32.62 14.45
N ALA A 450 37.05 33.83 14.67
CA ALA A 450 38.42 34.15 14.26
C ALA A 450 39.38 34.24 15.48
N CYS A 451 38.90 33.99 16.71
CA CYS A 451 39.81 34.01 17.88
C CYS A 451 40.63 32.77 17.80
N ASP A 452 41.77 32.80 18.50
CA ASP A 452 42.70 31.70 18.54
C ASP A 452 42.04 30.48 19.14
N ILE A 453 42.45 29.31 18.65
CA ILE A 453 42.09 27.98 19.19
C ILE A 453 42.07 27.87 20.73
N ASP A 454 43.05 28.48 21.39
CA ASP A 454 43.17 28.44 22.86
C ASP A 454 42.62 29.64 23.59
N ASN A 455 42.09 30.63 22.88
CA ASN A 455 41.65 31.83 23.53
C ASN A 455 40.50 31.64 24.54
N LEU A 456 40.60 32.35 25.66
CA LEU A 456 39.58 32.35 26.71
C LEU A 456 38.46 33.28 26.25
N ASN A 457 37.45 32.70 25.60
CA ASN A 457 36.37 33.47 24.96
C ASN A 457 35.28 33.91 25.91
N GLY A 458 35.27 33.41 27.15
CA GLY A 458 34.24 33.79 28.10
C GLY A 458 32.96 33.01 27.93
N THR A 459 31.90 33.58 28.46
CA THR A 459 30.60 32.96 28.43
C THR A 459 30.20 32.65 27.02
N LEU A 460 29.90 31.37 26.73
CA LEU A 460 29.41 31.00 25.37
C LEU A 460 27.96 31.46 25.14
N THR A 461 27.77 32.64 24.56
CA THR A 461 26.42 33.23 24.43
C THR A 461 25.69 32.96 23.09
N THR A 462 26.49 32.71 22.07
CA THR A 462 26.05 32.19 20.77
C THR A 462 27.18 31.31 20.22
N GLY A 463 26.88 30.57 19.16
CA GLY A 463 27.86 29.69 18.54
C GLY A 463 28.63 30.51 17.50
N GLY A 464 29.49 29.80 16.76
CA GLY A 464 30.27 30.39 15.65
C GLY A 464 29.64 30.25 14.25
N GLY A 465 29.91 31.23 13.40
CA GLY A 465 29.49 31.18 12.01
C GLY A 465 28.56 32.31 11.59
N SER A 466 28.03 32.18 10.38
CA SER A 466 26.99 33.04 9.87
C SER A 466 25.74 33.24 10.81
N GLY A 467 25.45 32.28 11.68
CA GLY A 467 24.37 32.36 12.66
C GLY A 467 24.54 33.20 13.90
N SER A 468 25.72 33.76 14.11
CA SER A 468 26.07 34.49 15.32
C SER A 468 25.66 35.93 15.15
N ALA A 469 26.01 36.76 16.13
CA ALA A 469 25.81 38.19 16.01
C ALA A 469 26.66 38.86 17.05
N LEU A 470 26.98 40.12 16.80
CA LEU A 470 27.67 40.94 17.77
C LEU A 470 26.79 41.15 19.03
N SER A 471 27.39 41.67 20.09
CA SER A 471 26.73 41.83 21.40
C SER A 471 27.09 43.22 21.97
N PRO A 472 26.12 43.96 22.51
CA PRO A 472 26.48 45.26 23.09
C PRO A 472 27.19 45.14 24.43
N TYR A 473 27.07 43.98 25.05
CA TYR A 473 27.76 43.65 26.28
C TYR A 473 27.51 42.17 26.56
N THR A 474 28.09 41.65 27.64
CA THR A 474 27.69 40.37 28.19
C THR A 474 27.52 40.49 29.72
N ILE A 475 26.31 40.20 30.19
CA ILE A 475 26.05 40.12 31.60
C ILE A 475 26.53 38.76 31.95
N THR A 476 27.72 38.76 32.55
CA THR A 476 28.46 37.53 32.83
C THR A 476 27.84 36.82 34.04
N PRO A 477 27.88 35.47 34.05
CA PRO A 477 27.46 34.74 35.26
C PRO A 477 28.17 35.20 36.54
N LEU A 478 29.45 35.57 36.47
CA LEU A 478 30.13 36.08 37.67
C LEU A 478 29.54 37.42 38.17
N GLU A 479 29.29 38.38 37.29
CA GLU A 479 28.70 39.66 37.67
C GLU A 479 27.41 39.44 38.43
N ALA A 480 26.56 38.55 37.90
CA ALA A 480 25.24 38.31 38.45
C ALA A 480 25.26 37.53 39.75
N LEU A 481 26.20 36.61 39.89
CA LEU A 481 26.39 35.87 41.13
C LEU A 481 26.89 36.82 42.23
N GLN A 482 27.77 37.74 41.85
CA GLN A 482 28.34 38.69 42.78
C GLN A 482 27.29 39.65 43.29
N LYS A 483 26.46 40.18 42.39
CA LYS A 483 25.37 41.08 42.76
C LYS A 483 24.53 40.47 43.88
N ARG A 484 24.29 39.18 43.73
CA ARG A 484 23.46 38.46 44.64
C ARG A 484 24.19 38.12 45.94
N ALA A 485 25.48 37.84 45.85
CA ALA A 485 26.33 37.64 47.03
C ALA A 485 26.40 38.90 47.88
N ILE A 486 26.57 40.04 47.23
CA ILE A 486 26.59 41.34 47.90
C ILE A 486 25.30 41.56 48.67
N GLU A 487 24.15 41.37 48.04
CA GLU A 487 22.84 41.47 48.73
C GLU A 487 22.78 40.65 50.02
N ASP A 488 23.43 39.48 50.04
CA ASP A 488 23.45 38.59 51.21
C ASP A 488 24.63 38.79 52.17
N ASN A 489 25.29 39.94 52.10
CA ASN A 489 26.56 40.21 52.78
C ASN A 489 27.63 39.09 52.71
N ALA A 490 27.68 38.41 51.57
CA ALA A 490 28.53 37.21 51.39
C ALA A 490 29.85 37.54 50.66
N GLU A 491 30.72 36.54 50.55
CA GLU A 491 31.92 36.65 49.73
C GLU A 491 31.89 35.71 48.55
N ILE A 492 32.66 36.08 47.53
CA ILE A 492 32.65 35.41 46.25
C ILE A 492 33.93 35.69 45.51
N ALA A 493 34.49 34.61 44.97
CA ALA A 493 35.78 34.64 44.35
C ALA A 493 35.76 33.68 43.16
N ALA A 494 36.24 34.15 42.01
CA ALA A 494 36.33 33.31 40.80
C ALA A 494 37.77 33.04 40.36
N VAL A 495 38.06 31.80 39.97
CA VAL A 495 39.26 31.49 39.19
C VAL A 495 38.80 31.30 37.75
N VAL A 496 39.17 32.23 36.86
CA VAL A 496 38.65 32.28 35.47
C VAL A 496 39.72 32.18 34.39
N ALA A 497 40.93 31.84 34.82
CA ALA A 497 42.05 31.59 33.92
C ALA A 497 42.02 30.16 33.33
N ASN A 498 43.02 29.82 32.52
CA ASN A 498 43.16 28.42 32.08
C ASN A 498 43.86 27.62 33.21
N SER A 499 43.11 26.69 33.78
CA SER A 499 43.55 25.92 34.93
C SER A 499 44.65 24.92 34.63
N ASN A 500 44.84 24.56 33.35
CA ASN A 500 45.98 23.73 32.97
C ASN A 500 47.21 24.57 32.67
N THR A 501 47.06 25.74 32.03
CA THR A 501 48.22 26.45 31.48
C THR A 501 48.65 27.71 32.19
N THR A 502 47.91 28.23 33.17
CA THR A 502 48.35 29.49 33.79
C THR A 502 48.98 29.21 35.17
N THR A 503 50.15 29.81 35.42
CA THR A 503 50.88 29.55 36.65
C THR A 503 50.01 29.87 37.85
N GLY A 504 49.94 28.93 38.77
CA GLY A 504 49.23 29.12 40.04
C GLY A 504 47.76 28.76 40.10
N ALA A 505 47.08 28.69 38.95
CA ALA A 505 45.63 28.45 38.90
C ALA A 505 45.19 27.19 39.66
N GLU A 506 45.98 26.14 39.53
CA GLU A 506 45.64 24.92 40.21
C GLU A 506 45.70 25.09 41.73
N ASP A 507 46.75 25.74 42.21
CA ASP A 507 46.92 25.95 43.63
C ASP A 507 45.81 26.87 44.14
N ALA A 508 45.43 27.86 43.33
CA ALA A 508 44.41 28.80 43.72
C ALA A 508 43.08 28.12 43.99
N ILE A 509 42.75 27.19 43.09
CA ILE A 509 41.52 26.43 43.14
C ILE A 509 41.55 25.48 44.36
N ALA A 510 42.71 24.92 44.67
CA ALA A 510 42.91 24.07 45.88
C ALA A 510 42.74 24.87 47.18
N ALA A 511 43.29 26.08 47.16
CA ALA A 511 43.20 26.98 48.31
C ALA A 511 41.79 27.52 48.49
N LEU A 512 41.01 27.68 47.41
CA LEU A 512 39.69 28.37 47.47
C LEU A 512 38.49 27.49 47.76
N LEU A 513 38.46 26.30 47.16
CA LEU A 513 37.27 25.43 47.20
C LEU A 513 36.94 24.80 48.54
N PRO A 514 37.94 24.35 49.30
CA PRO A 514 37.57 23.73 50.57
C PRO A 514 36.68 24.57 51.47
N ASP A 515 36.93 25.87 51.60
CA ASP A 515 36.17 26.69 52.57
C ASP A 515 34.80 27.19 52.05
N ALA A 516 34.48 26.90 50.78
CA ALA A 516 33.26 27.40 50.12
C ALA A 516 32.02 26.58 50.48
N ASP A 517 30.89 27.25 50.55
CA ASP A 517 29.60 26.61 50.82
C ASP A 517 29.13 26.01 49.53
N VAL A 518 29.35 26.75 48.44
CA VAL A 518 29.00 26.28 47.11
C VAL A 518 30.13 26.58 46.12
N THR A 519 30.33 25.69 45.16
CA THR A 519 31.24 25.91 44.08
C THR A 519 30.44 25.83 42.79
N PHE A 520 30.37 26.94 42.07
CA PHE A 520 29.81 26.98 40.75
C PHE A 520 30.92 26.68 39.77
N VAL A 521 30.71 25.71 38.90
CA VAL A 521 31.64 25.49 37.79
C VAL A 521 30.91 25.70 36.47
N PHE A 522 31.44 26.65 35.70
CA PHE A 522 30.90 27.06 34.40
C PHE A 522 31.70 26.44 33.25
N LEU A 523 31.01 25.66 32.42
CA LEU A 523 31.66 24.92 31.35
C LEU A 523 31.15 25.38 30.01
N ASN A 524 31.94 25.26 28.96
CA ASN A 524 31.40 25.49 27.63
C ASN A 524 31.88 24.57 26.51
N ARG A 525 31.17 24.64 25.37
CA ARG A 525 31.55 23.90 24.17
C ARG A 525 31.19 24.65 22.92
N TYR A 526 32.13 25.48 22.46
CA TYR A 526 32.06 26.16 21.18
C TYR A 526 31.97 25.16 20.04
N SER A 527 31.05 25.37 19.13
CA SER A 527 31.09 24.70 17.81
C SER A 527 30.70 25.74 16.79
N GLU A 528 30.91 25.40 15.51
CA GLU A 528 30.88 26.39 14.44
C GLU A 528 30.50 25.77 13.13
N GLU A 529 29.81 26.57 12.32
CA GLU A 529 29.56 26.31 10.93
C GLU A 529 30.84 25.89 10.22
N GLY A 530 30.74 24.84 9.41
CA GLY A 530 31.83 24.46 8.53
C GLY A 530 32.67 23.33 9.06
N ALA A 531 32.25 22.74 10.17
CA ALA A 531 32.96 21.62 10.80
C ALA A 531 32.00 20.99 11.75
N ASP A 532 32.11 19.70 11.95
CA ASP A 532 31.37 19.07 13.04
C ASP A 532 32.26 18.93 14.28
N ALA A 533 31.67 18.72 15.45
CA ALA A 533 32.47 18.42 16.63
C ALA A 533 33.06 17.04 16.39
N PRO A 534 34.34 16.83 16.76
CA PRO A 534 34.94 15.49 16.63
C PRO A 534 34.36 14.44 17.62
N ASP A 535 33.98 14.89 18.82
CA ASP A 535 33.43 14.05 19.89
C ASP A 535 32.57 14.94 20.78
N PHE A 536 32.10 14.40 21.89
CA PHE A 536 31.31 15.17 22.84
C PHE A 536 32.10 15.87 23.96
N SER A 537 33.41 16.02 23.83
CA SER A 537 34.19 16.45 24.97
C SER A 537 34.15 17.97 25.11
N LEU A 538 34.21 18.41 26.38
CA LEU A 538 34.05 19.82 26.76
C LEU A 538 35.12 20.68 26.10
N GLY A 539 34.81 21.94 25.87
CA GLY A 539 35.77 22.86 25.32
C GLY A 539 36.80 23.24 26.39
N GLY A 540 37.90 23.78 25.93
CA GLY A 540 38.92 24.35 26.81
C GLY A 540 39.36 23.40 27.90
N ASP A 541 39.59 23.99 29.07
CA ASP A 541 40.00 23.29 30.25
C ASP A 541 38.90 22.63 31.05
N GLY A 542 37.76 22.35 30.43
CA GLY A 542 36.59 21.92 31.16
C GLY A 542 36.73 20.64 31.98
N ASP A 543 37.33 19.62 31.38
CA ASP A 543 37.54 18.33 32.05
C ASP A 543 38.39 18.56 33.28
N ASN A 544 39.43 19.39 33.10
CA ASN A 544 40.36 19.63 34.14
C ASN A 544 39.68 20.35 35.27
N LEU A 545 38.84 21.34 34.96
CA LEU A 545 38.10 22.10 35.98
C LEU A 545 37.32 21.16 36.87
N MET A 546 36.60 20.24 36.24
CA MET A 546 35.72 19.32 36.91
C MET A 546 36.41 18.26 37.79
N ASP A 547 37.62 17.89 37.41
CA ASP A 547 38.42 17.00 38.25
C ASP A 547 38.88 17.71 39.50
N LEU A 548 39.34 18.95 39.36
CA LEU A 548 39.72 19.78 40.52
C LEU A 548 38.52 20.07 41.39
N ALA A 549 37.40 20.44 40.77
CA ALA A 549 36.25 20.87 41.53
C ALA A 549 35.74 19.79 42.52
N VAL A 550 35.60 18.56 42.01
CA VAL A 550 35.15 17.46 42.82
C VAL A 550 36.26 16.93 43.74
N THR A 551 37.52 17.19 43.42
CA THR A 551 38.59 16.89 44.37
C THR A 551 38.54 17.78 45.63
N TYR A 552 38.17 19.07 45.48
CA TYR A 552 38.19 20.04 46.61
C TYR A 552 36.87 20.60 47.13
N SER A 553 35.74 20.17 46.59
CA SER A 553 34.42 20.61 47.07
C SER A 553 33.39 19.51 46.93
N SER A 554 32.55 19.34 47.96
CA SER A 554 31.41 18.41 47.93
C SER A 554 30.05 19.09 47.67
N ASN A 555 30.06 20.35 47.22
CA ASN A 555 28.84 21.03 46.79
C ASN A 555 29.13 21.80 45.51
N VAL A 556 29.22 21.03 44.43
CA VAL A 556 29.53 21.53 43.13
C VAL A 556 28.28 21.57 42.27
N VAL A 557 27.99 22.77 41.78
CA VAL A 557 26.89 23.07 40.90
C VAL A 557 27.46 23.39 39.50
N VAL A 558 27.06 22.59 38.51
CA VAL A 558 27.62 22.67 37.15
C VAL A 558 26.66 23.40 36.18
N VAL A 559 27.19 24.38 35.44
CA VAL A 559 26.40 25.06 34.45
C VAL A 559 27.13 25.06 33.10
N ILE A 560 26.42 24.57 32.11
CA ILE A 560 26.98 24.31 30.80
C ILE A 560 26.36 25.29 29.81
N HIS A 561 27.21 26.12 29.20
CA HIS A 561 26.87 26.92 28.04
C HIS A 561 27.41 26.15 26.81
N THR A 562 26.57 25.80 25.85
CA THR A 562 26.97 24.89 24.76
C THR A 562 26.03 24.92 23.55
N THR A 563 26.60 24.51 22.41
CA THR A 563 25.89 24.40 21.15
C THR A 563 25.25 23.04 21.01
N GLY A 564 25.50 22.14 21.97
CA GLY A 564 25.01 20.77 21.92
C GLY A 564 25.47 19.86 23.08
N VAL A 565 25.13 18.58 22.94
CA VAL A 565 25.33 17.59 23.97
C VAL A 565 26.82 17.55 24.24
N VAL A 566 27.20 17.32 25.51
CA VAL A 566 28.62 17.16 25.89
C VAL A 566 28.79 16.03 26.86
N ASP A 567 30.04 15.62 27.00
CA ASP A 567 30.41 14.43 27.74
C ASP A 567 30.68 14.82 29.17
N ILE A 568 29.71 14.50 30.05
CA ILE A 568 29.89 14.68 31.51
C ILE A 568 29.87 13.35 32.29
N GLU A 569 30.27 12.27 31.61
CA GLU A 569 30.15 10.93 32.14
C GLU A 569 31.01 10.70 33.37
N LYS A 570 32.20 11.27 33.36
CA LYS A 570 33.15 11.06 34.44
C LYS A 570 32.71 11.61 35.79
N TRP A 571 31.82 12.63 35.75
CA TRP A 571 31.35 13.38 36.95
C TRP A 571 29.84 13.41 37.18
N ALA A 572 29.01 13.05 36.21
CA ALA A 572 27.57 13.22 36.42
C ALA A 572 27.00 12.44 37.65
N ASP A 573 27.50 11.21 37.90
CA ASP A 573 27.15 10.42 39.13
C ASP A 573 28.06 10.60 40.35
N ASN A 574 28.99 11.55 40.32
CA ASN A 574 29.76 11.91 41.49
C ASN A 574 28.81 12.63 42.46
N PRO A 575 28.78 12.19 43.72
CA PRO A 575 27.88 12.89 44.63
C PRO A 575 28.37 14.31 44.97
N ASN A 576 29.66 14.58 44.84
CA ASN A 576 30.16 15.95 44.96
C ASN A 576 29.58 16.88 43.91
N VAL A 577 29.15 16.36 42.76
CA VAL A 577 28.39 17.18 41.83
C VAL A 577 26.93 17.15 42.29
N THR A 578 26.54 18.17 43.06
CA THR A 578 25.18 18.26 43.59
C THR A 578 24.14 18.77 42.62
N ALA A 579 24.53 19.53 41.60
CA ALA A 579 23.53 19.96 40.63
C ALA A 579 24.10 20.26 39.25
N ILE A 580 23.31 19.98 38.22
CA ILE A 580 23.72 20.17 36.79
C ILE A 580 22.62 20.86 36.00
N LEU A 581 22.99 21.84 35.19
CA LEU A 581 22.05 22.64 34.43
C LEU A 581 22.68 22.97 33.10
N VAL A 582 21.92 22.91 32.03
CA VAL A 582 22.42 23.39 30.74
C VAL A 582 21.67 24.68 30.37
N ALA A 583 22.42 25.75 30.09
CA ALA A 583 21.82 27.04 29.75
C ALA A 583 21.91 27.33 28.27
N TYR A 584 22.49 26.43 27.49
CA TYR A 584 22.49 26.54 26.02
C TYR A 584 23.23 27.81 25.56
N LEU A 585 22.63 28.62 24.69
CA LEU A 585 23.29 29.83 24.22
C LEU A 585 22.34 30.99 24.53
N PRO A 586 22.57 31.65 25.67
CA PRO A 586 21.53 32.56 26.16
C PRO A 586 21.56 33.95 25.55
N GLY A 587 22.51 34.22 24.67
CA GLY A 587 22.69 35.58 24.21
C GLY A 587 23.18 36.51 25.32
N GLN A 588 22.96 37.81 25.15
CA GLN A 588 23.64 38.85 25.92
C GLN A 588 23.33 38.84 27.43
N GLU A 589 22.19 38.30 27.82
CA GLU A 589 21.77 38.34 29.20
C GLU A 589 22.08 37.00 29.90
N ALA A 590 23.29 36.47 29.76
CA ALA A 590 23.54 35.13 30.31
C ALA A 590 23.41 35.05 31.81
N GLY A 591 24.09 35.97 32.50
CA GLY A 591 24.24 35.92 33.95
C GLY A 591 22.95 36.21 34.67
N ASN A 592 22.22 37.23 34.23
CA ASN A 592 21.03 37.66 34.97
C ASN A 592 19.80 36.79 34.65
N SER A 593 19.79 36.08 33.52
CA SER A 593 18.77 35.05 33.29
C SER A 593 18.96 33.77 34.16
N LEU A 594 20.21 33.47 34.49
CA LEU A 594 20.58 32.25 35.19
C LEU A 594 20.41 32.35 36.72
N VAL A 595 21.00 33.39 37.30
CA VAL A 595 21.05 33.54 38.76
C VAL A 595 19.69 33.51 39.52
N PRO A 596 18.65 34.18 38.99
CA PRO A 596 17.34 34.06 39.63
C PRO A 596 16.83 32.63 39.74
N VAL A 597 17.21 31.79 38.76
CA VAL A 597 16.80 30.39 38.73
C VAL A 597 17.56 29.64 39.78
N LEU A 598 18.85 29.90 39.85
CA LEU A 598 19.70 29.30 40.88
C LEU A 598 19.29 29.63 42.32
N TYR A 599 18.86 30.87 42.53
CA TYR A 599 18.49 31.32 43.84
C TYR A 599 17.02 31.06 44.21
N GLY A 600 16.23 30.51 43.29
CA GLY A 600 14.86 30.15 43.64
C GLY A 600 13.77 31.18 43.36
N ASP A 601 14.13 32.32 42.78
CA ASP A 601 13.14 33.34 42.41
C ASP A 601 12.15 32.81 41.38
N VAL A 602 12.63 31.96 40.47
CA VAL A 602 11.78 31.15 39.60
C VAL A 602 12.35 29.76 39.49
N ALA A 603 11.45 28.77 39.50
CA ALA A 603 11.84 27.40 39.33
C ALA A 603 12.31 27.20 37.89
N PRO A 604 13.38 26.37 37.69
CA PRO A 604 13.79 26.06 36.32
C PRO A 604 12.64 25.37 35.61
N SER A 605 12.43 25.71 34.35
CA SER A 605 11.29 25.17 33.59
C SER A 605 11.61 24.62 32.18
N GLY A 606 12.87 24.70 31.76
CA GLY A 606 13.24 24.28 30.44
C GLY A 606 13.33 22.77 30.45
N LYS A 607 13.14 22.19 29.29
CA LYS A 607 13.42 20.77 29.08
C LYS A 607 14.18 20.60 27.76
N LEU A 608 14.89 19.46 27.66
CA LEU A 608 15.81 19.14 26.56
C LEU A 608 15.14 19.08 25.22
N PRO A 609 15.68 19.81 24.21
CA PRO A 609 15.16 19.73 22.87
C PRO A 609 15.82 18.64 22.04
N TRP A 610 16.75 17.90 22.62
CA TRP A 610 17.27 16.71 21.98
C TRP A 610 17.66 15.67 23.04
N THR A 611 18.13 14.51 22.58
CA THR A 611 18.53 13.40 23.46
C THR A 611 19.97 13.52 23.95
N TRP A 612 20.18 13.27 25.25
CA TRP A 612 21.53 13.31 25.86
C TRP A 612 21.99 11.87 26.19
N GLY A 613 22.56 11.22 25.19
CA GLY A 613 23.08 9.86 25.34
C GLY A 613 24.37 9.79 26.13
N LYS A 614 24.64 8.64 26.74
CA LYS A 614 25.83 8.45 27.58
C LYS A 614 27.11 8.41 26.76
N SER A 615 26.99 7.97 25.49
CA SER A 615 28.10 7.93 24.52
C SER A 615 27.65 8.27 23.10
N ILE A 616 28.55 8.83 22.32
CA ILE A 616 28.27 9.04 20.89
C ILE A 616 27.87 7.74 20.13
N ASP A 617 28.36 6.57 20.57
CA ASP A 617 28.02 5.26 19.95
C ASP A 617 26.57 4.87 20.09
N ASP A 618 25.88 5.48 21.05
CA ASP A 618 24.45 5.25 21.28
C ASP A 618 23.54 5.99 20.29
N TYR A 619 24.08 6.87 19.46
CA TYR A 619 23.28 7.53 18.41
C TYR A 619 23.21 6.77 17.05
N VAL A 620 22.34 7.27 16.18
CA VAL A 620 22.31 6.87 14.78
C VAL A 620 23.74 6.71 14.23
N PRO A 621 24.04 5.55 13.60
CA PRO A 621 25.40 5.37 13.07
C PRO A 621 25.61 6.13 11.76
N ASN A 622 26.88 6.44 11.53
CA ASN A 622 27.34 7.24 10.40
C ASN A 622 26.74 8.63 10.37
N GLY A 623 26.66 9.26 11.55
CA GLY A 623 26.09 10.58 11.72
C GLY A 623 26.87 11.61 10.98
N VAL A 624 28.18 11.43 10.94
CA VAL A 624 29.04 12.21 10.03
C VAL A 624 29.99 11.26 9.33
N VAL A 625 29.99 11.34 8.01
CA VAL A 625 30.86 10.54 7.17
C VAL A 625 32.09 11.38 6.81
N TYR A 626 33.26 10.75 6.97
CA TYR A 626 34.56 11.33 6.70
C TYR A 626 35.16 10.48 5.61
N THR A 627 35.26 10.97 4.36
CA THR A 627 36.07 10.32 3.31
C THR A 627 36.88 11.36 2.55
N ASP A 628 37.93 10.89 1.88
CA ASP A 628 38.57 11.64 0.79
C ASP A 628 37.92 11.32 -0.57
N ALA A 629 37.10 10.27 -0.63
CA ALA A 629 36.32 9.92 -1.84
C ALA A 629 35.76 11.14 -2.57
N TYR A 630 35.99 11.20 -3.86
CA TYR A 630 35.60 12.38 -4.64
C TYR A 630 34.07 12.67 -4.58
N SER A 631 33.26 11.61 -4.49
CA SER A 631 31.80 11.70 -4.40
C SER A 631 31.35 11.04 -3.08
N PRO A 632 31.41 11.79 -1.99
CA PRO A 632 31.11 11.24 -0.66
C PRO A 632 29.63 11.04 -0.44
N GLN A 633 29.27 9.96 0.24
CA GLN A 633 27.90 9.47 0.31
C GLN A 633 27.45 9.32 1.77
N SER A 634 26.24 9.79 2.10
CA SER A 634 25.61 9.55 3.39
C SER A 634 24.20 8.96 3.20
N ASN A 635 24.14 7.63 3.35
CA ASN A 635 22.93 6.84 3.10
C ASN A 635 22.13 6.84 4.39
N PHE A 636 20.99 7.51 4.38
CA PHE A 636 20.11 7.69 5.56
C PHE A 636 19.33 6.40 5.81
N THR A 637 20.04 5.33 6.17
CA THR A 637 19.45 4.00 6.33
C THR A 637 18.61 3.93 7.60
N GLU A 638 19.00 4.67 8.64
CA GLU A 638 18.17 4.88 9.84
C GLU A 638 16.71 5.28 9.54
N GLY A 639 16.49 6.03 8.48
CA GLY A 639 15.14 6.35 8.06
C GLY A 639 14.61 7.52 8.89
N VAL A 640 13.36 7.43 9.35
CA VAL A 640 12.81 8.46 10.25
C VAL A 640 13.41 8.38 11.65
N PHE A 641 14.18 7.33 11.93
CA PHE A 641 14.70 7.10 13.28
C PHE A 641 15.97 7.94 13.62
N ILE A 642 15.77 9.23 13.91
CA ILE A 642 16.82 10.08 14.47
C ILE A 642 16.47 10.47 15.90
N ASP A 643 17.48 10.95 16.63
CA ASP A 643 17.39 11.40 18.04
C ASP A 643 16.60 10.37 18.89
N TYR A 644 15.63 10.79 19.70
CA TYR A 644 14.91 9.84 20.55
C TYR A 644 14.26 8.64 19.82
N ARG A 645 13.91 8.78 18.54
CA ARG A 645 13.34 7.67 17.77
C ARG A 645 14.34 6.52 17.62
N TRP A 646 15.60 6.87 17.35
CA TRP A 646 16.67 5.88 17.36
C TRP A 646 16.75 5.20 18.75
N PHE A 647 16.76 6.01 19.80
CA PHE A 647 16.97 5.51 21.17
C PHE A 647 15.84 4.56 21.58
N ASP A 648 14.60 4.97 21.33
CA ASP A 648 13.44 4.19 21.74
C ASP A 648 13.31 2.88 20.94
N LYS A 649 13.58 2.92 19.63
CA LYS A 649 13.43 1.75 18.77
C LYS A 649 14.44 0.66 19.14
N MET A 650 15.63 1.03 19.57
CA MET A 650 16.72 0.08 19.84
C MET A 650 16.94 -0.18 21.33
N GLY A 651 16.01 0.25 22.19
CA GLY A 651 16.15 0.00 23.62
C GLY A 651 17.35 0.62 24.36
N ILE A 652 17.90 1.72 23.82
CA ILE A 652 19.03 2.42 24.47
C ILE A 652 18.58 3.51 25.46
N THR A 653 19.18 3.50 26.64
CA THR A 653 18.83 4.43 27.70
C THR A 653 19.79 5.65 27.71
N PRO A 654 19.26 6.86 27.42
CA PRO A 654 20.13 8.02 27.46
C PRO A 654 20.45 8.34 28.90
N ARG A 655 21.36 9.27 29.13
CA ARG A 655 21.49 9.82 30.43
C ARG A 655 20.27 10.64 30.70
N TYR A 656 19.95 11.54 29.77
CA TYR A 656 18.75 12.37 29.86
C TYR A 656 18.03 12.37 28.54
N GLU A 657 16.74 12.15 28.62
CA GLU A 657 15.93 11.87 27.46
C GLU A 657 15.43 13.16 26.86
N PHE A 658 14.97 13.05 25.61
CA PHE A 658 14.24 14.12 24.93
C PHE A 658 13.07 14.61 25.80
N GLY A 659 13.06 15.91 26.06
CA GLY A 659 11.98 16.55 26.78
C GLY A 659 12.09 16.37 28.28
N PHE A 660 13.30 16.06 28.77
CA PHE A 660 13.53 15.94 30.21
C PHE A 660 13.94 17.26 30.82
N GLY A 661 13.34 17.62 31.95
CA GLY A 661 13.81 18.75 32.76
C GLY A 661 13.27 18.74 34.17
N LEU A 662 14.14 19.00 35.13
CA LEU A 662 13.71 19.06 36.50
C LEU A 662 13.14 20.45 36.82
N SER A 663 12.25 20.48 37.80
CA SER A 663 11.73 21.70 38.38
C SER A 663 12.26 21.77 39.83
N TYR A 664 11.74 22.72 40.63
CA TYR A 664 11.94 22.67 42.09
C TYR A 664 10.76 22.06 42.82
N THR A 665 9.75 21.59 42.09
CA THR A 665 8.56 20.97 42.65
C THR A 665 8.19 19.80 41.77
N THR A 666 7.15 19.04 42.11
CA THR A 666 6.74 17.93 41.24
C THR A 666 5.35 18.11 40.65
N PHE A 667 5.09 17.37 39.56
CA PHE A 667 3.79 17.40 38.87
C PHE A 667 3.19 16.02 38.65
N THR A 668 1.95 15.86 39.12
CA THR A 668 1.21 14.62 38.99
C THR A 668 0.21 14.77 37.85
N TYR A 669 0.18 13.81 36.94
CA TYR A 669 -0.75 13.85 35.80
C TYR A 669 -2.02 13.05 36.08
N SER A 670 -3.16 13.53 35.59
CA SER A 670 -4.42 12.82 35.75
C SER A 670 -5.46 13.15 34.67
N ASN A 671 -6.45 12.27 34.54
CA ASN A 671 -7.68 12.50 33.78
C ASN A 671 -7.45 12.87 32.30
N LEU A 672 -6.86 11.91 31.60
CA LEU A 672 -6.66 12.01 30.14
C LEU A 672 -8.03 12.03 29.48
N ILE A 673 -8.28 12.92 28.53
CA ILE A 673 -9.54 12.93 27.80
C ILE A 673 -9.24 13.07 26.31
N VAL A 674 -9.79 12.17 25.49
CA VAL A 674 -9.75 12.31 24.03
C VAL A 674 -11.12 12.79 23.57
N ASP A 675 -11.17 14.03 23.11
CA ASP A 675 -12.41 14.66 22.73
C ASP A 675 -12.52 14.52 21.21
N HIS A 676 -13.27 13.51 20.77
CA HIS A 676 -13.45 13.26 19.34
C HIS A 676 -14.26 14.38 18.70
N GLY A 677 -15.15 15.00 19.46
CA GLY A 677 -15.99 16.06 18.95
C GLY A 677 -15.37 17.43 18.81
N ARG A 678 -14.12 17.60 19.30
CA ARG A 678 -13.43 18.91 19.30
C ARG A 678 -12.47 19.03 18.10
N TRP A 679 -13.08 19.33 16.97
CA TRP A 679 -12.45 19.33 15.66
C TRP A 679 -12.70 20.69 15.02
N ALA A 680 -11.83 21.12 14.11
CA ALA A 680 -11.99 22.45 13.49
C ALA A 680 -11.29 22.57 12.14
N LYS A 681 -11.88 23.36 11.25
CA LYS A 681 -11.29 23.70 9.94
C LYS A 681 -9.98 24.50 10.02
N ASP A 682 -9.23 24.44 8.94
CA ASP A 682 -7.90 25.01 8.83
C ASP A 682 -8.11 26.41 8.29
N TYR A 683 -8.12 27.42 9.17
CA TYR A 683 -8.38 28.85 8.80
C TYR A 683 -7.15 29.75 8.77
N SER A 684 -6.39 29.68 9.85
CA SER A 684 -5.32 30.61 10.16
C SER A 684 -4.18 30.71 9.12
N SER A 685 -3.68 29.60 8.59
CA SER A 685 -2.50 29.60 7.71
C SER A 685 -2.42 30.78 6.70
N VAL A 686 -1.21 31.34 6.61
CA VAL A 686 -0.94 32.44 5.68
C VAL A 686 -0.94 31.88 4.25
N MET A 687 -0.31 30.73 4.07
CA MET A 687 -0.28 30.04 2.81
C MET A 687 -0.67 28.57 2.98
N GLU A 688 -1.03 27.95 1.86
CA GLU A 688 -1.42 26.54 1.83
C GLU A 688 -0.54 25.70 0.91
N THR A 689 -0.33 24.45 1.31
CA THR A 689 0.38 23.49 0.50
C THR A 689 -0.63 22.77 -0.39
N ALA A 690 -0.11 21.87 -1.22
CA ALA A 690 -0.93 20.95 -2.04
C ALA A 690 -0.52 19.51 -1.78
N GLU A 691 -0.30 19.19 -0.51
CA GLU A 691 0.11 17.85 -0.12
C GLU A 691 -1.05 16.89 -0.35
N PRO A 692 -0.90 15.96 -1.28
CA PRO A 692 -2.05 15.09 -1.45
C PRO A 692 -2.29 14.22 -0.22
N PHE A 693 -3.57 13.96 0.05
CA PHE A 693 -3.96 13.09 1.12
C PHE A 693 -5.28 12.44 0.80
N ALA A 694 -5.42 11.20 1.29
CA ALA A 694 -6.45 10.24 0.83
C ALA A 694 -7.87 10.72 1.07
N GLU A 695 -8.09 11.28 2.25
CA GLU A 695 -9.42 11.71 2.71
C GLU A 695 -9.84 13.07 2.09
N TRP A 696 -9.07 13.60 1.12
CA TRP A 696 -9.40 14.88 0.46
C TRP A 696 -10.73 14.83 -0.29
N ASP A 697 -11.55 15.85 -0.05
CA ASP A 697 -12.73 16.19 -0.86
C ASP A 697 -12.63 17.69 -1.21
N GLY A 698 -13.68 18.29 -1.72
CA GLY A 698 -13.63 19.71 -2.09
C GLY A 698 -13.07 20.62 -1.02
N THR A 699 -13.68 20.60 0.16
CA THR A 699 -13.32 21.51 1.26
C THR A 699 -12.96 20.68 2.50
N ASN A 700 -11.68 20.74 2.84
CA ASN A 700 -10.98 19.74 3.67
C ASN A 700 -9.49 20.07 3.63
N SER A 701 -8.72 19.56 4.59
CA SER A 701 -7.29 19.91 4.68
C SER A 701 -6.54 18.95 5.59
N LEU A 702 -5.28 18.78 5.25
CA LEU A 702 -4.37 17.92 6.02
C LEU A 702 -4.09 18.54 7.43
N TYR A 703 -4.30 19.85 7.57
CA TYR A 703 -4.06 20.54 8.81
C TYR A 703 -5.34 20.89 9.58
N ASP A 704 -6.48 20.31 9.20
CA ASP A 704 -7.69 20.34 10.04
C ASP A 704 -7.43 19.61 11.36
N VAL A 705 -7.98 20.14 12.43
CA VAL A 705 -7.89 19.50 13.73
C VAL A 705 -9.01 18.45 13.75
N ILE A 706 -8.66 17.19 13.89
CA ILE A 706 -9.64 16.09 13.86
C ILE A 706 -10.08 15.64 15.29
N PHE A 707 -9.23 15.87 16.28
CA PHE A 707 -9.65 15.82 17.70
C PHE A 707 -8.71 16.64 18.60
N THR A 708 -9.09 16.90 19.85
CA THR A 708 -8.27 17.65 20.81
C THR A 708 -8.13 16.76 22.02
N VAL A 709 -6.95 16.70 22.65
CA VAL A 709 -6.81 15.95 23.89
C VAL A 709 -6.41 16.79 25.08
N PHE A 710 -6.99 16.44 26.22
CA PHE A 710 -6.86 17.15 27.44
C PHE A 710 -6.23 16.28 28.49
N ALA A 711 -5.52 16.93 29.41
CA ALA A 711 -5.15 16.29 30.64
C ALA A 711 -5.01 17.30 31.78
N THR A 712 -4.84 16.77 32.99
CA THR A 712 -4.69 17.58 34.17
C THR A 712 -3.34 17.32 34.84
N ILE A 713 -2.67 18.41 35.25
CA ILE A 713 -1.50 18.35 36.12
C ILE A 713 -1.83 19.02 37.42
N THR A 714 -1.26 18.46 38.47
CA THR A 714 -1.36 19.01 39.80
C THR A 714 0.04 19.29 40.31
N ASN A 715 0.26 20.49 40.84
CA ASN A 715 1.50 20.74 41.53
C ASN A 715 1.49 20.01 42.87
N THR A 716 2.31 18.98 42.94
CA THR A 716 2.26 17.96 43.97
C THR A 716 3.42 18.11 44.98
N GLY A 717 4.31 19.08 44.74
CA GLY A 717 5.39 19.38 45.68
C GLY A 717 5.15 20.55 46.60
N ASN A 718 6.24 21.20 47.02
CA ASN A 718 6.25 22.25 48.06
C ASN A 718 6.63 23.68 47.53
N LEU A 719 6.61 23.89 46.21
CA LEU A 719 6.94 25.21 45.61
C LEU A 719 6.16 25.45 44.33
N THR A 720 5.93 26.72 43.99
CA THR A 720 5.38 27.05 42.66
C THR A 720 6.36 26.67 41.53
N GLY A 721 5.83 26.14 40.42
CA GLY A 721 6.64 25.90 39.22
C GLY A 721 5.82 25.89 37.95
N SER A 722 6.48 26.00 36.81
CA SER A 722 5.84 25.84 35.51
C SER A 722 6.17 24.46 35.02
N GLU A 723 5.26 23.83 34.28
CA GLU A 723 5.48 22.47 33.74
C GLU A 723 5.22 22.49 32.24
N VAL A 724 6.09 21.80 31.49
CA VAL A 724 5.95 21.56 30.06
C VAL A 724 5.39 20.17 29.87
N ALA A 725 4.10 20.07 29.53
CA ALA A 725 3.46 18.75 29.28
C ALA A 725 3.67 18.39 27.83
N GLN A 726 3.96 17.11 27.61
CA GLN A 726 4.20 16.58 26.25
C GLN A 726 3.21 15.46 25.94
N LEU A 727 2.86 15.37 24.66
CA LEU A 727 1.92 14.37 24.14
C LEU A 727 2.62 13.67 22.99
N TYR A 728 2.60 12.33 23.02
CA TYR A 728 3.21 11.49 22.01
C TYR A 728 2.16 10.57 21.47
N ILE A 729 2.14 10.38 20.17
CA ILE A 729 1.28 9.38 19.54
C ILE A 729 2.17 8.25 18.96
N SER A 730 1.76 6.99 19.17
CA SER A 730 2.28 5.83 18.40
C SER A 730 1.30 5.47 17.28
N ILE A 731 1.72 5.78 16.05
CA ILE A 731 0.96 5.54 14.85
C ILE A 731 1.24 4.10 14.45
N PRO A 732 0.19 3.31 14.23
CA PRO A 732 0.48 1.92 13.94
C PRO A 732 0.96 1.80 12.49
N GLY A 733 1.75 0.75 12.24
CA GLY A 733 2.28 0.45 10.92
C GLY A 733 3.53 -0.42 10.98
N ASP A 734 4.08 -0.72 9.81
CA ASP A 734 5.34 -1.47 9.70
C ASP A 734 6.47 -0.46 9.98
N ASN A 735 7.43 -0.82 10.85
CA ASN A 735 8.63 0.01 11.03
C ASN A 735 8.29 1.46 11.41
N GLN A 736 7.45 1.58 12.41
CA GLN A 736 6.96 2.88 12.87
C GLN A 736 7.68 3.13 14.21
N PRO A 737 7.99 4.41 14.53
CA PRO A 737 8.57 4.68 15.85
C PRO A 737 7.67 4.22 16.99
N VAL A 738 8.27 3.84 18.10
CA VAL A 738 7.53 3.63 19.33
C VAL A 738 6.63 4.84 19.61
N ARG A 739 7.18 6.05 19.51
CA ARG A 739 6.49 7.28 19.92
C ARG A 739 6.90 8.47 19.09
N GLN A 740 5.95 9.35 18.86
CA GLN A 740 6.14 10.54 18.06
C GLN A 740 5.45 11.70 18.74
N LEU A 741 6.24 12.73 19.04
CA LEU A 741 5.73 13.91 19.69
C LEU A 741 4.71 14.60 18.78
N ARG A 742 3.52 14.86 19.29
CA ARG A 742 2.53 15.56 18.53
C ARG A 742 1.83 16.65 19.39
N GLY A 743 2.43 17.02 20.52
CA GLY A 743 1.94 18.20 21.26
C GLY A 743 2.75 18.53 22.48
N PHE A 744 2.86 19.82 22.77
CA PHE A 744 3.38 20.31 24.05
C PHE A 744 2.55 21.49 24.51
N ASP A 745 2.60 21.74 25.79
CA ASP A 745 1.82 22.85 26.37
C ASP A 745 2.47 23.19 27.71
N LYS A 746 2.79 24.46 27.90
CA LYS A 746 3.50 24.91 29.09
C LYS A 746 2.57 25.67 30.06
N ILE A 747 2.28 25.05 31.20
CA ILE A 747 1.54 25.68 32.29
C ILE A 747 2.46 26.58 33.07
N LYS A 748 2.02 27.82 33.31
CA LYS A 748 2.87 28.83 33.97
C LYS A 748 2.59 28.99 35.46
N ASP A 749 3.65 28.92 36.28
CA ASP A 749 3.63 29.30 37.68
C ASP A 749 2.42 28.74 38.43
N LEU A 750 2.28 27.43 38.36
CA LEU A 750 1.22 26.69 39.02
C LEU A 750 1.48 26.62 40.51
N PRO A 751 0.59 27.22 41.31
CA PRO A 751 0.85 27.21 42.77
C PRO A 751 0.74 25.81 43.43
N VAL A 752 1.31 25.67 44.64
CA VAL A 752 1.31 24.39 45.35
C VAL A 752 -0.10 23.87 45.53
N GLY A 753 -0.36 22.63 45.11
CA GLY A 753 -1.68 22.01 45.27
C GLY A 753 -2.74 22.41 44.26
N ASP A 754 -2.45 23.33 43.34
CA ASP A 754 -3.42 23.74 42.33
C ASP A 754 -3.26 22.84 41.10
N SER A 755 -4.25 22.93 40.21
CA SER A 755 -4.37 22.11 39.05
C SER A 755 -4.64 22.92 37.82
N ALA A 756 -4.23 22.39 36.68
CA ALA A 756 -4.58 23.06 35.45
C ALA A 756 -4.72 22.04 34.35
N VAL A 757 -5.58 22.38 33.39
CA VAL A 757 -5.78 21.55 32.25
C VAL A 757 -4.80 21.92 31.18
N VAL A 758 -4.32 20.90 30.51
CA VAL A 758 -3.35 21.07 29.48
C VAL A 758 -4.02 20.49 28.23
N THR A 759 -3.90 21.22 27.12
CA THR A 759 -4.70 20.99 25.91
C THR A 759 -3.83 20.75 24.66
N PHE A 760 -4.22 19.76 23.84
CA PHE A 760 -3.44 19.24 22.68
C PHE A 760 -4.28 19.02 21.38
N PRO A 761 -4.47 20.08 20.58
CA PRO A 761 -5.21 19.81 19.34
C PRO A 761 -4.38 18.92 18.38
N ILE A 762 -5.02 17.93 17.80
CA ILE A 762 -4.38 16.99 16.90
C ILE A 762 -4.86 17.22 15.47
N ARG A 763 -3.93 17.36 14.53
CA ARG A 763 -4.29 17.60 13.12
C ARG A 763 -4.43 16.27 12.39
N ARG A 764 -5.01 16.31 11.20
CA ARG A 764 -4.99 15.14 10.37
C ARG A 764 -3.55 14.70 10.14
N LYS A 765 -2.67 15.62 9.77
CA LYS A 765 -1.32 15.25 9.38
C LYS A 765 -0.63 14.56 10.52
N ASP A 766 -0.98 14.98 11.72
CA ASP A 766 -0.41 14.41 12.96
C ASP A 766 -0.68 12.95 13.21
N VAL A 767 -1.66 12.36 12.49
CA VAL A 767 -1.93 10.93 12.60
C VAL A 767 -1.73 10.16 11.31
N SER A 768 -1.12 10.81 10.34
CA SER A 768 -1.01 10.24 9.02
C SER A 768 0.35 9.56 8.81
N SER A 769 0.40 8.65 7.83
CA SER A 769 1.65 8.17 7.24
C SER A 769 1.74 8.66 5.78
N TRP A 770 2.95 8.71 5.24
CA TRP A 770 3.13 8.84 3.77
C TRP A 770 3.14 7.43 3.06
N SER A 771 2.28 7.30 2.06
CA SER A 771 2.26 6.12 1.23
C SER A 771 3.20 6.39 0.05
N VAL A 772 4.30 5.62 0.00
CA VAL A 772 5.24 5.73 -1.10
C VAL A 772 4.64 5.17 -2.41
N VAL A 773 3.80 4.14 -2.31
CA VAL A 773 3.07 3.58 -3.49
C VAL A 773 2.04 4.58 -4.05
N ASP A 774 1.14 5.06 -3.19
CA ASP A 774 0.07 5.98 -3.63
C ASP A 774 0.50 7.46 -3.75
N GLN A 775 1.62 7.83 -3.10
CA GLN A 775 2.21 9.20 -3.13
C GLN A 775 1.24 10.17 -2.52
N LEU A 776 0.84 9.87 -1.28
CA LEU A 776 -0.07 10.74 -0.53
C LEU A 776 -0.02 10.42 0.97
N TRP A 777 -0.53 11.34 1.77
CA TRP A 777 -0.63 11.19 3.24
C TRP A 777 -1.92 10.49 3.57
N TYR A 778 -1.88 9.42 4.34
CA TYR A 778 -3.12 8.74 4.68
C TYR A 778 -3.14 8.50 6.16
N VAL A 779 -4.32 8.33 6.76
CA VAL A 779 -4.44 8.02 8.19
C VAL A 779 -4.56 6.51 8.35
N PRO A 780 -3.52 5.82 8.81
CA PRO A 780 -3.61 4.35 8.81
C PRO A 780 -4.67 3.79 9.73
N ASN A 781 -5.25 2.65 9.36
CA ASN A 781 -6.21 1.93 10.19
C ASN A 781 -5.39 1.16 11.20
N GLY A 782 -5.92 1.06 12.40
CA GLY A 782 -5.19 0.42 13.49
C GLY A 782 -5.44 1.14 14.78
N ASP A 783 -4.73 0.72 15.81
CA ASP A 783 -4.86 1.30 17.15
C ASP A 783 -3.74 2.31 17.34
N PHE A 784 -4.09 3.49 17.82
CA PHE A 784 -3.12 4.57 18.07
C PHE A 784 -2.96 4.70 19.56
N LEU A 785 -1.74 4.61 20.06
CA LEU A 785 -1.49 4.93 21.45
C LEU A 785 -1.25 6.44 21.57
N ILE A 786 -1.87 7.05 22.57
CA ILE A 786 -1.70 8.46 22.84
C ILE A 786 -1.23 8.56 24.26
N SER A 787 -0.05 9.15 24.48
CA SER A 787 0.55 9.22 25.83
C SER A 787 0.86 10.65 26.19
N VAL A 788 0.78 10.95 27.48
CA VAL A 788 1.01 12.30 27.96
C VAL A 788 1.80 12.30 29.25
N GLY A 789 2.73 13.24 29.36
CA GLY A 789 3.57 13.33 30.58
C GLY A 789 4.71 14.32 30.49
N GLY A 790 5.61 14.25 31.47
CA GLY A 790 6.72 15.21 31.60
C GLY A 790 7.89 15.07 30.61
N SER A 791 8.01 13.94 29.93
CA SER A 791 9.12 13.68 29.01
C SER A 791 8.80 12.50 28.10
N SER A 792 9.62 12.31 27.07
CA SER A 792 9.54 11.16 26.17
C SER A 792 9.61 9.81 26.90
N ARG A 793 10.07 9.81 28.15
CA ARG A 793 10.11 8.60 28.97
C ARG A 793 9.51 8.72 30.38
N ASP A 794 8.57 9.65 30.58
CA ASP A 794 7.86 9.74 31.85
C ASP A 794 6.48 10.13 31.42
N LEU A 795 5.70 9.12 31.03
CA LEU A 795 4.37 9.29 30.38
C LEU A 795 3.32 8.47 31.17
N PRO A 796 2.88 8.98 32.32
CA PRO A 796 2.01 8.16 33.18
C PRO A 796 0.56 7.97 32.69
N LEU A 797 0.12 8.77 31.71
CA LEU A 797 -1.19 8.66 31.13
C LEU A 797 -1.09 8.13 29.72
N ASN A 798 -1.96 7.17 29.40
CA ASN A 798 -2.11 6.67 28.04
C ASN A 798 -3.56 6.18 27.78
N THR A 799 -4.02 6.33 26.54
CA THR A 799 -5.26 5.73 26.07
C THR A 799 -5.10 5.30 24.61
N THR A 800 -6.17 4.73 24.03
CA THR A 800 -6.16 4.27 22.63
C THR A 800 -7.16 5.11 21.84
N TRP A 801 -6.86 5.32 20.57
CA TRP A 801 -7.73 5.97 19.64
C TRP A 801 -7.66 5.16 18.37
N THR A 802 -8.82 4.80 17.83
CA THR A 802 -8.97 4.12 16.52
C THR A 802 -9.81 5.04 15.60
N PRO A 803 -9.38 5.24 14.33
CA PRO A 803 -10.19 6.01 13.36
C PRO A 803 -11.23 5.15 12.63
N THR B 47 5.92 -27.44 9.17
CA THR B 47 6.48 -26.47 8.17
C THR B 47 6.46 -25.04 8.77
N GLN B 48 6.60 -24.02 7.91
CA GLN B 48 6.22 -22.66 8.26
C GLN B 48 4.68 -22.49 8.47
N TRP B 49 3.89 -23.55 8.27
CA TRP B 49 2.44 -23.44 8.04
C TRP B 49 1.64 -24.53 8.78
N PRO B 50 1.32 -24.27 10.06
CA PRO B 50 0.62 -25.26 10.85
C PRO B 50 -0.87 -25.34 10.49
N ALA B 51 -1.42 -26.54 10.65
CA ALA B 51 -2.82 -26.81 10.40
C ALA B 51 -3.70 -26.17 11.50
N PRO B 52 -4.58 -25.21 11.14
CA PRO B 52 -5.53 -24.69 12.16
C PRO B 52 -6.69 -25.66 12.36
N LEU B 53 -7.23 -25.68 13.56
CA LEU B 53 -8.30 -26.61 13.89
C LEU B 53 -9.63 -26.01 13.48
N ALA B 54 -10.53 -26.90 13.07
CA ALA B 54 -11.88 -26.53 12.73
C ALA B 54 -12.59 -26.04 13.98
N ASN B 55 -13.38 -25.00 13.79
CA ASN B 55 -14.28 -24.48 14.81
C ASN B 55 -15.71 -24.36 14.26
N GLY B 56 -15.97 -24.89 13.06
CA GLY B 56 -17.31 -24.88 12.52
C GLY B 56 -17.73 -23.56 11.93
N GLY B 57 -16.92 -22.52 12.08
CA GLY B 57 -17.21 -21.18 11.50
C GLY B 57 -18.64 -20.69 11.65
N LYS B 58 -19.22 -20.11 10.60
CA LYS B 58 -20.51 -19.43 10.71
C LYS B 58 -21.73 -20.36 10.85
N SER B 59 -22.10 -21.01 9.76
CA SER B 59 -23.36 -21.78 9.72
C SER B 59 -23.30 -23.21 10.29
N TRP B 60 -22.10 -23.73 10.49
CA TRP B 60 -21.96 -25.12 10.88
C TRP B 60 -21.55 -25.31 12.35
N ALA B 61 -21.54 -24.22 13.12
CA ALA B 61 -21.29 -24.22 14.59
C ALA B 61 -21.89 -25.41 15.34
N SER B 62 -23.17 -25.71 15.14
CA SER B 62 -23.83 -26.79 15.88
C SER B 62 -23.37 -28.16 15.35
N ALA B 63 -23.24 -28.27 14.03
CA ALA B 63 -22.83 -29.50 13.39
C ALA B 63 -21.45 -29.88 13.90
N PHE B 64 -20.55 -28.93 13.84
CA PHE B 64 -19.21 -29.08 14.44
C PHE B 64 -19.20 -29.66 15.88
N LYS B 65 -20.04 -29.10 16.74
CA LYS B 65 -20.11 -29.50 18.11
C LYS B 65 -20.48 -30.98 18.18
N LYS B 66 -21.50 -31.40 17.42
CA LYS B 66 -21.88 -32.82 17.24
C LYS B 66 -20.74 -33.69 16.66
N ALA B 67 -20.10 -33.18 15.59
CA ALA B 67 -18.89 -33.76 15.06
C ALA B 67 -17.78 -33.87 16.11
N LYS B 68 -17.53 -32.81 16.90
CA LYS B 68 -16.47 -32.89 17.92
C LYS B 68 -16.76 -33.88 19.06
N ALA B 69 -18.02 -33.99 19.46
CA ALA B 69 -18.43 -35.03 20.44
C ALA B 69 -18.10 -36.44 19.95
N THR B 70 -18.60 -36.75 18.76
CA THR B 70 -18.43 -38.08 18.16
C THR B 70 -16.97 -38.42 17.89
N VAL B 71 -16.17 -37.42 17.52
CA VAL B 71 -14.76 -37.64 17.26
C VAL B 71 -14.02 -37.89 18.59
N THR B 72 -14.52 -37.35 19.70
CA THR B 72 -13.91 -37.60 21.04
C THR B 72 -14.12 -39.03 21.51
N GLU B 73 -15.24 -39.65 21.12
CA GLU B 73 -15.50 -41.07 21.34
C GLU B 73 -14.62 -42.00 20.53
N MET B 74 -13.99 -41.51 19.47
CA MET B 74 -13.48 -42.45 18.47
C MET B 74 -12.14 -43.07 18.87
N THR B 75 -11.96 -44.36 18.60
CA THR B 75 -10.61 -44.97 18.67
C THR B 75 -9.76 -44.52 17.46
N VAL B 76 -8.46 -44.81 17.55
CA VAL B 76 -7.51 -44.53 16.49
C VAL B 76 -7.77 -45.44 15.30
N GLU B 77 -8.14 -46.69 15.57
CA GLU B 77 -8.52 -47.65 14.55
C GLU B 77 -9.74 -47.10 13.77
N GLU B 78 -10.71 -46.54 14.50
CA GLU B 78 -11.90 -45.91 13.92
C GLU B 78 -11.59 -44.61 13.16
N LEU B 79 -10.68 -43.80 13.69
CA LEU B 79 -10.20 -42.63 12.97
C LEU B 79 -9.59 -42.96 11.62
N ALA B 80 -8.72 -43.97 11.54
CA ALA B 80 -8.12 -44.30 10.26
C ALA B 80 -9.15 -44.90 9.31
N ASN B 81 -10.27 -45.38 9.88
CA ASN B 81 -11.36 -45.97 9.11
C ASN B 81 -12.15 -44.89 8.38
N ILE B 82 -12.57 -43.86 9.10
CA ILE B 82 -13.44 -42.87 8.49
C ILE B 82 -12.70 -42.02 7.48
N THR B 83 -11.38 -42.02 7.61
CA THR B 83 -10.51 -41.04 7.02
C THR B 83 -9.79 -41.60 5.74
N SER B 84 -10.13 -42.86 5.38
CA SER B 84 -9.65 -43.50 4.15
C SER B 84 -10.75 -44.34 3.46
N GLY B 85 -10.60 -44.50 2.15
CA GLY B 85 -11.58 -45.23 1.37
C GLY B 85 -11.71 -46.75 1.51
N VAL B 86 -12.95 -47.24 1.40
CA VAL B 86 -13.24 -48.68 1.42
C VAL B 86 -14.00 -49.18 0.16
N ILE B 87 -14.16 -50.50 0.02
CA ILE B 87 -14.80 -51.05 -1.17
C ILE B 87 -16.28 -50.87 -1.02
N GLY B 88 -16.88 -50.28 -2.03
CA GLY B 88 -18.35 -50.21 -2.14
C GLY B 88 -18.77 -49.79 -3.53
N LEU B 89 -20.06 -49.54 -3.70
CA LEU B 89 -20.68 -49.32 -5.02
C LEU B 89 -20.41 -47.98 -5.67
N CYS B 90 -20.04 -47.01 -4.82
CA CYS B 90 -19.81 -45.63 -5.21
C CYS B 90 -18.33 -45.30 -5.49
N SER B 91 -18.14 -44.22 -6.23
CA SER B 91 -16.82 -43.72 -6.60
C SER B 91 -15.82 -43.74 -5.43
N GLY B 92 -16.29 -43.36 -4.25
CA GLY B 92 -15.50 -43.45 -3.02
C GLY B 92 -16.44 -43.90 -1.95
N VAL B 93 -15.91 -44.55 -0.92
CA VAL B 93 -16.72 -44.91 0.27
C VAL B 93 -15.84 -44.66 1.52
N THR B 94 -16.31 -43.90 2.49
CA THR B 94 -15.57 -43.72 3.73
C THR B 94 -15.92 -44.92 4.57
N GLY B 95 -14.98 -45.36 5.42
CA GLY B 95 -15.21 -46.49 6.32
C GLY B 95 -16.25 -46.07 7.32
N ALA B 96 -17.09 -47.01 7.74
CA ALA B 96 -18.03 -46.74 8.84
C ALA B 96 -17.32 -46.61 10.20
N VAL B 97 -18.04 -46.11 11.19
CA VAL B 97 -17.60 -46.18 12.56
C VAL B 97 -18.76 -46.91 13.23
N THR B 98 -18.74 -48.24 13.13
CA THR B 98 -19.97 -49.00 13.36
C THR B 98 -20.40 -49.00 14.82
N ARG B 99 -19.44 -48.91 15.75
CA ARG B 99 -19.68 -48.80 17.22
C ARG B 99 -20.53 -47.58 17.57
N LEU B 100 -20.18 -46.45 16.95
CA LEU B 100 -20.93 -45.19 17.06
C LEU B 100 -22.09 -45.01 16.05
N GLY B 101 -22.48 -46.06 15.32
CA GLY B 101 -23.55 -45.95 14.30
C GLY B 101 -23.36 -44.87 13.24
N ILE B 102 -22.11 -44.60 12.85
CA ILE B 102 -21.80 -43.69 11.76
C ILE B 102 -21.70 -44.59 10.55
N PRO B 103 -22.56 -44.35 9.55
CA PRO B 103 -22.49 -45.22 8.38
C PRO B 103 -21.34 -44.89 7.40
N GLU B 104 -21.17 -45.77 6.41
CA GLU B 104 -20.34 -45.51 5.27
C GLU B 104 -20.92 -44.31 4.49
N PHE B 105 -20.08 -43.33 4.13
CA PHE B 105 -20.51 -42.27 3.22
C PHE B 105 -20.20 -42.61 1.77
N CYS B 106 -21.22 -42.50 0.92
CA CYS B 106 -21.10 -42.61 -0.54
C CYS B 106 -20.62 -41.29 -1.18
N LEU B 107 -19.37 -41.30 -1.66
CA LEU B 107 -18.79 -40.18 -2.38
C LEU B 107 -19.01 -40.55 -3.84
N GLN B 108 -19.66 -39.68 -4.60
CA GLN B 108 -20.08 -40.07 -5.96
C GLN B 108 -19.97 -38.95 -6.96
N ASP B 109 -19.36 -39.25 -8.11
CA ASP B 109 -19.40 -38.36 -9.25
C ASP B 109 -20.75 -38.11 -9.81
N GLY B 110 -20.92 -37.01 -10.52
CA GLY B 110 -19.91 -35.98 -10.76
C GLY B 110 -20.58 -34.66 -11.16
N PRO B 111 -19.84 -33.80 -11.89
CA PRO B 111 -20.42 -32.46 -12.02
C PRO B 111 -21.57 -32.24 -13.01
N ILE B 112 -22.16 -33.30 -13.58
CA ILE B 112 -23.47 -33.20 -14.24
C ILE B 112 -24.57 -34.00 -13.53
N GLY B 113 -24.30 -34.48 -12.32
CA GLY B 113 -25.26 -35.29 -11.57
C GLY B 113 -24.66 -36.67 -11.46
N PRO B 114 -25.30 -37.55 -10.68
CA PRO B 114 -24.67 -38.77 -10.32
C PRO B 114 -24.37 -39.64 -11.52
N ARG B 115 -23.12 -40.10 -11.56
CA ARG B 115 -22.55 -40.83 -12.69
C ARG B 115 -22.70 -42.33 -12.47
N GLY B 116 -22.85 -43.05 -13.58
CA GLY B 116 -22.93 -44.49 -13.59
C GLY B 116 -24.21 -45.11 -13.10
N VAL B 117 -25.31 -44.35 -13.08
CA VAL B 117 -26.60 -44.81 -12.54
C VAL B 117 -27.74 -44.78 -13.56
N HIS B 118 -28.68 -45.71 -13.43
CA HIS B 118 -29.92 -45.67 -14.22
C HIS B 118 -30.99 -44.94 -13.42
N GLY B 119 -32.08 -44.60 -14.06
CA GLY B 119 -33.16 -43.92 -13.33
C GLY B 119 -32.98 -42.44 -13.11
N SER B 120 -31.98 -41.86 -13.76
CA SER B 120 -31.63 -40.45 -13.59
C SER B 120 -31.66 -39.72 -14.91
N SER B 121 -31.40 -38.41 -14.84
CA SER B 121 -31.45 -37.49 -15.96
C SER B 121 -30.03 -37.02 -16.35
N GLN B 122 -29.75 -36.90 -17.65
CA GLN B 122 -28.50 -36.31 -18.14
C GLN B 122 -28.58 -34.80 -18.24
N PHE B 123 -28.03 -34.10 -17.24
CA PHE B 123 -28.06 -32.64 -17.23
C PHE B 123 -27.00 -32.10 -18.17
N PRO B 124 -27.18 -30.88 -18.62
CA PRO B 124 -26.15 -30.25 -19.39
C PRO B 124 -24.90 -29.96 -18.54
N ALA B 125 -23.78 -29.80 -19.24
CA ALA B 125 -22.50 -29.52 -18.59
C ALA B 125 -22.46 -28.12 -17.96
N GLY B 126 -21.40 -27.86 -17.23
CA GLY B 126 -21.23 -26.58 -16.55
C GLY B 126 -20.97 -25.49 -17.56
N LEU B 127 -20.22 -25.86 -18.60
CA LEU B 127 -19.93 -25.04 -19.77
C LEU B 127 -21.20 -24.52 -20.37
N THR B 128 -22.17 -25.42 -20.56
CA THR B 128 -23.44 -25.08 -21.17
C THR B 128 -24.23 -24.10 -20.31
N VAL B 129 -24.37 -24.40 -19.03
CA VAL B 129 -25.12 -23.53 -18.12
C VAL B 129 -24.49 -22.15 -17.99
N ALA B 130 -23.17 -22.11 -18.08
CA ALA B 130 -22.44 -20.83 -18.05
C ALA B 130 -22.78 -19.97 -19.28
N ALA B 131 -22.96 -20.63 -20.42
CA ALA B 131 -23.29 -19.94 -21.66
C ALA B 131 -24.66 -19.31 -21.59
N THR B 132 -25.46 -19.67 -20.59
CA THR B 132 -26.73 -18.95 -20.34
C THR B 132 -26.57 -17.59 -19.65
N TRP B 133 -25.45 -17.36 -18.97
CA TRP B 133 -25.27 -16.19 -18.10
C TRP B 133 -26.53 -15.92 -17.28
N ASP B 134 -27.18 -16.97 -16.75
CA ASP B 134 -28.47 -16.84 -16.05
C ASP B 134 -28.34 -17.51 -14.67
N ARG B 135 -28.13 -16.68 -13.66
CA ARG B 135 -27.95 -17.15 -12.27
C ARG B 135 -29.09 -18.08 -11.80
N THR B 136 -30.29 -17.83 -12.31
CA THR B 136 -31.45 -18.64 -11.99
C THR B 136 -31.32 -20.06 -12.53
N LEU B 137 -30.81 -20.22 -13.76
CA LEU B 137 -30.58 -21.56 -14.33
C LEU B 137 -29.35 -22.26 -13.72
N MET B 138 -28.29 -21.50 -13.44
CA MET B 138 -27.15 -22.00 -12.63
C MET B 138 -27.60 -22.68 -11.31
N TYR B 139 -28.39 -21.95 -10.51
CA TYR B 139 -28.85 -22.47 -9.22
C TYR B 139 -29.74 -23.70 -9.44
N ALA B 140 -30.78 -23.56 -10.28
CA ALA B 140 -31.82 -24.60 -10.47
C ALA B 140 -31.22 -25.88 -11.06
N ARG B 141 -30.28 -25.73 -12.00
CA ARG B 141 -29.51 -26.87 -12.49
C ARG B 141 -29.01 -27.77 -11.33
N ALA B 142 -28.27 -27.12 -10.44
CA ALA B 142 -27.58 -27.77 -9.34
C ALA B 142 -28.52 -28.34 -8.34
N ARG B 143 -29.61 -27.59 -8.07
CA ARG B 143 -30.71 -28.13 -7.29
C ARG B 143 -31.31 -29.42 -7.90
N GLY B 144 -31.53 -29.44 -9.23
CA GLY B 144 -32.08 -30.61 -9.87
C GLY B 144 -31.11 -31.78 -9.67
N MET B 145 -29.84 -31.54 -10.03
CA MET B 145 -28.73 -32.49 -9.73
C MET B 145 -28.69 -32.93 -8.24
N GLY B 146 -28.67 -31.97 -7.36
CA GLY B 146 -28.88 -32.26 -5.96
C GLY B 146 -29.96 -33.25 -5.61
N GLN B 147 -31.13 -33.07 -6.15
CA GLN B 147 -32.26 -33.94 -5.89
C GLN B 147 -32.00 -35.39 -6.33
N GLU B 148 -31.41 -35.54 -7.52
CA GLU B 148 -31.09 -36.88 -8.03
C GLU B 148 -29.98 -37.61 -7.25
N PHE B 149 -28.93 -36.89 -6.87
CA PHE B 149 -27.89 -37.40 -5.94
C PHE B 149 -28.51 -37.92 -4.65
N HIS B 150 -29.29 -37.06 -3.98
CA HIS B 150 -29.92 -37.44 -2.76
C HIS B 150 -30.71 -38.71 -2.94
N ASP B 151 -31.54 -38.69 -3.97
CA ASP B 151 -32.52 -39.77 -4.14
C ASP B 151 -31.84 -41.08 -4.52
N GLN B 152 -30.67 -41.00 -5.15
CA GLN B 152 -29.84 -42.20 -5.40
C GLN B 152 -29.01 -42.68 -4.19
N GLY B 153 -28.97 -41.91 -3.12
CA GLY B 153 -28.30 -42.29 -1.89
C GLY B 153 -26.90 -41.79 -1.76
N VAL B 154 -26.57 -40.69 -2.41
CA VAL B 154 -25.24 -40.12 -2.29
C VAL B 154 -25.17 -39.19 -1.06
N HIS B 155 -24.09 -39.33 -0.28
CA HIS B 155 -23.77 -38.43 0.82
C HIS B 155 -22.96 -37.19 0.36
N LEU B 156 -21.99 -37.42 -0.54
CA LEU B 156 -21.05 -36.38 -1.04
C LEU B 156 -20.97 -36.49 -2.57
N ALA B 157 -21.36 -35.40 -3.21
CA ALA B 157 -21.21 -35.25 -4.65
C ALA B 157 -19.79 -34.83 -4.97
N LEU B 158 -19.21 -35.39 -6.00
CA LEU B 158 -17.90 -34.96 -6.41
C LEU B 158 -18.15 -33.91 -7.47
N ALA B 159 -18.59 -32.77 -6.93
CA ALA B 159 -19.02 -31.61 -7.71
C ALA B 159 -19.16 -30.42 -6.76
N PRO B 160 -19.07 -29.20 -7.27
CA PRO B 160 -18.90 -28.90 -8.69
C PRO B 160 -17.44 -28.64 -9.00
N VAL B 161 -17.15 -28.36 -10.26
CA VAL B 161 -15.83 -27.92 -10.60
C VAL B 161 -15.91 -26.43 -10.42
N THR B 162 -15.07 -25.89 -9.54
CA THR B 162 -15.07 -24.49 -9.20
C THR B 162 -13.71 -23.80 -9.40
N GLY B 163 -13.30 -23.74 -10.66
CA GLY B 163 -12.10 -22.99 -11.04
C GLY B 163 -10.78 -23.79 -11.08
N GLY B 164 -10.90 -25.12 -11.10
CA GLY B 164 -9.81 -26.01 -11.49
C GLY B 164 -10.27 -27.23 -12.28
N PRO B 165 -10.06 -27.30 -13.60
CA PRO B 165 -9.56 -26.25 -14.45
C PRO B 165 -10.49 -25.02 -14.55
N LEU B 166 -9.90 -23.84 -14.70
CA LEU B 166 -10.61 -22.59 -14.86
C LEU B 166 -10.59 -22.20 -16.32
N GLY B 167 -9.39 -22.23 -16.91
CA GLY B 167 -9.24 -22.05 -18.35
C GLY B 167 -8.00 -21.40 -18.91
N ARG B 168 -6.83 -21.79 -18.43
CA ARG B 168 -5.57 -21.27 -18.97
C ARG B 168 -5.34 -21.76 -20.41
N THR B 169 -5.81 -22.96 -20.74
CA THR B 169 -5.80 -23.52 -22.14
C THR B 169 -7.20 -23.74 -22.69
N PRO B 170 -7.46 -23.29 -23.93
CA PRO B 170 -8.69 -23.71 -24.56
C PRO B 170 -8.68 -25.19 -25.00
N LEU B 171 -7.53 -25.87 -24.91
CA LEU B 171 -7.41 -27.28 -25.27
C LEU B 171 -7.59 -28.23 -24.11
N ASN B 172 -7.91 -27.73 -22.92
CA ASN B 172 -8.02 -28.59 -21.76
C ASN B 172 -9.16 -29.57 -21.98
N GLY B 173 -8.86 -30.86 -21.86
CA GLY B 173 -9.81 -31.90 -22.26
C GLY B 173 -11.02 -32.07 -21.36
N ARG B 174 -10.94 -31.55 -20.16
CA ARG B 174 -12.11 -31.47 -19.29
C ARG B 174 -12.57 -30.04 -18.91
N GLY B 175 -12.19 -29.01 -19.67
CA GLY B 175 -12.58 -27.61 -19.33
C GLY B 175 -14.09 -27.43 -19.27
N TRP B 176 -14.77 -28.16 -20.14
CA TRP B 176 -16.23 -28.25 -20.15
C TRP B 176 -16.93 -28.55 -18.80
N GLU B 177 -16.21 -29.19 -17.88
CA GLU B 177 -16.79 -29.52 -16.58
C GLU B 177 -17.08 -28.25 -15.75
N GLY B 178 -16.19 -27.26 -15.92
CA GLY B 178 -16.33 -25.94 -15.30
C GLY B 178 -17.35 -25.09 -16.03
N THR B 179 -17.08 -23.80 -16.09
CA THR B 179 -18.07 -22.85 -16.53
C THR B 179 -17.36 -21.83 -17.35
N PHE B 180 -16.90 -20.76 -16.74
CA PHE B 180 -16.35 -19.61 -17.46
C PHE B 180 -14.85 -19.58 -17.37
N ALA B 181 -14.21 -19.07 -18.41
CA ALA B 181 -12.75 -18.87 -18.37
C ALA B 181 -12.50 -17.50 -17.75
N ASP B 182 -13.01 -17.29 -16.55
CA ASP B 182 -13.00 -15.94 -15.97
C ASP B 182 -13.31 -16.05 -14.52
N PRO B 183 -12.47 -15.48 -13.64
CA PRO B 183 -12.63 -15.78 -12.22
C PRO B 183 -13.93 -15.29 -11.59
N TYR B 184 -14.46 -14.13 -12.05
CA TYR B 184 -15.67 -13.54 -11.43
C TYR B 184 -16.86 -14.42 -11.77
N ALA B 185 -17.02 -14.70 -13.07
CA ALA B 185 -18.18 -15.44 -13.57
C ALA B 185 -18.20 -16.90 -13.09
N CYS B 186 -17.05 -17.57 -13.24
CA CYS B 186 -16.84 -18.88 -12.66
C CYS B 186 -17.19 -18.83 -11.22
N GLY B 187 -16.79 -17.73 -10.57
CA GLY B 187 -17.01 -17.51 -9.16
C GLY B 187 -18.46 -17.55 -8.81
N GLU B 188 -19.22 -16.73 -9.53
CA GLU B 188 -20.65 -16.58 -9.29
C GLU B 188 -21.38 -17.90 -9.55
N ALA B 189 -21.05 -18.58 -10.65
CA ALA B 189 -21.64 -19.90 -10.95
C ALA B 189 -21.21 -20.92 -9.94
N SER B 190 -19.98 -20.78 -9.42
CA SER B 190 -19.48 -21.65 -8.36
C SER B 190 -20.29 -21.57 -7.07
N TYR B 191 -20.64 -20.34 -6.69
CA TYR B 191 -21.43 -20.13 -5.49
C TYR B 191 -22.77 -20.85 -5.68
N LEU B 192 -23.43 -20.62 -6.81
CA LEU B 192 -24.80 -21.13 -7.02
C LEU B 192 -24.86 -22.65 -7.20
N SER B 193 -23.88 -23.19 -7.91
CA SER B 193 -23.80 -24.63 -8.10
C SER B 193 -23.70 -25.23 -6.72
N VAL B 194 -22.81 -24.70 -5.90
CA VAL B 194 -22.60 -25.29 -4.56
C VAL B 194 -23.84 -25.18 -3.72
N LYS B 195 -24.44 -24.01 -3.70
CA LYS B 195 -25.64 -23.77 -2.88
C LYS B 195 -26.81 -24.63 -3.33
N GLY B 196 -26.95 -24.80 -4.64
CA GLY B 196 -27.94 -25.69 -5.19
C GLY B 196 -27.86 -27.13 -4.70
N LEU B 197 -26.64 -27.66 -4.65
CA LEU B 197 -26.43 -29.03 -4.23
C LEU B 197 -26.63 -29.17 -2.74
N THR B 198 -26.14 -28.22 -1.96
CA THR B 198 -26.31 -28.33 -0.51
C THR B 198 -27.75 -28.05 -0.07
N ASP B 199 -28.53 -27.30 -0.86
CA ASP B 199 -29.96 -27.08 -0.52
C ASP B 199 -30.81 -28.35 -0.69
N ALA B 200 -30.40 -29.23 -1.61
CA ALA B 200 -30.83 -30.64 -1.61
C ALA B 200 -30.00 -31.20 -0.51
N GLY B 201 -30.22 -32.40 -0.09
CA GLY B 201 -29.46 -32.83 1.08
C GLY B 201 -28.05 -33.31 0.84
N VAL B 202 -27.35 -32.84 -0.22
CA VAL B 202 -26.03 -33.38 -0.55
C VAL B 202 -24.81 -32.51 -0.25
N ALA B 203 -23.78 -33.17 0.27
CA ALA B 203 -22.55 -32.51 0.61
C ALA B 203 -21.76 -32.38 -0.67
N THR B 204 -21.08 -31.25 -0.87
CA THR B 204 -20.30 -31.00 -2.07
C THR B 204 -18.82 -31.22 -1.81
N VAL B 205 -18.11 -31.62 -2.85
CA VAL B 205 -16.66 -31.76 -2.82
C VAL B 205 -16.22 -30.97 -4.05
N SER B 206 -15.97 -29.68 -3.85
CA SER B 206 -15.66 -28.77 -4.94
C SER B 206 -14.30 -29.04 -5.46
N LYS B 207 -14.16 -29.12 -6.78
CA LYS B 207 -12.89 -29.57 -7.37
C LYS B 207 -12.42 -28.63 -8.49
N HIS B 208 -11.12 -28.57 -8.81
CA HIS B 208 -10.00 -29.22 -8.12
C HIS B 208 -9.03 -28.13 -7.62
N TRP B 209 -8.75 -28.09 -6.30
CA TRP B 209 -7.78 -27.17 -5.70
C TRP B 209 -6.34 -27.66 -5.97
N ILE B 210 -5.52 -27.00 -6.77
CA ILE B 210 -5.74 -25.69 -7.41
C ILE B 210 -4.66 -25.54 -8.50
N ALA B 211 -4.85 -24.60 -9.44
CA ALA B 211 -3.97 -24.48 -10.62
C ALA B 211 -3.92 -25.75 -11.50
N TYR B 212 -5.02 -26.50 -11.47
CA TYR B 212 -5.14 -27.74 -12.22
C TYR B 212 -5.51 -27.38 -13.68
N GLU B 213 -4.54 -26.89 -14.46
CA GLU B 213 -4.80 -26.34 -15.80
C GLU B 213 -4.37 -27.17 -17.00
N GLN B 214 -3.98 -28.43 -16.78
CA GLN B 214 -3.77 -29.36 -17.89
C GLN B 214 -3.85 -30.84 -17.50
N GLU B 215 -4.36 -31.63 -18.44
CA GLU B 215 -4.55 -33.06 -18.26
C GLU B 215 -3.28 -33.82 -18.63
N THR B 216 -2.59 -33.35 -19.67
CA THR B 216 -1.27 -33.86 -20.03
C THR B 216 -0.28 -33.82 -18.81
N SER B 217 0.27 -34.98 -18.47
CA SER B 217 1.23 -35.12 -17.33
C SER B 217 0.65 -34.81 -15.93
N ARG B 218 -0.66 -34.96 -15.82
CA ARG B 218 -1.31 -34.81 -14.53
C ARG B 218 -0.86 -35.96 -13.65
N ASN B 219 -0.64 -37.11 -14.28
CA ASN B 219 0.14 -38.19 -13.71
C ASN B 219 -0.33 -38.50 -12.31
N LEU B 220 -1.56 -38.96 -12.21
CA LEU B 220 -2.09 -39.42 -10.94
C LEU B 220 -1.24 -40.59 -10.50
N TYR B 221 -1.17 -40.83 -9.19
CA TYR B 221 -0.47 -42.01 -8.67
C TYR B 221 -1.28 -43.31 -8.95
N ILE B 222 -0.68 -44.23 -9.73
CA ILE B 222 -1.15 -45.63 -10.00
C ILE B 222 0.09 -46.54 -9.86
N ASP B 223 -0.13 -47.69 -9.25
CA ASP B 223 0.86 -48.77 -9.23
C ASP B 223 0.07 -50.01 -9.66
N ILE B 224 0.20 -50.34 -10.94
CA ILE B 224 -0.59 -51.38 -11.55
C ILE B 224 0.24 -52.29 -12.50
N ASP B 225 0.08 -53.62 -12.32
CA ASP B 225 0.75 -54.61 -13.14
C ASP B 225 2.28 -54.33 -13.32
N GLY B 226 2.91 -53.99 -12.20
CA GLY B 226 4.33 -53.72 -12.14
C GLY B 226 4.73 -52.29 -12.35
N VAL B 227 4.12 -51.58 -13.31
CA VAL B 227 4.54 -50.19 -13.69
C VAL B 227 3.84 -49.10 -12.82
N SER B 228 4.66 -48.28 -12.16
CA SER B 228 4.24 -47.22 -11.23
C SER B 228 4.62 -45.86 -11.81
N GLN B 229 3.67 -44.91 -11.74
CA GLN B 229 3.84 -43.56 -12.34
C GLN B 229 5.02 -42.78 -11.74
N ALA B 230 5.25 -42.97 -10.43
CA ALA B 230 6.42 -42.46 -9.72
C ALA B 230 7.77 -42.81 -10.38
N ASP B 231 7.82 -43.97 -11.04
CA ASP B 231 9.00 -44.43 -11.79
C ASP B 231 9.11 -43.85 -13.18
N ILE B 232 8.07 -43.14 -13.66
CA ILE B 232 8.03 -42.61 -15.04
C ILE B 232 8.10 -41.08 -15.08
N GLN B 233 7.20 -40.43 -14.35
CA GLN B 233 7.12 -38.97 -14.38
C GLN B 233 6.29 -38.44 -13.23
N LEU B 234 6.76 -37.36 -12.64
CA LEU B 234 6.02 -36.73 -11.56
C LEU B 234 4.92 -35.86 -12.19
N PRO B 235 3.90 -35.48 -11.39
CA PRO B 235 2.87 -34.61 -11.93
C PRO B 235 3.45 -33.30 -12.40
N ILE B 236 2.90 -32.79 -13.50
CA ILE B 236 3.20 -31.44 -13.91
C ILE B 236 3.16 -30.47 -12.69
N SER B 237 4.19 -29.63 -12.54
CA SER B 237 4.21 -28.62 -11.48
C SER B 237 3.67 -27.31 -12.04
N SER B 238 2.50 -26.91 -11.54
CA SER B 238 1.99 -25.57 -11.85
C SER B 238 2.76 -24.57 -10.94
N ASN B 239 3.59 -23.71 -11.55
CA ASN B 239 4.40 -22.73 -10.80
C ASN B 239 3.82 -21.34 -10.91
N VAL B 240 3.24 -20.89 -9.80
CA VAL B 240 2.29 -19.79 -9.80
C VAL B 240 2.74 -18.72 -8.84
N ASP B 241 2.90 -17.50 -9.31
CA ASP B 241 3.24 -16.44 -8.39
C ASP B 241 2.03 -16.15 -7.42
N ASP B 242 2.30 -15.37 -6.38
CA ASP B 242 1.33 -15.14 -5.34
C ASP B 242 0.17 -14.28 -5.80
N LEU B 243 0.43 -13.32 -6.68
CA LEU B 243 -0.64 -12.44 -7.14
C LEU B 243 -1.62 -13.23 -7.99
N THR B 244 -1.11 -13.89 -9.00
CA THR B 244 -1.88 -14.76 -9.87
C THR B 244 -2.72 -15.75 -9.08
N MET B 245 -2.14 -16.38 -8.06
CA MET B 245 -2.86 -17.39 -7.28
C MET B 245 -4.05 -16.78 -6.53
N HIS B 246 -3.88 -15.60 -5.95
CA HIS B 246 -4.95 -14.95 -5.22
C HIS B 246 -5.98 -14.35 -6.20
N GLU B 247 -5.50 -13.61 -7.20
CA GLU B 247 -6.41 -12.87 -8.07
C GLU B 247 -7.13 -13.74 -9.14
N LEU B 248 -6.42 -14.72 -9.70
CA LEU B 248 -6.97 -15.60 -10.73
C LEU B 248 -7.57 -16.88 -10.18
N TYR B 249 -6.74 -17.79 -9.69
CA TYR B 249 -7.16 -19.15 -9.36
C TYR B 249 -7.90 -19.32 -8.02
N MET B 250 -7.59 -18.52 -7.00
CA MET B 250 -8.33 -18.62 -5.72
C MET B 250 -9.75 -18.00 -5.72
N TRP B 251 -10.05 -17.11 -6.68
CA TRP B 251 -11.29 -16.35 -6.69
C TRP B 251 -12.51 -17.24 -6.59
N SER B 252 -12.61 -18.21 -7.49
CA SER B 252 -13.76 -19.12 -7.53
C SER B 252 -13.83 -20.04 -6.33
N PHE B 253 -12.69 -20.48 -5.82
CA PHE B 253 -12.73 -21.30 -4.60
C PHE B 253 -13.21 -20.55 -3.36
N ALA B 254 -12.81 -19.30 -3.26
CA ALA B 254 -13.34 -18.43 -2.22
C ALA B 254 -14.87 -18.41 -2.19
N GLU B 255 -15.45 -18.13 -3.35
CA GLU B 255 -16.91 -18.20 -3.52
C GLU B 255 -17.51 -19.56 -3.10
N ALA B 256 -16.87 -20.64 -3.55
CA ALA B 256 -17.29 -22.01 -3.18
C ALA B 256 -17.28 -22.22 -1.69
N VAL B 257 -16.20 -21.75 -1.03
CA VAL B 257 -16.07 -21.79 0.46
C VAL B 257 -17.14 -20.92 1.11
N ARG B 258 -17.43 -19.77 0.54
CA ARG B 258 -18.45 -18.86 1.08
C ARG B 258 -19.87 -19.36 0.90
N ALA B 259 -20.11 -20.10 -0.16
CA ALA B 259 -21.39 -20.72 -0.40
C ALA B 259 -21.57 -21.97 0.45
N GLY B 260 -20.47 -22.55 0.87
CA GLY B 260 -20.49 -23.54 1.87
C GLY B 260 -20.06 -24.91 1.46
N THR B 261 -19.20 -25.14 0.47
CA THR B 261 -18.83 -26.53 0.27
C THR B 261 -18.46 -27.17 1.52
N ASN B 262 -18.89 -28.41 1.63
CA ASN B 262 -18.64 -29.16 2.83
C ASN B 262 -17.25 -29.70 2.79
N HIS B 263 -16.71 -29.87 1.58
CA HIS B 263 -15.35 -30.34 1.32
C HIS B 263 -14.73 -29.72 0.05
N ILE B 264 -13.42 -29.94 -0.09
CA ILE B 264 -12.69 -29.52 -1.28
C ILE B 264 -11.80 -30.66 -1.76
N MET B 265 -11.67 -30.81 -3.08
CA MET B 265 -10.81 -31.84 -3.64
C MET B 265 -9.51 -31.24 -4.12
N CYS B 266 -8.39 -31.72 -3.58
CA CYS B 266 -7.05 -31.30 -4.02
C CYS B 266 -6.63 -31.99 -5.33
N SER B 267 -5.95 -31.23 -6.18
CA SER B 267 -5.70 -31.64 -7.56
C SER B 267 -4.53 -32.57 -7.76
N TYR B 268 -4.48 -33.16 -8.94
CA TYR B 268 -3.39 -34.04 -9.37
C TYR B 268 -2.08 -33.30 -9.63
N ASN B 269 -2.13 -32.03 -10.02
CA ASN B 269 -0.89 -31.31 -10.30
C ASN B 269 -0.12 -31.07 -9.01
N ARG B 270 1.17 -30.78 -9.18
CA ARG B 270 1.96 -30.27 -8.07
C ARG B 270 2.05 -28.76 -8.29
N ILE B 271 2.18 -28.03 -7.20
CA ILE B 271 2.28 -26.59 -7.23
C ILE B 271 3.67 -26.34 -6.67
N ASN B 272 4.45 -25.45 -7.33
CA ASN B 272 5.85 -25.20 -6.97
C ASN B 272 6.61 -26.51 -6.59
N ASN B 273 6.56 -27.47 -7.50
CA ASN B 273 7.06 -28.83 -7.32
C ASN B 273 6.66 -29.58 -6.03
N THR B 274 5.56 -29.20 -5.39
CA THR B 274 4.99 -30.01 -4.29
C THR B 274 3.54 -30.43 -4.63
N HIS B 275 3.24 -31.73 -4.50
CA HIS B 275 1.89 -32.29 -4.78
C HIS B 275 0.85 -31.41 -4.12
N SER B 276 -0.19 -31.05 -4.88
CA SER B 276 -1.25 -30.23 -4.30
C SER B 276 -1.86 -30.87 -3.03
N CYS B 277 -2.04 -32.19 -3.07
CA CYS B 277 -2.65 -32.90 -1.94
C CYS B 277 -1.77 -33.05 -0.70
N SER B 278 -0.55 -32.52 -0.73
CA SER B 278 0.26 -32.33 0.48
C SER B 278 1.07 -31.03 0.39
N ASN B 279 0.47 -30.01 -0.21
CA ASN B 279 1.10 -28.69 -0.27
C ASN B 279 0.57 -27.87 0.92
N ALA B 280 1.43 -27.64 1.91
CA ALA B 280 0.99 -27.03 3.16
C ALA B 280 0.66 -25.56 2.95
N LYS B 281 1.40 -24.91 2.06
CA LYS B 281 1.09 -23.53 1.67
C LYS B 281 -0.34 -23.48 1.07
N GLY B 282 -0.66 -24.45 0.21
CA GLY B 282 -1.95 -24.57 -0.44
C GLY B 282 -3.03 -24.91 0.55
N LEU B 283 -2.89 -26.04 1.21
CA LEU B 283 -3.99 -26.57 2.01
C LEU B 283 -4.11 -25.96 3.39
N ASN B 284 -2.96 -25.76 4.06
CA ASN B 284 -2.95 -25.31 5.46
C ASN B 284 -3.06 -23.82 5.61
N GLN B 285 -2.29 -23.11 4.80
CA GLN B 285 -2.31 -21.68 4.84
C GLN B 285 -3.42 -21.13 3.90
N LEU B 286 -3.26 -21.20 2.58
CA LEU B 286 -4.24 -20.55 1.67
C LEU B 286 -5.65 -21.09 1.85
N LEU B 287 -5.86 -22.40 1.90
CA LEU B 287 -7.21 -22.89 2.01
C LEU B 287 -7.71 -22.76 3.45
N LYS B 288 -6.99 -23.45 4.33
CA LYS B 288 -7.48 -23.55 5.70
C LYS B 288 -7.31 -22.32 6.55
N THR B 289 -6.46 -21.36 6.18
CA THR B 289 -6.22 -20.20 7.07
C THR B 289 -6.78 -18.93 6.45
N GLU B 290 -6.28 -18.55 5.26
CA GLU B 290 -6.77 -17.34 4.56
C GLU B 290 -8.25 -17.49 4.12
N LEU B 291 -8.60 -18.58 3.45
CA LEU B 291 -10.00 -18.78 3.11
C LEU B 291 -10.78 -19.40 4.27
N ASN B 292 -10.10 -19.61 5.41
CA ASN B 292 -10.76 -20.07 6.67
C ASN B 292 -11.65 -21.34 6.44
N PHE B 293 -11.22 -22.20 5.50
CA PHE B 293 -12.02 -23.38 5.16
C PHE B 293 -12.14 -24.36 6.33
N GLN B 294 -13.38 -24.67 6.70
CA GLN B 294 -13.74 -25.41 7.91
C GLN B 294 -14.06 -26.86 7.63
N GLY B 295 -14.07 -27.27 6.37
CA GLY B 295 -14.49 -28.60 5.94
C GLY B 295 -13.30 -29.51 5.61
N GLY B 296 -13.58 -30.63 4.91
CA GLY B 296 -12.57 -31.62 4.57
C GLY B 296 -11.93 -31.36 3.23
N VAL B 297 -10.60 -31.52 3.15
CA VAL B 297 -9.89 -31.71 1.88
C VAL B 297 -9.85 -33.23 1.54
N VAL B 298 -10.42 -33.61 0.40
CA VAL B 298 -10.53 -34.98 0.00
C VAL B 298 -9.58 -35.12 -1.13
N SER B 299 -8.81 -36.19 -1.17
CA SER B 299 -7.82 -36.33 -2.25
C SER B 299 -8.58 -36.55 -3.56
N ASP B 300 -8.00 -36.13 -4.67
CA ASP B 300 -8.39 -36.66 -5.97
C ASP B 300 -7.97 -38.13 -5.97
N TRP B 301 -8.34 -38.91 -6.98
CA TRP B 301 -8.14 -40.38 -6.93
C TRP B 301 -6.73 -40.70 -7.48
N GLY B 302 -5.83 -41.13 -6.57
CA GLY B 302 -4.38 -41.12 -6.82
C GLY B 302 -3.75 -39.74 -6.76
N GLY B 303 -4.39 -38.82 -6.03
CA GLY B 303 -3.89 -37.45 -5.78
C GLY B 303 -2.90 -37.40 -4.61
N GLN B 304 -3.05 -38.35 -3.70
CA GLN B 304 -2.15 -38.56 -2.58
C GLN B 304 -0.92 -39.38 -3.00
N TRP B 305 0.28 -38.89 -2.66
CA TRP B 305 1.54 -39.61 -2.99
C TRP B 305 2.34 -40.13 -1.81
N ASP B 306 2.03 -39.71 -0.61
CA ASP B 306 2.80 -40.10 0.58
C ASP B 306 1.87 -40.13 1.79
N SER B 307 2.29 -40.83 2.84
CA SER B 307 1.53 -40.92 4.10
C SER B 307 1.68 -39.69 5.03
N VAL B 308 2.91 -39.35 5.37
CA VAL B 308 3.18 -38.41 6.47
C VAL B 308 3.01 -36.93 6.03
N PRO B 309 3.62 -36.52 4.90
CA PRO B 309 3.45 -35.12 4.49
C PRO B 309 1.98 -34.74 4.29
N ALA B 310 1.27 -35.54 3.50
CA ALA B 310 -0.20 -35.46 3.36
C ALA B 310 -0.92 -35.38 4.70
N ALA B 311 -0.51 -36.17 5.70
CA ALA B 311 -1.15 -36.06 7.02
C ALA B 311 -0.82 -34.74 7.77
N GLU B 312 0.40 -34.22 7.66
CA GLU B 312 0.75 -32.95 8.30
C GLU B 312 0.35 -31.71 7.48
N ASN B 313 0.28 -31.81 6.15
CA ASN B 313 0.12 -30.62 5.29
C ASN B 313 -1.27 -30.33 4.74
N GLY B 314 -2.29 -31.02 5.27
CA GLY B 314 -3.67 -30.61 5.11
C GLY B 314 -4.71 -31.53 4.45
N LEU B 315 -4.35 -32.77 4.14
CA LEU B 315 -5.29 -33.72 3.55
C LEU B 315 -6.12 -34.32 4.67
N ASP B 316 -7.43 -34.45 4.45
CA ASP B 316 -8.32 -35.08 5.46
C ASP B 316 -8.88 -36.45 5.05
N VAL B 317 -9.00 -36.71 3.74
CA VAL B 317 -9.51 -37.99 3.31
C VAL B 317 -8.70 -38.58 2.15
N ALA B 318 -8.24 -39.82 2.36
CA ALA B 318 -7.60 -40.60 1.32
C ALA B 318 -8.63 -41.40 0.48
N MET B 319 -8.66 -41.11 -0.82
CA MET B 319 -9.60 -41.77 -1.73
C MET B 319 -8.82 -42.19 -2.95
N PRO B 320 -9.13 -43.33 -3.56
CA PRO B 320 -10.25 -44.21 -3.18
C PRO B 320 -9.98 -45.21 -2.08
N GLY B 321 -8.74 -45.29 -1.58
CA GLY B 321 -8.42 -46.21 -0.49
C GLY B 321 -8.30 -47.64 -0.99
N LYS B 322 -9.08 -48.54 -0.41
CA LYS B 322 -9.15 -49.95 -0.88
C LYS B 322 -9.95 -50.18 -2.19
N GLY B 323 -10.68 -49.16 -2.64
CA GLY B 323 -11.42 -49.23 -3.91
C GLY B 323 -10.49 -49.16 -5.10
N PHE B 324 -10.97 -49.64 -6.25
CA PHE B 324 -10.18 -49.66 -7.50
C PHE B 324 -8.88 -50.48 -7.37
N LEU B 325 -9.03 -51.57 -6.62
CA LEU B 325 -7.98 -52.52 -6.36
C LEU B 325 -6.79 -51.99 -5.55
N GLY B 326 -6.91 -50.84 -4.87
CA GLY B 326 -5.73 -50.18 -4.22
C GLY B 326 -4.62 -49.67 -5.16
N ALA B 327 -4.93 -49.67 -6.46
CA ALA B 327 -3.98 -49.39 -7.51
C ALA B 327 -3.57 -47.93 -7.54
N LEU B 328 -4.34 -47.05 -6.86
CA LEU B 328 -4.12 -45.61 -6.87
C LEU B 328 -3.41 -45.09 -5.60
N GLY B 329 -2.75 -46.01 -4.89
CA GLY B 329 -2.09 -45.72 -3.64
C GLY B 329 -3.10 -46.00 -2.57
N ASP B 330 -2.57 -46.43 -1.43
CA ASP B 330 -3.38 -46.74 -0.28
C ASP B 330 -2.52 -46.41 0.91
N PHE B 331 -2.22 -45.12 1.02
CA PHE B 331 -1.23 -44.59 1.94
C PHE B 331 -1.63 -44.47 3.39
N TRP B 332 -2.93 -44.37 3.69
CA TRP B 332 -3.34 -44.34 5.10
C TRP B 332 -3.93 -45.68 5.53
N GLY B 333 -5.12 -45.71 6.13
CA GLY B 333 -5.65 -46.93 6.70
C GLY B 333 -4.79 -47.46 7.85
N ALA B 334 -4.52 -48.77 7.79
CA ALA B 334 -3.66 -49.40 8.78
C ALA B 334 -2.24 -48.79 8.81
N THR B 335 -1.71 -48.33 7.68
CA THR B 335 -0.47 -47.54 7.69
C THR B 335 -0.61 -46.31 8.61
N LEU B 336 -1.75 -45.62 8.56
CA LEU B 336 -1.99 -44.45 9.42
C LEU B 336 -2.16 -44.79 10.90
N VAL B 337 -2.87 -45.86 11.20
CA VAL B 337 -2.99 -46.31 12.60
C VAL B 337 -1.59 -46.51 13.20
N GLU B 338 -0.75 -47.21 12.44
CA GLU B 338 0.62 -47.52 12.81
C GLU B 338 1.42 -46.23 13.01
N LEU B 339 1.32 -45.32 12.04
CA LEU B 339 1.95 -44.01 12.15
C LEU B 339 1.53 -43.21 13.40
N ILE B 340 0.26 -43.21 13.75
CA ILE B 340 -0.21 -42.52 14.94
C ILE B 340 0.32 -43.21 16.22
N ASN B 341 0.29 -44.54 16.20
CA ASN B 341 0.62 -45.34 17.39
C ASN B 341 2.11 -45.38 17.63
N ASN B 342 2.94 -45.32 16.59
CA ASN B 342 4.39 -45.18 16.80
C ASN B 342 4.86 -43.73 16.99
N GLY B 343 3.90 -42.80 17.01
CA GLY B 343 4.10 -41.46 17.51
C GLY B 343 4.72 -40.47 16.54
N THR B 344 4.74 -40.82 15.24
CA THR B 344 5.30 -39.97 14.14
C THR B 344 4.26 -39.02 13.48
N VAL B 345 2.97 -39.24 13.74
CA VAL B 345 1.87 -38.40 13.26
C VAL B 345 0.98 -38.07 14.45
N SER B 346 0.68 -36.78 14.64
CA SER B 346 -0.16 -36.33 15.75
C SER B 346 -1.57 -36.94 15.66
N GLU B 347 -2.02 -37.62 16.72
CA GLU B 347 -3.41 -38.12 16.85
C GLU B 347 -4.45 -36.98 16.86
N ASP B 348 -4.17 -35.90 17.59
CA ASP B 348 -5.03 -34.72 17.64
C ASP B 348 -5.26 -34.16 16.21
N LEU B 349 -4.18 -34.08 15.44
CA LEU B 349 -4.21 -33.65 14.04
C LEU B 349 -5.11 -34.57 13.15
N VAL B 350 -5.11 -35.88 13.43
CA VAL B 350 -6.00 -36.82 12.75
C VAL B 350 -7.43 -36.67 13.27
N ARG B 351 -7.58 -36.26 14.52
CA ARG B 351 -8.94 -36.06 15.05
C ARG B 351 -9.63 -34.86 14.40
N ASP B 352 -8.85 -33.85 14.02
CA ASP B 352 -9.33 -32.68 13.25
C ASP B 352 -9.80 -33.03 11.85
N LYS B 353 -9.09 -33.97 11.21
CA LYS B 353 -9.46 -34.58 9.93
C LYS B 353 -10.83 -35.27 9.98
N ALA B 354 -11.08 -36.06 11.02
CA ALA B 354 -12.39 -36.69 11.20
C ALA B 354 -13.47 -35.63 11.57
N VAL B 355 -13.13 -34.61 12.34
CA VAL B 355 -14.08 -33.54 12.67
C VAL B 355 -14.68 -32.85 11.41
N ARG B 356 -13.84 -32.59 10.42
CA ARG B 356 -14.22 -31.94 9.17
C ARG B 356 -15.06 -32.86 8.29
N ILE B 357 -14.82 -34.16 8.39
CA ILE B 357 -15.58 -35.13 7.64
C ILE B 357 -16.99 -35.14 8.19
N LEU B 358 -17.09 -35.35 9.49
CA LEU B 358 -18.39 -35.44 10.16
C LEU B 358 -19.20 -34.14 10.25
N THR B 359 -18.54 -32.99 10.11
CA THR B 359 -19.24 -31.70 10.17
C THR B 359 -20.37 -31.66 9.10
N GLY B 360 -20.00 -31.99 7.87
CA GLY B 360 -20.92 -32.09 6.75
C GLY B 360 -22.06 -33.02 7.04
N TYR B 361 -21.73 -34.20 7.57
CA TYR B 361 -22.72 -35.19 7.93
C TYR B 361 -23.83 -34.60 8.82
N TYR B 362 -23.40 -33.89 9.86
CA TYR B 362 -24.34 -33.32 10.79
C TYR B 362 -25.04 -32.05 10.25
N TYR B 363 -24.33 -31.19 9.53
CA TYR B 363 -24.97 -29.97 8.97
C TYR B 363 -26.16 -30.30 8.08
N LEU B 364 -25.99 -31.26 7.20
CA LEU B 364 -27.00 -31.61 6.20
C LEU B 364 -27.98 -32.63 6.74
N GLY B 365 -27.89 -32.95 8.03
CA GLY B 365 -28.95 -33.71 8.68
C GLY B 365 -29.05 -35.12 8.17
N GLN B 366 -27.92 -35.69 7.79
CA GLN B 366 -27.84 -37.02 7.17
C GLN B 366 -28.02 -38.16 8.17
N ASP B 367 -27.89 -37.86 9.46
CA ASP B 367 -28.26 -38.81 10.54
C ASP B 367 -29.77 -38.93 10.79
N THR B 368 -30.42 -37.76 10.82
CA THR B 368 -31.85 -37.60 11.17
C THR B 368 -32.74 -37.85 9.94
N ASN B 369 -32.17 -37.55 8.76
CA ASN B 369 -32.78 -37.84 7.47
C ASN B 369 -31.73 -38.49 6.52
N PRO B 370 -31.41 -39.78 6.75
CA PRO B 370 -30.37 -40.47 5.98
C PRO B 370 -30.74 -40.64 4.52
N PRO B 371 -29.78 -40.46 3.60
CA PRO B 371 -30.10 -40.84 2.22
C PRO B 371 -30.45 -42.32 2.16
N PRO B 372 -31.28 -42.71 1.18
CA PRO B 372 -31.62 -44.12 1.06
C PRO B 372 -30.43 -44.93 0.54
N PRO B 373 -30.50 -46.27 0.63
CA PRO B 373 -29.39 -47.06 0.11
C PRO B 373 -29.05 -46.73 -1.37
N PHE B 374 -27.76 -46.53 -1.68
CA PHE B 374 -27.25 -46.46 -3.05
C PHE B 374 -27.21 -47.87 -3.69
N VAL B 375 -27.77 -47.99 -4.90
CA VAL B 375 -28.07 -49.31 -5.47
C VAL B 375 -27.29 -49.74 -6.72
N TYR B 376 -26.50 -48.85 -7.33
CA TYR B 376 -25.85 -49.13 -8.62
C TYR B 376 -24.36 -49.42 -8.46
N ASN B 377 -23.91 -50.51 -9.05
CA ASN B 377 -22.46 -50.69 -9.24
C ASN B 377 -21.90 -49.65 -10.23
N THR B 378 -21.23 -48.61 -9.73
CA THR B 378 -20.70 -47.55 -10.62
C THR B 378 -19.18 -47.63 -10.91
N ILE B 379 -18.54 -48.63 -10.32
CA ILE B 379 -17.13 -48.96 -10.56
C ILE B 379 -16.95 -49.86 -11.77
N GLY B 380 -17.56 -51.03 -11.72
CA GLY B 380 -17.72 -51.88 -12.91
C GLY B 380 -16.83 -53.12 -12.83
N ALA B 381 -17.34 -54.25 -13.32
CA ALA B 381 -16.59 -55.50 -13.32
C ALA B 381 -15.58 -55.46 -14.47
N PRO B 382 -14.39 -56.05 -14.32
CA PRO B 382 -14.03 -56.95 -13.20
C PRO B 382 -13.43 -56.29 -11.95
N THR B 383 -13.29 -54.96 -11.95
CA THR B 383 -12.78 -54.26 -10.78
C THR B 383 -13.67 -54.42 -9.54
N LEU B 384 -14.98 -54.49 -9.76
CA LEU B 384 -15.91 -54.83 -8.71
C LEU B 384 -16.99 -55.72 -9.33
N ASN B 385 -17.11 -56.94 -8.81
CA ASN B 385 -18.12 -57.92 -9.22
C ASN B 385 -19.22 -57.80 -8.19
N ALA B 386 -20.39 -57.31 -8.60
CA ALA B 386 -21.49 -57.02 -7.64
C ALA B 386 -22.68 -56.47 -8.41
N THR B 387 -23.86 -57.00 -8.13
CA THR B 387 -25.05 -56.69 -8.93
C THR B 387 -25.68 -55.34 -8.54
N SER B 388 -26.34 -54.70 -9.51
CA SER B 388 -27.07 -53.44 -9.30
C SER B 388 -28.52 -53.75 -9.11
N GLY B 389 -29.21 -52.88 -8.39
CA GLY B 389 -30.64 -52.85 -8.39
C GLY B 389 -31.10 -51.82 -9.42
N TYR B 390 -32.28 -51.27 -9.13
CA TYR B 390 -32.87 -50.23 -9.92
C TYR B 390 -33.69 -49.24 -9.06
N ARG B 391 -33.55 -47.95 -9.34
CA ARG B 391 -34.39 -46.90 -8.77
C ARG B 391 -34.51 -45.77 -9.77
N ASN B 392 -35.74 -45.23 -9.89
CA ASN B 392 -35.97 -44.11 -10.80
C ASN B 392 -36.16 -42.83 -10.01
N VAL B 393 -35.36 -41.81 -10.30
CA VAL B 393 -35.40 -40.52 -9.55
C VAL B 393 -35.75 -39.30 -10.40
N ARG B 394 -36.12 -39.51 -11.65
CA ARG B 394 -36.48 -38.42 -12.56
C ARG B 394 -37.80 -37.77 -12.15
N LYS B 395 -37.71 -36.59 -11.57
CA LYS B 395 -38.88 -35.94 -11.07
C LYS B 395 -39.51 -35.12 -12.16
N PRO B 396 -40.85 -35.02 -12.13
CA PRO B 396 -41.45 -34.16 -13.13
C PRO B 396 -40.87 -32.73 -12.98
N GLY B 397 -40.68 -32.08 -14.12
CA GLY B 397 -40.11 -30.73 -14.15
C GLY B 397 -38.68 -30.73 -14.66
N THR B 398 -37.95 -31.83 -14.47
CA THR B 398 -36.53 -31.86 -14.70
C THR B 398 -36.18 -31.81 -16.16
N ALA B 399 -36.90 -32.58 -16.99
CA ALA B 399 -36.67 -32.58 -18.44
C ALA B 399 -36.88 -31.19 -19.01
N GLU B 400 -37.93 -30.54 -18.55
CA GLU B 400 -38.25 -29.17 -18.92
C GLU B 400 -37.12 -28.15 -18.51
N LEU B 401 -36.60 -28.28 -17.31
CA LEU B 401 -35.46 -27.45 -16.88
C LEU B 401 -34.27 -27.65 -17.84
N ILE B 402 -33.98 -28.91 -18.17
CA ILE B 402 -32.80 -29.23 -19.00
C ILE B 402 -32.94 -28.63 -20.36
N LYS B 403 -34.13 -28.79 -20.94
CA LYS B 403 -34.49 -28.12 -22.20
C LYS B 403 -34.31 -26.57 -22.11
N GLU B 404 -34.88 -25.98 -21.07
CA GLU B 404 -34.76 -24.54 -20.87
C GLU B 404 -33.28 -24.11 -20.86
N ILE B 405 -32.41 -24.92 -20.25
CA ILE B 405 -30.98 -24.61 -20.16
C ILE B 405 -30.32 -24.63 -21.54
N GLY B 406 -30.63 -25.66 -22.32
CA GLY B 406 -30.30 -25.66 -23.75
C GLY B 406 -30.73 -24.39 -24.49
N SER B 407 -31.99 -24.01 -24.39
CA SER B 407 -32.54 -22.92 -25.20
C SER B 407 -31.94 -21.62 -24.80
N ALA B 408 -31.70 -21.53 -23.48
CA ALA B 408 -31.04 -20.35 -22.84
C ALA B 408 -29.55 -20.27 -23.08
N SER B 409 -28.92 -21.39 -23.49
CA SER B 409 -27.48 -21.45 -23.80
C SER B 409 -27.04 -21.31 -25.29
N VAL B 410 -27.77 -21.94 -26.23
CA VAL B 410 -27.26 -22.01 -27.61
C VAL B 410 -26.95 -20.60 -28.08
N THR B 411 -25.71 -20.44 -28.55
CA THR B 411 -25.12 -19.15 -28.88
C THR B 411 -25.05 -18.96 -30.39
N LEU B 412 -25.72 -17.94 -30.90
CA LEU B 412 -25.67 -17.54 -32.31
C LEU B 412 -24.40 -16.72 -32.52
N LEU B 413 -23.48 -17.27 -33.30
CA LEU B 413 -22.20 -16.65 -33.62
C LEU B 413 -22.22 -15.93 -34.98
N LYS B 414 -22.95 -16.47 -35.95
CA LYS B 414 -23.14 -15.82 -37.27
C LYS B 414 -24.57 -15.95 -37.74
N ASN B 415 -25.18 -14.86 -38.17
CA ASN B 415 -26.47 -14.91 -38.88
C ASN B 415 -26.60 -13.84 -39.95
N THR B 416 -26.65 -14.29 -41.19
CA THR B 416 -26.48 -13.50 -42.36
C THR B 416 -27.86 -13.26 -42.96
N GLY B 417 -28.93 -13.61 -42.23
CA GLY B 417 -30.30 -13.54 -42.73
C GLY B 417 -31.15 -14.82 -42.67
N SER B 418 -30.51 -16.00 -42.66
CA SER B 418 -31.22 -17.27 -42.77
C SER B 418 -32.03 -17.68 -41.54
N LEU B 419 -31.73 -17.08 -40.38
CA LEU B 419 -32.45 -17.37 -39.15
C LEU B 419 -33.10 -16.15 -38.56
N PRO B 420 -34.21 -16.32 -37.83
CA PRO B 420 -34.91 -17.60 -37.63
C PRO B 420 -35.51 -18.18 -38.90
N LEU B 421 -35.72 -19.49 -38.97
CA LEU B 421 -36.38 -20.10 -40.12
C LEU B 421 -37.84 -19.71 -40.14
N LYS B 422 -38.40 -19.68 -41.33
CA LYS B 422 -39.82 -19.49 -41.49
C LYS B 422 -40.50 -20.87 -41.59
N HIS B 423 -40.79 -21.36 -42.79
CA HIS B 423 -41.48 -22.63 -42.98
C HIS B 423 -40.85 -23.31 -44.18
N PRO B 424 -39.53 -23.55 -44.12
CA PRO B 424 -38.87 -24.20 -45.26
C PRO B 424 -39.50 -25.56 -45.56
N GLN B 425 -39.51 -25.91 -46.84
CA GLN B 425 -40.21 -27.11 -47.34
C GLN B 425 -39.33 -28.35 -47.64
N ARG B 426 -38.07 -28.14 -48.02
CA ARG B 426 -37.17 -29.23 -48.32
C ARG B 426 -35.96 -28.99 -47.45
N ILE B 427 -35.76 -29.84 -46.43
CA ILE B 427 -34.70 -29.65 -45.44
C ILE B 427 -33.67 -30.79 -45.56
N ALA B 428 -32.38 -30.44 -45.56
CA ALA B 428 -31.29 -31.43 -45.53
C ALA B 428 -30.59 -31.33 -44.22
N VAL B 429 -30.26 -32.47 -43.64
CA VAL B 429 -29.47 -32.53 -42.43
C VAL B 429 -28.19 -33.36 -42.67
N LEU B 430 -27.05 -32.95 -42.12
CA LEU B 430 -25.79 -33.66 -42.31
C LEU B 430 -25.07 -33.88 -40.98
N GLY B 431 -24.51 -35.10 -40.82
CA GLY B 431 -23.61 -35.42 -39.70
C GLY B 431 -24.19 -36.44 -38.73
N ASN B 432 -23.37 -37.36 -38.21
CA ASN B 432 -23.88 -38.31 -37.20
C ASN B 432 -24.33 -37.59 -35.89
N ASP B 433 -23.71 -36.44 -35.62
CA ASP B 433 -24.13 -35.54 -34.56
C ASP B 433 -25.62 -35.22 -34.51
N ALA B 434 -26.30 -35.28 -35.67
CA ALA B 434 -27.75 -35.10 -35.73
C ALA B 434 -28.56 -36.23 -35.10
N THR B 435 -27.95 -37.41 -34.92
CA THR B 435 -28.72 -38.60 -34.51
C THR B 435 -28.14 -39.42 -33.38
N TYR B 436 -28.71 -40.60 -33.15
CA TYR B 436 -28.27 -41.47 -32.07
C TYR B 436 -26.83 -41.99 -32.27
N ASN B 437 -26.17 -42.30 -31.16
CA ASN B 437 -25.00 -43.17 -31.12
C ASN B 437 -25.43 -44.51 -31.72
N VAL B 438 -24.77 -45.00 -32.75
CA VAL B 438 -25.18 -46.25 -33.40
C VAL B 438 -25.22 -47.46 -32.45
N LEU B 439 -24.47 -47.39 -31.35
CA LEU B 439 -24.45 -48.45 -30.34
C LEU B 439 -25.35 -48.22 -29.16
N GLY B 440 -26.04 -47.09 -29.15
CA GLY B 440 -26.88 -46.70 -28.01
C GLY B 440 -26.30 -45.52 -27.23
N PRO B 441 -27.18 -44.65 -26.70
CA PRO B 441 -26.74 -43.43 -25.97
C PRO B 441 -25.66 -43.61 -24.89
N ASN B 442 -25.69 -44.77 -24.21
CA ASN B 442 -24.76 -45.14 -23.13
C ASN B 442 -23.78 -46.27 -23.45
N ALA B 443 -23.55 -46.50 -24.74
CA ALA B 443 -22.70 -47.60 -25.19
C ALA B 443 -21.24 -47.41 -24.81
N CYS B 444 -20.81 -46.15 -24.58
CA CYS B 444 -19.42 -45.84 -24.24
C CYS B 444 -19.13 -46.00 -22.71
N GLY B 445 -20.04 -46.60 -21.98
CA GLY B 445 -19.74 -47.06 -20.63
C GLY B 445 -19.92 -46.03 -19.56
N LEU B 446 -19.37 -46.37 -18.39
CA LEU B 446 -19.61 -45.62 -17.16
C LEU B 446 -19.00 -44.23 -17.16
N ALA B 447 -18.11 -43.93 -18.11
CA ALA B 447 -17.48 -42.63 -18.18
C ALA B 447 -17.49 -42.05 -19.58
N ASN B 448 -18.41 -42.54 -20.40
CA ASN B 448 -18.59 -42.01 -21.75
C ASN B 448 -17.33 -41.97 -22.60
N SER B 449 -16.48 -43.00 -22.47
CA SER B 449 -15.12 -42.95 -23.05
C SER B 449 -14.51 -44.26 -23.56
N ALA B 450 -15.32 -45.32 -23.70
CA ALA B 450 -14.79 -46.61 -24.09
C ALA B 450 -15.27 -46.99 -25.51
N CYS B 451 -15.91 -46.09 -26.25
CA CYS B 451 -16.26 -46.43 -27.64
C CYS B 451 -15.01 -46.34 -28.46
N ASP B 452 -14.99 -47.05 -29.57
CA ASP B 452 -13.86 -47.01 -30.48
C ASP B 452 -13.63 -45.59 -30.99
N ILE B 453 -12.34 -45.25 -31.17
CA ILE B 453 -11.85 -44.00 -31.81
C ILE B 453 -12.68 -43.49 -32.99
N ASP B 454 -13.15 -44.41 -33.85
CA ASP B 454 -13.93 -44.03 -35.05
C ASP B 454 -15.43 -44.25 -34.97
N ASN B 455 -15.93 -44.69 -33.81
CA ASN B 455 -17.34 -44.94 -33.66
C ASN B 455 -18.19 -43.68 -33.76
N LEU B 456 -19.36 -43.81 -34.38
CA LEU B 456 -20.27 -42.67 -34.52
C LEU B 456 -21.15 -42.50 -33.29
N ASN B 457 -20.70 -41.62 -32.39
CA ASN B 457 -21.28 -41.48 -31.05
C ASN B 457 -22.57 -40.67 -31.00
N GLY B 458 -23.04 -40.14 -32.12
CA GLY B 458 -24.26 -39.40 -32.10
C GLY B 458 -24.09 -38.02 -31.48
N THR B 459 -25.20 -37.44 -31.05
CA THR B 459 -25.21 -36.05 -30.60
C THR B 459 -24.25 -35.95 -29.44
N LEU B 460 -23.38 -34.93 -29.42
CA LEU B 460 -22.44 -34.81 -28.31
C LEU B 460 -23.14 -34.11 -27.15
N THR B 461 -23.69 -34.89 -26.21
CA THR B 461 -24.48 -34.30 -25.11
C THR B 461 -23.69 -34.04 -23.79
N THR B 462 -22.55 -34.71 -23.65
CA THR B 462 -21.67 -34.54 -22.52
C THR B 462 -20.32 -35.09 -22.91
N GLY B 463 -19.27 -34.71 -22.18
CA GLY B 463 -17.89 -35.07 -22.54
C GLY B 463 -17.55 -36.41 -21.94
N GLY B 464 -16.29 -36.81 -22.09
CA GLY B 464 -15.81 -38.07 -21.53
C GLY B 464 -15.17 -37.92 -20.17
N GLY B 465 -15.30 -38.95 -19.34
CA GLY B 465 -14.66 -38.97 -18.03
C GLY B 465 -15.61 -39.08 -16.83
N SER B 466 -15.02 -38.96 -15.64
CA SER B 466 -15.76 -38.92 -14.41
C SER B 466 -16.91 -37.90 -14.32
N GLY B 467 -16.86 -36.85 -15.17
CA GLY B 467 -17.89 -35.79 -15.24
C GLY B 467 -19.10 -35.99 -16.10
N SER B 468 -19.20 -37.16 -16.75
CA SER B 468 -20.30 -37.51 -17.64
C SER B 468 -21.38 -38.14 -16.76
N ALA B 469 -22.45 -38.60 -17.41
CA ALA B 469 -23.53 -39.39 -16.77
C ALA B 469 -24.24 -40.15 -17.88
N LEU B 470 -24.92 -41.23 -17.50
CA LEU B 470 -25.81 -41.93 -18.44
C LEU B 470 -27.02 -41.06 -18.85
N SER B 471 -27.76 -41.53 -19.83
CA SER B 471 -28.89 -40.81 -20.41
C SER B 471 -30.03 -41.81 -20.56
N PRO B 472 -31.27 -41.44 -20.15
CA PRO B 472 -32.41 -42.29 -20.32
C PRO B 472 -32.91 -42.31 -21.77
N TYR B 473 -32.47 -41.34 -22.54
CA TYR B 473 -32.73 -41.30 -23.98
C TYR B 473 -31.94 -40.12 -24.53
N THR B 474 -31.86 -39.99 -25.85
CA THR B 474 -31.48 -38.69 -26.42
C THR B 474 -32.50 -38.22 -27.42
N ILE B 475 -32.95 -36.99 -27.19
CA ILE B 475 -33.77 -36.28 -28.15
C ILE B 475 -32.80 -35.66 -29.10
N THR B 476 -32.74 -36.29 -30.27
CA THR B 476 -31.77 -35.97 -31.27
C THR B 476 -32.24 -34.74 -32.03
N PRO B 477 -31.30 -34.00 -32.65
CA PRO B 477 -31.64 -32.85 -33.47
C PRO B 477 -32.46 -33.20 -34.67
N LEU B 478 -32.21 -34.38 -35.22
CA LEU B 478 -33.01 -34.88 -36.33
C LEU B 478 -34.49 -35.14 -36.00
N GLU B 479 -34.76 -35.82 -34.89
CA GLU B 479 -36.11 -36.01 -34.34
C GLU B 479 -36.85 -34.67 -34.25
N ALA B 480 -36.20 -33.67 -33.68
CA ALA B 480 -36.82 -32.38 -33.37
C ALA B 480 -37.10 -31.57 -34.60
N LEU B 481 -36.15 -31.58 -35.55
CA LEU B 481 -36.30 -30.94 -36.87
C LEU B 481 -37.39 -31.62 -37.73
N GLN B 482 -37.47 -32.95 -37.71
CA GLN B 482 -38.50 -33.70 -38.42
C GLN B 482 -39.88 -33.45 -37.83
N LYS B 483 -40.01 -33.35 -36.50
CA LYS B 483 -41.29 -33.01 -35.89
C LYS B 483 -41.76 -31.67 -36.46
N ARG B 484 -40.84 -30.74 -36.54
CA ARG B 484 -41.14 -29.43 -37.06
C ARG B 484 -41.46 -29.43 -38.58
N ALA B 485 -40.74 -30.21 -39.38
CA ALA B 485 -41.00 -30.40 -40.84
C ALA B 485 -42.40 -30.95 -41.12
N ILE B 486 -42.77 -31.98 -40.39
CA ILE B 486 -44.09 -32.54 -40.47
C ILE B 486 -45.14 -31.46 -40.20
N GLU B 487 -44.97 -30.64 -39.17
CA GLU B 487 -45.95 -29.56 -38.86
C GLU B 487 -46.12 -28.62 -40.05
N ASP B 488 -45.03 -28.39 -40.81
CA ASP B 488 -45.06 -27.53 -41.99
C ASP B 488 -45.32 -28.29 -43.27
N ASN B 489 -45.86 -29.50 -43.19
CA ASN B 489 -46.15 -30.37 -44.34
C ASN B 489 -44.98 -30.53 -45.34
N ALA B 490 -43.79 -30.62 -44.77
CA ALA B 490 -42.51 -30.54 -45.52
C ALA B 490 -41.79 -31.89 -45.56
N GLU B 491 -40.68 -31.94 -46.31
CA GLU B 491 -39.83 -33.12 -46.36
C GLU B 491 -38.47 -32.77 -45.74
N ILE B 492 -37.85 -33.82 -45.18
CA ILE B 492 -36.58 -33.73 -44.47
C ILE B 492 -35.83 -35.04 -44.63
N ALA B 493 -34.53 -34.92 -44.86
CA ALA B 493 -33.65 -36.06 -45.11
C ALA B 493 -32.26 -35.80 -44.51
N ALA B 494 -31.70 -36.84 -43.90
CA ALA B 494 -30.43 -36.71 -43.22
C ALA B 494 -29.45 -37.76 -43.67
N VAL B 495 -28.23 -37.31 -43.90
CA VAL B 495 -27.05 -38.17 -44.10
C VAL B 495 -26.28 -38.21 -42.76
N VAL B 496 -26.30 -39.35 -42.10
CA VAL B 496 -25.74 -39.47 -40.76
C VAL B 496 -24.57 -40.42 -40.65
N ALA B 497 -24.22 -41.01 -41.78
CA ALA B 497 -23.04 -41.86 -41.87
C ALA B 497 -21.73 -41.01 -41.87
N ASN B 498 -20.61 -41.74 -41.87
CA ASN B 498 -19.30 -41.12 -42.07
C ASN B 498 -19.06 -40.75 -43.54
N SER B 499 -19.08 -39.45 -43.86
CA SER B 499 -18.99 -38.99 -45.24
C SER B 499 -17.71 -39.39 -46.00
N ASN B 500 -16.61 -39.64 -45.26
CA ASN B 500 -15.39 -40.16 -45.84
C ASN B 500 -15.41 -41.69 -46.11
N THR B 501 -15.83 -42.47 -45.13
CA THR B 501 -15.63 -43.93 -45.13
C THR B 501 -16.80 -44.83 -45.50
N THR B 502 -18.01 -44.30 -45.72
CA THR B 502 -19.13 -45.22 -46.04
C THR B 502 -19.48 -45.08 -47.52
N THR B 503 -19.62 -46.23 -48.19
CA THR B 503 -19.85 -46.30 -49.63
C THR B 503 -21.05 -45.44 -49.98
N GLY B 504 -20.91 -44.54 -50.94
CA GLY B 504 -22.03 -43.74 -51.40
C GLY B 504 -22.44 -42.52 -50.59
N ALA B 505 -21.84 -42.27 -49.42
CA ALA B 505 -22.31 -41.12 -48.62
C ALA B 505 -22.00 -39.77 -49.29
N GLU B 506 -20.86 -39.65 -49.94
CA GLU B 506 -20.54 -38.44 -50.67
C GLU B 506 -21.53 -38.20 -51.82
N ASP B 507 -21.84 -39.26 -52.58
CA ASP B 507 -22.85 -39.16 -53.64
C ASP B 507 -24.24 -38.79 -53.09
N ALA B 508 -24.57 -39.32 -51.92
CA ALA B 508 -25.86 -39.08 -51.33
C ALA B 508 -25.97 -37.61 -51.02
N ILE B 509 -24.88 -37.05 -50.49
CA ILE B 509 -24.87 -35.63 -50.11
C ILE B 509 -25.03 -34.73 -51.36
N ALA B 510 -24.29 -35.01 -52.43
CA ALA B 510 -24.36 -34.22 -53.69
C ALA B 510 -25.77 -34.24 -54.29
N ALA B 511 -26.39 -35.43 -54.22
CA ALA B 511 -27.75 -35.64 -54.70
C ALA B 511 -28.80 -34.89 -53.91
N LEU B 512 -28.58 -34.69 -52.60
CA LEU B 512 -29.62 -34.12 -51.67
C LEU B 512 -29.57 -32.59 -51.44
N LEU B 513 -28.37 -32.03 -51.30
CA LEU B 513 -28.25 -30.64 -50.89
C LEU B 513 -28.70 -29.58 -51.92
N PRO B 514 -28.47 -29.83 -53.21
CA PRO B 514 -28.86 -28.84 -54.22
C PRO B 514 -30.32 -28.40 -54.23
N ASP B 515 -31.26 -29.29 -53.94
CA ASP B 515 -32.69 -28.93 -53.98
C ASP B 515 -33.23 -28.49 -52.63
N ALA B 516 -32.46 -28.72 -51.55
CA ALA B 516 -32.84 -28.27 -50.19
C ALA B 516 -32.87 -26.73 -50.03
N ASP B 517 -33.92 -26.25 -49.34
CA ASP B 517 -34.09 -24.82 -49.04
C ASP B 517 -33.07 -24.39 -47.99
N VAL B 518 -32.85 -25.28 -47.02
CA VAL B 518 -31.87 -25.12 -45.97
C VAL B 518 -31.12 -26.45 -45.71
N THR B 519 -29.82 -26.35 -45.42
CA THR B 519 -28.99 -27.50 -45.08
C THR B 519 -28.47 -27.25 -43.67
N PHE B 520 -28.79 -28.15 -42.73
CA PHE B 520 -28.17 -28.11 -41.38
C PHE B 520 -26.94 -29.00 -41.32
N VAL B 521 -25.82 -28.48 -40.83
CA VAL B 521 -24.64 -29.32 -40.60
C VAL B 521 -24.37 -29.40 -39.11
N PHE B 522 -24.53 -30.61 -38.56
CA PHE B 522 -24.35 -30.83 -37.13
C PHE B 522 -22.98 -31.37 -36.92
N LEU B 523 -22.15 -30.61 -36.21
CA LEU B 523 -20.75 -30.97 -36.00
C LEU B 523 -20.52 -31.28 -34.54
N ASN B 524 -19.46 -32.02 -34.26
CA ASN B 524 -19.04 -32.20 -32.89
C ASN B 524 -17.54 -32.32 -32.66
N ARG B 525 -17.16 -32.25 -31.37
CA ARG B 525 -15.77 -32.36 -30.94
C ARG B 525 -15.75 -32.91 -29.52
N TYR B 526 -15.66 -34.24 -29.44
CA TYR B 526 -15.44 -34.95 -28.20
C TYR B 526 -14.06 -34.66 -27.59
N SER B 527 -14.04 -34.40 -26.28
CA SER B 527 -12.81 -34.43 -25.50
C SER B 527 -13.17 -35.09 -24.17
N GLU B 528 -12.13 -35.46 -23.44
CA GLU B 528 -12.27 -36.29 -22.23
C GLU B 528 -11.18 -35.90 -21.26
N GLU B 529 -11.33 -36.37 -20.02
CA GLU B 529 -10.27 -36.22 -19.07
C GLU B 529 -9.17 -37.25 -19.31
N GLY B 530 -7.95 -36.90 -18.87
CA GLY B 530 -6.79 -37.71 -19.07
C GLY B 530 -6.00 -37.35 -20.31
N ALA B 531 -6.54 -36.49 -21.16
CA ALA B 531 -5.83 -36.02 -22.32
C ALA B 531 -6.31 -34.63 -22.62
N ASP B 532 -5.46 -33.83 -23.24
CA ASP B 532 -5.84 -32.52 -23.75
C ASP B 532 -6.03 -32.64 -25.27
N ALA B 533 -6.81 -31.72 -25.86
CA ALA B 533 -7.02 -31.77 -27.30
C ALA B 533 -5.69 -31.38 -27.95
N PRO B 534 -5.23 -32.15 -28.96
CA PRO B 534 -3.98 -31.80 -29.67
C PRO B 534 -4.05 -30.44 -30.39
N ASP B 535 -5.21 -30.12 -30.95
CA ASP B 535 -5.48 -28.87 -31.67
C ASP B 535 -6.99 -28.51 -31.60
N PHE B 536 -7.43 -27.53 -32.40
CA PHE B 536 -8.83 -27.15 -32.47
C PHE B 536 -9.66 -27.91 -33.54
N SER B 537 -9.15 -29.04 -34.02
CA SER B 537 -9.73 -29.64 -35.19
C SER B 537 -11.04 -30.36 -34.79
N LEU B 538 -12.04 -30.29 -35.68
CA LEU B 538 -13.36 -30.93 -35.46
C LEU B 538 -13.21 -32.44 -35.35
N GLY B 539 -14.11 -33.08 -34.63
CA GLY B 539 -14.13 -34.53 -34.55
C GLY B 539 -14.71 -35.19 -35.79
N GLY B 540 -14.48 -36.49 -35.87
CA GLY B 540 -14.88 -37.31 -37.02
C GLY B 540 -14.65 -36.66 -38.38
N ASP B 541 -15.66 -36.73 -39.21
CA ASP B 541 -15.61 -36.30 -40.57
C ASP B 541 -16.08 -34.87 -40.74
N GLY B 542 -16.01 -34.07 -39.69
CA GLY B 542 -16.61 -32.73 -39.71
C GLY B 542 -16.10 -31.73 -40.74
N ASP B 543 -14.77 -31.70 -40.93
CA ASP B 543 -14.12 -30.88 -41.96
C ASP B 543 -14.63 -31.33 -43.32
N ASN B 544 -14.70 -32.65 -43.52
CA ASN B 544 -15.22 -33.18 -44.79
C ASN B 544 -16.66 -32.77 -45.05
N LEU B 545 -17.53 -32.92 -44.03
CA LEU B 545 -18.97 -32.53 -44.15
C LEU B 545 -19.08 -31.07 -44.58
N MET B 546 -18.29 -30.21 -43.96
CA MET B 546 -18.32 -28.80 -44.26
C MET B 546 -17.82 -28.41 -45.64
N ASP B 547 -16.74 -29.05 -46.08
CA ASP B 547 -16.26 -28.89 -47.44
C ASP B 547 -17.35 -29.30 -48.42
N LEU B 548 -18.00 -30.44 -48.16
CA LEU B 548 -19.14 -30.90 -48.97
C LEU B 548 -20.37 -30.01 -48.90
N ALA B 549 -20.70 -29.51 -47.71
CA ALA B 549 -21.92 -28.74 -47.56
C ALA B 549 -21.90 -27.46 -48.41
N VAL B 550 -20.83 -26.68 -48.21
CA VAL B 550 -20.65 -25.43 -48.92
C VAL B 550 -20.43 -25.62 -50.42
N THR B 551 -20.04 -26.81 -50.83
CA THR B 551 -19.95 -27.13 -52.26
C THR B 551 -21.32 -27.26 -52.95
N TYR B 552 -22.30 -27.86 -52.25
CA TYR B 552 -23.61 -28.20 -52.86
C TYR B 552 -24.81 -27.38 -52.38
N SER B 553 -24.60 -26.46 -51.41
CA SER B 553 -25.67 -25.61 -50.84
C SER B 553 -25.21 -24.22 -50.46
N SER B 554 -26.06 -23.23 -50.77
CA SER B 554 -25.81 -21.85 -50.36
C SER B 554 -26.70 -21.41 -49.14
N ASN B 555 -27.13 -22.39 -48.33
CA ASN B 555 -27.86 -22.05 -47.12
C ASN B 555 -27.64 -23.10 -46.04
N VAL B 556 -26.37 -23.15 -45.65
CA VAL B 556 -25.85 -24.07 -44.67
C VAL B 556 -25.86 -23.37 -43.32
N VAL B 557 -26.49 -24.01 -42.34
CA VAL B 557 -26.53 -23.55 -40.95
C VAL B 557 -25.76 -24.58 -40.15
N VAL B 558 -24.84 -24.09 -39.31
CA VAL B 558 -23.91 -24.99 -38.63
C VAL B 558 -24.21 -24.99 -37.16
N VAL B 559 -24.38 -26.18 -36.58
CA VAL B 559 -24.56 -26.30 -35.14
C VAL B 559 -23.44 -27.21 -34.63
N ILE B 560 -22.69 -26.71 -33.65
CA ILE B 560 -21.53 -27.37 -33.09
C ILE B 560 -21.90 -27.78 -31.69
N HIS B 561 -21.83 -29.07 -31.40
CA HIS B 561 -21.88 -29.55 -30.04
C HIS B 561 -20.46 -29.84 -29.69
N THR B 562 -19.96 -29.35 -28.56
CA THR B 562 -18.55 -29.44 -28.26
C THR B 562 -18.21 -29.15 -26.79
N THR B 563 -17.04 -29.68 -26.39
CA THR B 563 -16.45 -29.42 -25.10
C THR B 563 -15.59 -28.14 -25.07
N GLY B 564 -15.42 -27.48 -26.24
CA GLY B 564 -14.57 -26.30 -26.35
C GLY B 564 -14.45 -25.69 -27.74
N VAL B 565 -13.51 -24.77 -27.89
CA VAL B 565 -13.34 -24.05 -29.13
C VAL B 565 -12.90 -25.01 -30.21
N VAL B 566 -13.41 -24.79 -31.41
CA VAL B 566 -13.04 -25.59 -32.57
C VAL B 566 -12.70 -24.62 -33.69
N ASP B 567 -11.99 -25.15 -34.68
CA ASP B 567 -11.50 -24.38 -35.79
C ASP B 567 -12.53 -24.44 -36.91
N ILE B 568 -13.22 -23.32 -37.16
CA ILE B 568 -14.10 -23.17 -38.32
C ILE B 568 -13.60 -22.10 -39.32
N GLU B 569 -12.29 -21.83 -39.26
CA GLU B 569 -11.68 -20.76 -40.02
C GLU B 569 -11.92 -20.94 -41.49
N LYS B 570 -11.84 -22.18 -41.91
CA LYS B 570 -12.01 -22.52 -43.31
C LYS B 570 -13.37 -22.18 -43.95
N TRP B 571 -14.44 -22.13 -43.13
CA TRP B 571 -15.84 -21.93 -43.61
C TRP B 571 -16.58 -20.71 -42.99
N ALA B 572 -16.15 -20.23 -41.81
CA ALA B 572 -16.83 -19.12 -41.13
C ALA B 572 -17.12 -17.87 -42.03
N ASP B 573 -16.24 -17.57 -42.95
CA ASP B 573 -16.39 -16.46 -43.89
C ASP B 573 -16.93 -16.86 -45.27
N ASN B 574 -17.22 -18.14 -45.48
CA ASN B 574 -17.84 -18.58 -46.72
C ASN B 574 -19.28 -18.05 -46.68
N PRO B 575 -19.71 -17.34 -47.74
CA PRO B 575 -21.07 -16.80 -47.65
C PRO B 575 -22.13 -17.89 -47.65
N ASN B 576 -21.80 -19.08 -48.15
CA ASN B 576 -22.76 -20.19 -48.17
C ASN B 576 -23.11 -20.68 -46.79
N VAL B 577 -22.24 -20.43 -45.82
CA VAL B 577 -22.57 -20.66 -44.42
C VAL B 577 -23.28 -19.41 -43.96
N THR B 578 -24.61 -19.49 -43.90
CA THR B 578 -25.47 -18.36 -43.57
C THR B 578 -25.64 -18.16 -42.05
N ALA B 579 -25.35 -19.18 -41.27
CA ALA B 579 -25.48 -19.07 -39.81
C ALA B 579 -24.75 -20.15 -39.05
N ILE B 580 -24.19 -19.78 -37.91
CA ILE B 580 -23.37 -20.71 -37.11
C ILE B 580 -23.79 -20.49 -35.67
N LEU B 581 -24.04 -21.61 -34.99
CA LEU B 581 -24.39 -21.64 -33.60
C LEU B 581 -23.55 -22.67 -32.87
N VAL B 582 -23.22 -22.38 -31.62
CA VAL B 582 -22.56 -23.35 -30.74
C VAL B 582 -23.55 -23.70 -29.64
N ALA B 583 -23.83 -25.00 -29.51
CA ALA B 583 -24.77 -25.54 -28.52
C ALA B 583 -24.12 -26.19 -27.30
N TYR B 584 -22.80 -26.37 -27.31
CA TYR B 584 -22.04 -26.87 -26.16
C TYR B 584 -22.41 -28.33 -25.90
N LEU B 585 -22.76 -28.68 -24.66
CA LEU B 585 -23.10 -30.05 -24.28
C LEU B 585 -24.48 -29.95 -23.60
N PRO B 586 -25.57 -30.17 -24.38
CA PRO B 586 -26.89 -29.87 -23.82
C PRO B 586 -27.56 -30.95 -22.99
N GLY B 587 -26.95 -32.11 -22.82
CA GLY B 587 -27.64 -33.20 -22.12
C GLY B 587 -28.78 -33.85 -22.93
N GLN B 588 -29.66 -34.55 -22.24
CA GLN B 588 -30.64 -35.44 -22.88
C GLN B 588 -31.59 -34.72 -23.85
N GLU B 589 -31.85 -33.43 -23.62
CA GLU B 589 -32.81 -32.68 -24.41
C GLU B 589 -32.11 -31.89 -25.51
N ALA B 590 -31.26 -32.53 -26.29
CA ALA B 590 -30.48 -31.79 -27.29
C ALA B 590 -31.32 -31.20 -28.39
N GLY B 591 -32.13 -32.07 -29.01
CA GLY B 591 -32.90 -31.69 -30.20
C GLY B 591 -33.94 -30.64 -29.92
N ASN B 592 -34.75 -30.89 -28.90
CA ASN B 592 -35.94 -30.09 -28.61
C ASN B 592 -35.62 -28.75 -27.92
N SER B 593 -34.42 -28.59 -27.35
CA SER B 593 -33.96 -27.24 -26.89
C SER B 593 -33.44 -26.33 -28.02
N LEU B 594 -32.93 -26.96 -29.07
CA LEU B 594 -32.30 -26.24 -30.18
C LEU B 594 -33.31 -25.70 -31.18
N VAL B 595 -34.21 -26.57 -31.63
CA VAL B 595 -35.08 -26.28 -32.77
C VAL B 595 -36.03 -25.09 -32.54
N PRO B 596 -36.60 -24.94 -31.32
CA PRO B 596 -37.40 -23.75 -31.05
C PRO B 596 -36.65 -22.47 -31.28
N VAL B 597 -35.33 -22.51 -31.03
CA VAL B 597 -34.45 -21.38 -31.30
C VAL B 597 -34.29 -21.19 -32.79
N LEU B 598 -34.06 -22.29 -33.52
CA LEU B 598 -33.84 -22.20 -34.98
C LEU B 598 -35.06 -21.58 -35.70
N TYR B 599 -36.25 -21.96 -35.24
CA TYR B 599 -37.52 -21.60 -35.86
C TYR B 599 -38.09 -20.27 -35.35
N GLY B 600 -37.45 -19.65 -34.37
CA GLY B 600 -37.86 -18.34 -33.90
C GLY B 600 -38.81 -18.28 -32.72
N ASP B 601 -39.21 -19.43 -32.16
CA ASP B 601 -40.10 -19.44 -31.01
C ASP B 601 -39.50 -18.68 -29.83
N VAL B 602 -38.18 -18.85 -29.67
CA VAL B 602 -37.33 -18.02 -28.80
C VAL B 602 -36.10 -17.55 -29.55
N ALA B 603 -35.78 -16.29 -29.39
CA ALA B 603 -34.56 -15.74 -29.91
C ALA B 603 -33.39 -16.38 -29.15
N PRO B 604 -32.30 -16.71 -29.84
CA PRO B 604 -31.15 -17.18 -29.11
C PRO B 604 -30.69 -16.08 -28.13
N SER B 605 -30.21 -16.48 -26.96
CA SER B 605 -29.72 -15.55 -25.94
C SER B 605 -28.43 -15.96 -25.26
N GLY B 606 -27.84 -17.07 -25.66
CA GLY B 606 -26.58 -17.49 -25.03
C GLY B 606 -25.41 -16.62 -25.48
N LYS B 607 -24.38 -16.54 -24.65
CA LYS B 607 -23.13 -15.89 -25.07
C LYS B 607 -21.92 -16.70 -24.57
N LEU B 608 -20.82 -16.53 -25.31
CA LEU B 608 -19.63 -17.33 -25.15
C LEU B 608 -19.01 -17.12 -23.78
N PRO B 609 -18.75 -18.23 -23.05
CA PRO B 609 -18.13 -18.16 -21.73
C PRO B 609 -16.61 -18.27 -21.81
N TRP B 610 -16.06 -18.13 -23.02
CA TRP B 610 -14.64 -17.94 -23.25
C TRP B 610 -14.35 -17.28 -24.59
N THR B 611 -13.07 -17.10 -24.88
CA THR B 611 -12.59 -16.51 -26.12
C THR B 611 -12.45 -17.58 -27.21
N TRP B 612 -12.85 -17.18 -28.41
CA TRP B 612 -12.78 -18.02 -29.59
C TRP B 612 -11.82 -17.33 -30.52
N GLY B 613 -10.60 -17.85 -30.53
CA GLY B 613 -9.53 -17.30 -31.35
C GLY B 613 -9.48 -17.94 -32.70
N LYS B 614 -9.03 -17.15 -33.68
CA LYS B 614 -8.78 -17.64 -35.05
C LYS B 614 -7.77 -18.78 -35.06
N SER B 615 -6.77 -18.69 -34.18
CA SER B 615 -5.70 -19.68 -34.06
C SER B 615 -5.32 -19.96 -32.61
N ILE B 616 -5.03 -21.22 -32.32
CA ILE B 616 -4.42 -21.64 -31.06
C ILE B 616 -3.17 -20.82 -30.67
N ASP B 617 -2.41 -20.32 -31.64
CA ASP B 617 -1.22 -19.46 -31.36
C ASP B 617 -1.54 -18.12 -30.68
N ASP B 618 -2.79 -17.67 -30.82
CA ASP B 618 -3.24 -16.40 -30.27
C ASP B 618 -3.55 -16.48 -28.80
N TYR B 619 -3.57 -17.69 -28.22
CA TYR B 619 -3.84 -17.86 -26.79
C TYR B 619 -2.55 -17.82 -25.95
N VAL B 620 -2.69 -17.87 -24.64
CA VAL B 620 -1.58 -18.04 -23.70
C VAL B 620 -0.58 -19.10 -24.22
N PRO B 621 0.73 -18.75 -24.30
CA PRO B 621 1.73 -19.73 -24.76
C PRO B 621 2.06 -20.73 -23.65
N ASN B 622 2.46 -21.92 -24.07
CA ASN B 622 2.76 -23.02 -23.18
C ASN B 622 1.54 -23.48 -22.40
N GLY B 623 0.39 -23.43 -23.07
CA GLY B 623 -0.90 -23.82 -22.47
C GLY B 623 -0.94 -25.29 -22.09
N VAL B 624 -0.27 -26.12 -22.86
CA VAL B 624 -0.05 -27.48 -22.43
C VAL B 624 1.42 -27.78 -22.73
N VAL B 625 2.19 -28.05 -21.67
CA VAL B 625 3.59 -28.45 -21.83
C VAL B 625 3.60 -29.97 -22.03
N TYR B 626 4.42 -30.43 -22.97
CA TYR B 626 4.67 -31.85 -23.25
C TYR B 626 6.16 -32.12 -22.96
N THR B 627 6.51 -33.02 -22.05
CA THR B 627 7.92 -33.47 -21.92
C THR B 627 8.02 -34.91 -21.49
N ASP B 628 9.17 -35.52 -21.77
CA ASP B 628 9.59 -36.75 -21.11
C ASP B 628 10.31 -36.43 -19.80
N ALA B 629 10.70 -35.16 -19.60
CA ALA B 629 11.27 -34.72 -18.32
C ALA B 629 10.56 -35.34 -17.11
N TYR B 630 11.37 -35.90 -16.21
CA TYR B 630 10.85 -36.64 -15.06
C TYR B 630 10.04 -35.73 -14.11
N SER B 631 10.47 -34.47 -13.98
CA SER B 631 9.79 -33.47 -13.15
C SER B 631 9.37 -32.32 -14.04
N PRO B 632 8.24 -32.45 -14.78
CA PRO B 632 7.88 -31.47 -15.80
C PRO B 632 7.26 -30.21 -15.19
N GLN B 633 7.46 -29.06 -15.84
CA GLN B 633 7.13 -27.75 -15.25
C GLN B 633 6.16 -26.91 -16.12
N SER B 634 5.26 -26.18 -15.46
CA SER B 634 4.39 -25.22 -16.16
C SER B 634 4.45 -23.92 -15.38
N ASN B 635 5.16 -22.95 -15.97
CA ASN B 635 5.48 -21.70 -15.32
C ASN B 635 4.42 -20.74 -15.79
N PHE B 636 3.60 -20.25 -14.86
CA PHE B 636 2.47 -19.44 -15.23
C PHE B 636 2.99 -18.02 -15.35
N THR B 637 3.89 -17.80 -16.31
CA THR B 637 4.56 -16.49 -16.50
C THR B 637 3.56 -15.44 -16.99
N GLU B 638 2.50 -15.91 -17.69
CA GLU B 638 1.36 -15.07 -18.09
C GLU B 638 0.63 -14.35 -16.93
N GLY B 639 0.74 -14.89 -15.72
CA GLY B 639 0.12 -14.30 -14.56
C GLY B 639 -1.39 -14.41 -14.70
N VAL B 640 -2.09 -13.32 -14.40
CA VAL B 640 -3.53 -13.31 -14.49
C VAL B 640 -4.03 -13.27 -15.91
N PHE B 641 -3.16 -13.03 -16.89
CA PHE B 641 -3.58 -12.87 -18.29
C PHE B 641 -3.93 -14.18 -19.03
N ILE B 642 -5.05 -14.81 -18.64
CA ILE B 642 -5.61 -15.94 -19.41
C ILE B 642 -6.82 -15.47 -20.19
N ASP B 643 -7.28 -16.35 -21.08
CA ASP B 643 -8.45 -16.11 -21.93
C ASP B 643 -8.52 -14.67 -22.48
N TYR B 644 -9.56 -13.92 -22.21
CA TYR B 644 -9.73 -12.63 -22.87
C TYR B 644 -8.72 -11.58 -22.40
N ARG B 645 -8.24 -11.71 -21.17
CA ARG B 645 -7.28 -10.78 -20.64
C ARG B 645 -5.97 -10.85 -21.42
N TRP B 646 -5.56 -12.07 -21.77
CA TRP B 646 -4.43 -12.29 -22.68
C TRP B 646 -4.70 -11.52 -23.96
N PHE B 647 -5.77 -11.91 -24.64
CA PHE B 647 -6.20 -11.31 -25.90
C PHE B 647 -6.23 -9.77 -25.86
N ASP B 648 -6.80 -9.19 -24.80
CA ASP B 648 -6.94 -7.71 -24.72
C ASP B 648 -5.61 -6.99 -24.52
N LYS B 649 -4.78 -7.45 -23.58
CA LYS B 649 -3.44 -6.89 -23.34
C LYS B 649 -2.51 -6.94 -24.59
N MET B 650 -2.57 -8.04 -25.35
CA MET B 650 -1.67 -8.22 -26.50
C MET B 650 -2.26 -7.68 -27.81
N GLY B 651 -3.40 -6.99 -27.75
CA GLY B 651 -4.06 -6.43 -28.95
C GLY B 651 -4.43 -7.45 -30.01
N ILE B 652 -4.80 -8.66 -29.56
CA ILE B 652 -5.25 -9.74 -30.46
C ILE B 652 -6.77 -9.77 -30.64
N THR B 653 -7.20 -9.94 -31.89
CA THR B 653 -8.59 -9.92 -32.28
C THR B 653 -9.12 -11.34 -32.48
N PRO B 654 -10.03 -11.78 -31.60
CA PRO B 654 -10.60 -13.09 -31.78
C PRO B 654 -11.61 -13.08 -32.91
N ARG B 655 -11.98 -14.28 -33.32
CA ARG B 655 -13.09 -14.45 -34.23
C ARG B 655 -14.32 -13.99 -33.47
N TYR B 656 -14.58 -14.66 -32.34
CA TYR B 656 -15.69 -14.35 -31.47
C TYR B 656 -15.16 -14.15 -30.05
N GLU B 657 -15.56 -13.06 -29.42
CA GLU B 657 -14.96 -12.61 -28.18
C GLU B 657 -15.66 -13.18 -26.98
N PHE B 658 -15.03 -12.96 -25.82
CA PHE B 658 -15.62 -13.36 -24.55
C PHE B 658 -16.92 -12.62 -24.33
N GLY B 659 -17.95 -13.36 -23.94
CA GLY B 659 -19.29 -12.83 -23.80
C GLY B 659 -19.97 -12.41 -25.08
N PHE B 660 -19.61 -12.97 -26.23
CA PHE B 660 -20.27 -12.60 -27.48
C PHE B 660 -21.40 -13.56 -27.79
N GLY B 661 -22.48 -13.02 -28.35
CA GLY B 661 -23.60 -13.82 -28.87
C GLY B 661 -24.71 -12.95 -29.46
N LEU B 662 -25.17 -13.32 -30.65
CA LEU B 662 -26.22 -12.58 -31.33
C LEU B 662 -27.64 -12.97 -30.85
N SER B 663 -28.57 -12.07 -31.10
CA SER B 663 -29.99 -12.33 -30.83
C SER B 663 -30.63 -12.29 -32.20
N TYR B 664 -31.96 -12.27 -32.24
CA TYR B 664 -32.69 -12.03 -33.48
C TYR B 664 -33.17 -10.60 -33.54
N THR B 665 -32.79 -9.81 -32.52
CA THR B 665 -33.04 -8.37 -32.46
C THR B 665 -31.75 -7.66 -32.01
N THR B 666 -31.77 -6.34 -31.89
CA THR B 666 -30.63 -5.57 -31.37
C THR B 666 -31.00 -4.80 -30.13
N PHE B 667 -29.98 -4.43 -29.37
CA PHE B 667 -30.14 -3.73 -28.08
C PHE B 667 -29.24 -2.48 -28.02
N THR B 668 -29.80 -1.38 -27.51
CA THR B 668 -29.07 -0.11 -27.39
C THR B 668 -28.91 0.19 -25.91
N TYR B 669 -27.68 0.50 -25.49
CA TYR B 669 -27.36 0.77 -24.09
C TYR B 669 -27.42 2.26 -23.80
N SER B 670 -27.89 2.65 -22.62
CA SER B 670 -27.92 4.06 -22.27
C SER B 670 -27.91 4.30 -20.77
N ASN B 671 -27.61 5.55 -20.41
CA ASN B 671 -27.85 6.08 -19.09
C ASN B 671 -27.13 5.31 -17.97
N LEU B 672 -25.81 5.23 -18.08
CA LEU B 672 -24.95 4.56 -17.07
C LEU B 672 -25.01 5.40 -15.79
N ILE B 673 -25.29 4.77 -14.67
CA ILE B 673 -25.34 5.43 -13.39
C ILE B 673 -24.49 4.64 -12.41
N VAL B 674 -23.70 5.34 -11.62
CA VAL B 674 -22.92 4.73 -10.58
C VAL B 674 -23.50 5.27 -9.32
N ASP B 675 -24.24 4.46 -8.61
CA ASP B 675 -24.91 4.91 -7.42
C ASP B 675 -23.96 4.67 -6.24
N HIS B 676 -23.27 5.74 -5.85
CA HIS B 676 -22.35 5.76 -4.71
C HIS B 676 -23.01 5.34 -3.41
N GLY B 677 -24.30 5.66 -3.23
CA GLY B 677 -25.03 5.43 -1.99
C GLY B 677 -25.73 4.08 -1.81
N ARG B 678 -25.68 3.23 -2.84
CA ARG B 678 -26.29 1.87 -2.77
C ARG B 678 -25.24 0.80 -2.40
N TRP B 679 -24.96 0.74 -1.10
CA TRP B 679 -23.97 -0.17 -0.49
C TRP B 679 -24.72 -0.98 0.53
N ALA B 680 -24.19 -2.14 0.87
CA ALA B 680 -24.87 -3.01 1.81
C ALA B 680 -23.88 -3.91 2.51
N LYS B 681 -24.23 -4.36 3.71
CA LYS B 681 -23.44 -5.37 4.36
C LYS B 681 -23.73 -6.73 3.71
N ASP B 682 -22.64 -7.48 3.53
CA ASP B 682 -22.61 -8.89 3.24
C ASP B 682 -23.28 -9.56 4.44
N TYR B 683 -24.54 -10.00 4.29
CA TYR B 683 -25.25 -10.73 5.36
C TYR B 683 -25.44 -12.22 5.04
N SER B 684 -25.52 -12.53 3.76
CA SER B 684 -26.16 -13.75 3.29
C SER B 684 -25.27 -14.99 3.12
N SER B 685 -23.94 -14.82 2.97
CA SER B 685 -23.02 -15.97 2.84
C SER B 685 -23.21 -17.06 3.92
N VAL B 686 -23.11 -18.32 3.52
CA VAL B 686 -23.28 -19.42 4.44
C VAL B 686 -22.08 -19.48 5.39
N MET B 687 -20.86 -19.33 4.84
CA MET B 687 -19.60 -19.30 5.60
C MET B 687 -18.78 -18.07 5.23
N GLU B 688 -17.91 -17.63 6.15
CA GLU B 688 -16.97 -16.55 5.91
C GLU B 688 -15.53 -17.08 5.77
N THR B 689 -14.74 -16.36 4.97
CA THR B 689 -13.30 -16.52 4.84
C THR B 689 -12.60 -15.68 5.91
N ALA B 690 -11.26 -15.78 5.98
CA ALA B 690 -10.42 -14.82 6.79
C ALA B 690 -9.43 -14.03 5.91
N GLU B 691 -9.94 -13.59 4.75
CA GLU B 691 -9.11 -12.92 3.80
C GLU B 691 -8.78 -11.56 4.36
N PRO B 692 -7.49 -11.31 4.64
CA PRO B 692 -7.13 -10.00 5.17
C PRO B 692 -7.33 -8.93 4.09
N PHE B 693 -7.73 -7.75 4.56
CA PHE B 693 -7.90 -6.60 3.67
C PHE B 693 -7.70 -5.29 4.43
N ALA B 694 -7.10 -4.34 3.72
CA ALA B 694 -6.50 -3.11 4.28
C ALA B 694 -7.46 -2.23 5.05
N GLU B 695 -8.70 -2.20 4.53
CA GLU B 695 -9.79 -1.36 5.01
C GLU B 695 -10.58 -2.06 6.15
N TRP B 696 -10.11 -3.21 6.67
CA TRP B 696 -10.76 -3.92 7.77
C TRP B 696 -10.74 -3.13 9.10
N ASP B 697 -11.92 -2.70 9.55
CA ASP B 697 -12.18 -2.35 10.95
C ASP B 697 -12.75 -3.62 11.61
N GLY B 698 -13.48 -3.53 12.72
CA GLY B 698 -14.09 -4.76 13.30
C GLY B 698 -15.29 -5.31 12.55
N THR B 699 -16.07 -4.39 11.99
CA THR B 699 -17.49 -4.56 11.63
C THR B 699 -17.68 -4.61 10.10
N ASN B 700 -16.91 -5.43 9.42
CA ASN B 700 -16.56 -5.18 8.02
C ASN B 700 -16.24 -6.42 7.22
N SER B 701 -16.33 -6.29 5.88
CA SER B 701 -16.10 -7.41 4.96
C SER B 701 -15.66 -7.05 3.56
N LEU B 702 -14.85 -7.96 3.02
CA LEU B 702 -14.35 -7.85 1.66
C LEU B 702 -15.49 -7.99 0.64
N TYR B 703 -16.58 -8.64 1.05
CA TYR B 703 -17.77 -8.87 0.21
C TYR B 703 -18.94 -7.90 0.46
N ASP B 704 -18.76 -6.90 1.34
CA ASP B 704 -19.66 -5.73 1.36
C ASP B 704 -19.90 -5.12 -0.02
N VAL B 705 -21.12 -4.77 -0.36
CA VAL B 705 -21.37 -4.06 -1.60
C VAL B 705 -21.01 -2.63 -1.24
N ILE B 706 -20.12 -2.03 -2.01
CA ILE B 706 -19.66 -0.65 -1.72
C ILE B 706 -20.26 0.39 -2.67
N PHE B 707 -20.60 -0.03 -3.89
CA PHE B 707 -21.51 0.74 -4.71
C PHE B 707 -22.20 -0.18 -5.72
N THR B 708 -23.30 0.30 -6.33
CA THR B 708 -24.06 -0.47 -7.32
C THR B 708 -24.07 0.38 -8.57
N VAL B 709 -24.03 -0.25 -9.74
CA VAL B 709 -24.13 0.48 -11.02
C VAL B 709 -25.29 -0.03 -11.85
N PHE B 710 -25.88 0.89 -12.62
CA PHE B 710 -27.08 0.69 -13.37
C PHE B 710 -26.90 1.21 -14.79
N ALA B 711 -27.81 0.73 -15.66
CA ALA B 711 -27.87 1.07 -17.07
C ALA B 711 -29.17 0.60 -17.64
N THR B 712 -29.53 1.18 -18.78
CA THR B 712 -30.76 0.89 -19.46
C THR B 712 -30.42 0.27 -20.82
N ILE B 713 -31.11 -0.81 -21.16
CA ILE B 713 -31.07 -1.38 -22.52
C ILE B 713 -32.45 -1.14 -23.13
N THR B 714 -32.49 -0.89 -24.43
CA THR B 714 -33.72 -0.76 -25.17
C THR B 714 -33.63 -1.71 -26.34
N ASN B 715 -34.66 -2.53 -26.53
CA ASN B 715 -34.81 -3.36 -27.74
C ASN B 715 -35.11 -2.49 -28.96
N THR B 716 -34.09 -2.38 -29.80
CA THR B 716 -33.97 -1.43 -30.90
C THR B 716 -34.24 -2.11 -32.25
N GLY B 717 -34.60 -3.39 -32.23
CA GLY B 717 -34.88 -4.19 -33.43
C GLY B 717 -36.36 -4.51 -33.63
N ASN B 718 -36.63 -5.55 -34.42
CA ASN B 718 -37.99 -5.91 -34.87
C ASN B 718 -38.60 -7.16 -34.22
N LEU B 719 -37.94 -7.75 -33.21
CA LEU B 719 -38.46 -8.93 -32.46
C LEU B 719 -38.12 -8.89 -30.97
N THR B 720 -38.88 -9.63 -30.18
CA THR B 720 -38.60 -9.82 -28.75
C THR B 720 -37.30 -10.59 -28.61
N GLY B 721 -36.54 -10.29 -27.57
CA GLY B 721 -35.33 -11.06 -27.31
C GLY B 721 -34.90 -10.84 -25.89
N SER B 722 -34.10 -11.78 -25.35
CA SER B 722 -33.38 -11.58 -24.06
C SER B 722 -32.01 -11.03 -24.31
N GLU B 723 -31.46 -10.36 -23.31
CA GLU B 723 -30.15 -9.72 -23.47
C GLU B 723 -29.32 -9.86 -22.22
N VAL B 724 -28.12 -10.43 -22.39
CA VAL B 724 -27.12 -10.56 -21.33
C VAL B 724 -26.24 -9.33 -21.33
N ALA B 725 -26.44 -8.50 -20.32
CA ALA B 725 -25.63 -7.30 -20.14
C ALA B 725 -24.41 -7.61 -19.27
N GLN B 726 -23.27 -7.03 -19.64
CA GLN B 726 -21.98 -7.27 -19.00
C GLN B 726 -21.34 -5.95 -18.53
N LEU B 727 -20.72 -6.02 -17.33
CA LEU B 727 -19.95 -4.92 -16.72
C LEU B 727 -18.49 -5.35 -16.58
N TYR B 728 -17.57 -4.49 -17.05
CA TYR B 728 -16.11 -4.69 -16.87
C TYR B 728 -15.57 -3.53 -16.09
N ILE B 729 -14.56 -3.77 -15.27
CA ILE B 729 -13.86 -2.67 -14.60
C ILE B 729 -12.38 -2.77 -14.93
N SER B 730 -11.79 -1.62 -15.28
CA SER B 730 -10.31 -1.46 -15.30
C SER B 730 -9.84 -0.94 -13.94
N ILE B 731 -9.27 -1.84 -13.15
CA ILE B 731 -8.64 -1.51 -11.88
C ILE B 731 -7.27 -0.92 -12.18
N PRO B 732 -6.96 0.27 -11.68
CA PRO B 732 -5.64 0.77 -12.07
C PRO B 732 -4.52 0.01 -11.37
N GLY B 733 -3.29 0.15 -11.87
CA GLY B 733 -2.11 -0.42 -11.23
C GLY B 733 -1.07 -0.81 -12.26
N ASP B 734 0.10 -1.28 -11.80
CA ASP B 734 1.12 -1.78 -12.72
C ASP B 734 0.73 -3.18 -13.15
N ASN B 735 0.81 -3.42 -14.46
CA ASN B 735 0.55 -4.73 -15.08
C ASN B 735 -0.86 -5.24 -14.76
N GLN B 736 -1.83 -4.37 -14.96
CA GLN B 736 -3.21 -4.71 -14.69
C GLN B 736 -3.91 -5.06 -16.01
N PRO B 737 -4.88 -5.98 -15.98
CA PRO B 737 -5.61 -6.27 -17.22
C PRO B 737 -6.38 -5.07 -17.75
N VAL B 738 -6.54 -5.02 -19.06
CA VAL B 738 -7.35 -3.98 -19.70
C VAL B 738 -8.75 -3.86 -19.07
N ARG B 739 -9.38 -4.99 -18.79
CA ARG B 739 -10.81 -5.04 -18.45
C ARG B 739 -11.08 -6.31 -17.69
N GLN B 740 -11.67 -6.20 -16.52
CA GLN B 740 -12.04 -7.39 -15.76
C GLN B 740 -13.55 -7.42 -15.59
N LEU B 741 -14.17 -8.52 -16.01
CA LEU B 741 -15.60 -8.72 -15.78
C LEU B 741 -15.96 -8.64 -14.29
N ARG B 742 -16.91 -7.79 -13.94
CA ARG B 742 -17.41 -7.69 -12.57
C ARG B 742 -18.95 -7.58 -12.44
N GLY B 743 -19.66 -7.95 -13.50
CA GLY B 743 -21.08 -8.15 -13.37
C GLY B 743 -21.69 -8.59 -14.69
N PHE B 744 -22.85 -9.23 -14.57
CA PHE B 744 -23.69 -9.63 -15.69
C PHE B 744 -25.09 -9.72 -15.16
N ASP B 745 -26.05 -9.43 -16.03
CA ASP B 745 -27.45 -9.46 -15.65
C ASP B 745 -28.23 -9.75 -16.90
N LYS B 746 -29.01 -10.83 -16.90
CA LYS B 746 -29.77 -11.18 -18.08
C LYS B 746 -31.19 -10.66 -17.95
N ILE B 747 -31.62 -9.82 -18.90
CA ILE B 747 -33.01 -9.38 -19.05
C ILE B 747 -33.74 -10.33 -19.99
N LYS B 748 -34.95 -10.75 -19.59
CA LYS B 748 -35.68 -11.80 -20.29
C LYS B 748 -36.79 -11.20 -21.16
N ASP B 749 -36.83 -11.64 -22.42
CA ASP B 749 -37.94 -11.36 -23.31
C ASP B 749 -38.39 -9.88 -23.34
N LEU B 750 -37.44 -9.00 -23.62
CA LEU B 750 -37.71 -7.57 -23.76
C LEU B 750 -38.52 -7.32 -25.06
N PRO B 751 -39.77 -6.91 -24.92
CA PRO B 751 -40.50 -6.58 -26.15
C PRO B 751 -39.89 -5.44 -27.01
N VAL B 752 -40.27 -5.44 -28.28
CA VAL B 752 -39.80 -4.44 -29.25
C VAL B 752 -40.15 -3.04 -28.75
N GLY B 753 -39.15 -2.18 -28.67
CA GLY B 753 -39.33 -0.82 -28.25
C GLY B 753 -39.20 -0.57 -26.76
N ASP B 754 -39.33 -1.59 -25.93
CA ASP B 754 -39.42 -1.41 -24.48
C ASP B 754 -38.02 -1.23 -23.96
N SER B 755 -37.92 -0.76 -22.73
CA SER B 755 -36.64 -0.58 -22.09
C SER B 755 -36.61 -1.31 -20.78
N ALA B 756 -35.42 -1.44 -20.24
CA ALA B 756 -35.21 -2.23 -19.04
C ALA B 756 -33.86 -1.85 -18.39
N VAL B 757 -33.87 -1.88 -17.05
CA VAL B 757 -32.72 -1.48 -16.25
C VAL B 757 -31.99 -2.71 -15.76
N VAL B 758 -30.70 -2.61 -15.90
CA VAL B 758 -29.79 -3.67 -15.64
C VAL B 758 -28.95 -3.16 -14.46
N THR B 759 -28.75 -3.98 -13.44
CA THR B 759 -28.18 -3.54 -12.19
C THR B 759 -26.97 -4.40 -11.84
N PHE B 760 -25.97 -3.79 -11.18
CA PHE B 760 -24.65 -4.44 -10.95
C PHE B 760 -24.10 -4.12 -9.55
N PRO B 761 -24.44 -4.93 -8.52
CA PRO B 761 -23.82 -4.63 -7.25
C PRO B 761 -22.31 -4.87 -7.36
N ILE B 762 -21.50 -3.95 -6.87
CA ILE B 762 -20.05 -4.12 -6.86
C ILE B 762 -19.58 -4.26 -5.40
N ARG B 763 -18.78 -5.29 -5.11
CA ARG B 763 -18.22 -5.48 -3.75
C ARG B 763 -16.83 -4.97 -3.65
N ARG B 764 -16.34 -4.79 -2.43
CA ARG B 764 -14.97 -4.30 -2.21
C ARG B 764 -13.98 -5.22 -2.91
N LYS B 765 -14.16 -6.53 -2.73
CA LYS B 765 -13.29 -7.46 -3.45
C LYS B 765 -13.18 -7.17 -4.94
N ASP B 766 -14.29 -6.81 -5.57
CA ASP B 766 -14.32 -6.52 -7.02
C ASP B 766 -13.54 -5.31 -7.51
N VAL B 767 -13.17 -4.38 -6.63
CA VAL B 767 -12.24 -3.28 -6.99
C VAL B 767 -10.87 -3.42 -6.35
N SER B 768 -10.61 -4.52 -5.66
CA SER B 768 -9.36 -4.71 -4.96
C SER B 768 -8.27 -5.32 -5.82
N SER B 769 -7.04 -5.16 -5.33
CA SER B 769 -5.83 -5.90 -5.78
C SER B 769 -5.19 -6.59 -4.55
N TRP B 770 -4.46 -7.69 -4.79
CA TRP B 770 -3.63 -8.32 -3.74
C TRP B 770 -2.23 -7.65 -3.73
N SER B 771 -1.83 -7.15 -2.56
CA SER B 771 -0.46 -6.67 -2.38
C SER B 771 0.36 -7.88 -1.95
N VAL B 772 1.38 -8.22 -2.75
CA VAL B 772 2.27 -9.33 -2.42
C VAL B 772 3.14 -8.93 -1.21
N VAL B 773 3.48 -7.62 -1.11
CA VAL B 773 4.32 -7.10 -0.02
C VAL B 773 3.61 -7.15 1.34
N ASP B 774 2.53 -6.39 1.51
CA ASP B 774 1.68 -6.55 2.71
C ASP B 774 0.83 -7.65 2.23
N GLN B 775 0.45 -8.61 3.04
CA GLN B 775 -0.17 -9.84 2.46
C GLN B 775 -1.68 -9.72 2.56
N LEU B 776 -2.24 -8.90 1.66
CA LEU B 776 -3.61 -8.41 1.82
C LEU B 776 -4.24 -7.80 0.58
N TRP B 777 -5.56 -7.88 0.57
CA TRP B 777 -6.38 -7.21 -0.42
C TRP B 777 -6.50 -5.72 -0.08
N TYR B 778 -6.52 -4.89 -1.12
CA TYR B 778 -6.63 -3.43 -0.98
C TYR B 778 -7.27 -2.82 -2.23
N VAL B 779 -7.90 -1.65 -2.10
CA VAL B 779 -8.49 -0.96 -3.25
C VAL B 779 -7.50 0.08 -3.76
N PRO B 780 -6.85 -0.14 -4.93
CA PRO B 780 -5.81 0.81 -5.31
C PRO B 780 -6.33 2.23 -5.44
N ASN B 781 -5.48 3.22 -5.18
CA ASN B 781 -5.85 4.60 -5.48
C ASN B 781 -5.65 4.85 -6.96
N GLY B 782 -6.55 5.62 -7.54
CA GLY B 782 -6.51 5.92 -8.96
C GLY B 782 -7.90 5.97 -9.50
N ASP B 783 -7.98 6.17 -10.82
CA ASP B 783 -9.25 6.18 -11.53
C ASP B 783 -9.55 4.80 -12.10
N PHE B 784 -10.79 4.35 -11.90
CA PHE B 784 -11.26 3.04 -12.37
C PHE B 784 -12.22 3.23 -13.53
N LEU B 785 -11.93 2.70 -14.71
CA LEU B 785 -12.89 2.72 -15.79
C LEU B 785 -13.92 1.58 -15.56
N ILE B 786 -15.20 1.96 -15.51
CA ILE B 786 -16.30 0.99 -15.56
C ILE B 786 -16.98 1.08 -16.90
N SER B 787 -17.18 -0.08 -17.54
CA SER B 787 -17.75 -0.18 -18.89
C SER B 787 -18.92 -1.15 -18.86
N VAL B 788 -19.94 -0.86 -19.66
CA VAL B 788 -21.13 -1.72 -19.73
C VAL B 788 -21.49 -1.98 -21.18
N GLY B 789 -22.07 -3.15 -21.47
CA GLY B 789 -22.41 -3.55 -22.86
C GLY B 789 -22.65 -5.05 -22.99
N GLY B 790 -22.75 -5.52 -24.25
CA GLY B 790 -23.18 -6.89 -24.55
C GLY B 790 -22.09 -7.91 -24.80
N SER B 791 -20.84 -7.46 -24.80
CA SER B 791 -19.68 -8.38 -24.87
C SER B 791 -18.42 -7.69 -24.37
N SER B 792 -17.41 -8.51 -24.05
CA SER B 792 -16.09 -7.99 -23.66
C SER B 792 -15.54 -6.91 -24.62
N ARG B 793 -15.98 -6.88 -25.88
CA ARG B 793 -15.55 -5.87 -26.87
C ARG B 793 -16.69 -5.05 -27.53
N ASP B 794 -17.77 -4.85 -26.79
CA ASP B 794 -18.90 -4.07 -27.30
C ASP B 794 -19.41 -3.46 -26.04
N LEU B 795 -18.78 -2.32 -25.71
CA LEU B 795 -18.98 -1.65 -24.45
C LEU B 795 -19.23 -0.16 -24.68
N PRO B 796 -20.41 0.19 -25.27
CA PRO B 796 -20.67 1.58 -25.65
C PRO B 796 -20.81 2.57 -24.48
N LEU B 797 -21.05 2.10 -23.26
CA LEU B 797 -21.11 2.93 -22.07
C LEU B 797 -19.84 2.84 -21.23
N ASN B 798 -19.35 4.00 -20.81
CA ASN B 798 -18.25 4.05 -19.88
C ASN B 798 -18.33 5.31 -18.99
N THR B 799 -17.77 5.20 -17.78
CA THR B 799 -17.52 6.33 -16.89
C THR B 799 -16.35 5.98 -15.97
N THR B 800 -15.98 6.92 -15.10
CA THR B 800 -14.88 6.76 -14.17
C THR B 800 -15.45 6.73 -12.76
N TRP B 801 -14.76 6.02 -11.89
CA TRP B 801 -15.04 6.02 -10.47
C TRP B 801 -13.70 6.06 -9.77
N THR B 802 -13.60 6.90 -8.75
CA THR B 802 -12.44 7.00 -7.87
C THR B 802 -12.97 6.69 -6.46
N PRO B 803 -12.16 6.06 -5.58
CA PRO B 803 -12.51 5.95 -4.15
C PRO B 803 -11.92 7.10 -3.32
#